data_3KU7
# 
_entry.id   3KU7 
# 
_audit_conform.dict_name       mmcif_pdbx.dic 
_audit_conform.dict_version    5.388 
_audit_conform.dict_location   http://mmcif.pdb.org/dictionaries/ascii/mmcif_pdbx.dic 
# 
loop_
_database_2.database_id 
_database_2.database_code 
_database_2.pdbx_database_accession 
_database_2.pdbx_DOI 
PDB   3KU7         pdb_00003ku7 10.2210/pdb3ku7/pdb 
RCSB  RCSB056452   ?            ?                   
WWPDB D_1000056452 ?            ?                   
# 
loop_
_pdbx_audit_revision_history.ordinal 
_pdbx_audit_revision_history.data_content_type 
_pdbx_audit_revision_history.major_revision 
_pdbx_audit_revision_history.minor_revision 
_pdbx_audit_revision_history.revision_date 
1 'Structure model' 1 0 2010-05-05 
2 'Structure model' 1 1 2011-07-13 
3 'Structure model' 1 2 2014-02-12 
4 'Structure model' 1 3 2024-03-20 
# 
_pdbx_audit_revision_details.ordinal             1 
_pdbx_audit_revision_details.revision_ordinal    1 
_pdbx_audit_revision_details.data_content_type   'Structure model' 
_pdbx_audit_revision_details.provider            repository 
_pdbx_audit_revision_details.type                'Initial release' 
_pdbx_audit_revision_details.description         ? 
_pdbx_audit_revision_details.details             ? 
# 
loop_
_pdbx_audit_revision_group.ordinal 
_pdbx_audit_revision_group.revision_ordinal 
_pdbx_audit_revision_group.data_content_type 
_pdbx_audit_revision_group.group 
1 2 'Structure model' 'Version format compliance' 
2 3 'Structure model' 'Database references'       
3 4 'Structure model' 'Data collection'           
4 4 'Structure model' 'Database references'       
# 
loop_
_pdbx_audit_revision_category.ordinal 
_pdbx_audit_revision_category.revision_ordinal 
_pdbx_audit_revision_category.data_content_type 
_pdbx_audit_revision_category.category 
1 4 'Structure model' chem_comp_atom     
2 4 'Structure model' chem_comp_bond     
3 4 'Structure model' database_2         
4 4 'Structure model' struct_ref_seq_dif 
# 
loop_
_pdbx_audit_revision_item.ordinal 
_pdbx_audit_revision_item.revision_ordinal 
_pdbx_audit_revision_item.data_content_type 
_pdbx_audit_revision_item.item 
1 4 'Structure model' '_database_2.pdbx_DOI'                
2 4 'Structure model' '_database_2.pdbx_database_accession' 
3 4 'Structure model' '_struct_ref_seq_dif.details'         
# 
_pdbx_database_status.status_code                     REL 
_pdbx_database_status.entry_id                        3KU7 
_pdbx_database_status.recvd_initial_deposition_date   2009-11-26 
_pdbx_database_status.deposit_site                    RCSB 
_pdbx_database_status.process_site                    PDBJ 
_pdbx_database_status.status_code_sf                  REL 
_pdbx_database_status.status_code_mr                  ? 
_pdbx_database_status.SG_entry                        ? 
_pdbx_database_status.status_code_cs                  ? 
_pdbx_database_status.pdb_format_compatible           Y 
_pdbx_database_status.status_code_nmr_data            ? 
_pdbx_database_status.methods_development_category    ? 
# 
_pdbx_database_related.db_name        PDB 
_pdbx_database_related.db_id          3MCD 
_pdbx_database_related.details        . 
_pdbx_database_related.content_type   unspecified 
# 
loop_
_audit_author.name 
_audit_author.pdbx_ordinal 
'Kang, G.B.' 1 
'Song, H.E.' 2 
'Kim, M.K.'  3 
'Eom, S.H.'  4 
# 
_citation.id                        primary 
_citation.title                     'Crystal structure of Helicobacter pylori MinE, a cell division topological specificity factor' 
_citation.journal_abbrev            Mol.Microbiol. 
_citation.journal_volume            76 
_citation.page_first                1222 
_citation.page_last                 1231 
_citation.year                      2010 
_citation.journal_id_ASTM           MOMIEE 
_citation.country                   UK 
_citation.journal_id_ISSN           0950-382X 
_citation.journal_id_CSD            2007 
_citation.book_publisher            ? 
_citation.pdbx_database_id_PubMed   20398219 
_citation.pdbx_database_id_DOI      10.1111/j.1365-2958.2010.07160.x 
# 
loop_
_citation_author.citation_id 
_citation_author.name 
_citation_author.ordinal 
_citation_author.identifier_ORCID 
primary 'Kang, G.B.' 1 ? 
primary 'Song, H.E.' 2 ? 
primary 'Kim, M.K.'  3 ? 
primary 'Youn, H.S.' 4 ? 
primary 'Lee, J.G.'  5 ? 
primary 'An, J.Y.'   6 ? 
primary 'Chun, J.S.' 7 ? 
primary 'Jeon, H.'   8 ? 
primary 'Eom, S.H.'  9 ? 
# 
_entity.id                         1 
_entity.type                       polymer 
_entity.src_method                 man 
_entity.pdbx_description           'Cell division topological specificity factor' 
_entity.formula_weight             9215.669 
_entity.pdbx_number_of_molecules   2 
_entity.pdbx_ec                    ? 
_entity.pdbx_mutation              ? 
_entity.pdbx_fragment              ? 
_entity.details                    ? 
# 
_entity_name_com.entity_id   1 
_entity_name_com.name        MinE 
# 
_entity_poly.entity_id                      1 
_entity_poly.type                           'polypeptide(L)' 
_entity_poly.nstd_linkage                   no 
_entity_poly.nstd_monomer                   no 
_entity_poly.pdbx_seq_one_letter_code       GSHMSLFDFFKNKGSAATATDRLKLILAKERTLNLPYMEEMRKEIIAVIQKYTKSSDIHFKTLDSNQSVETIEVEIILPR 
_entity_poly.pdbx_seq_one_letter_code_can   GSHMSLFDFFKNKGSAATATDRLKLILAKERTLNLPYMEEMRKEIIAVIQKYTKSSDIHFKTLDSNQSVETIEVEIILPR 
_entity_poly.pdbx_strand_id                 A,B 
_entity_poly.pdbx_target_identifier         ? 
# 
loop_
_entity_poly_seq.entity_id 
_entity_poly_seq.num 
_entity_poly_seq.mon_id 
_entity_poly_seq.hetero 
1 1  GLY n 
1 2  SER n 
1 3  HIS n 
1 4  MET n 
1 5  SER n 
1 6  LEU n 
1 7  PHE n 
1 8  ASP n 
1 9  PHE n 
1 10 PHE n 
1 11 LYS n 
1 12 ASN n 
1 13 LYS n 
1 14 GLY n 
1 15 SER n 
1 16 ALA n 
1 17 ALA n 
1 18 THR n 
1 19 ALA n 
1 20 THR n 
1 21 ASP n 
1 22 ARG n 
1 23 LEU n 
1 24 LYS n 
1 25 LEU n 
1 26 ILE n 
1 27 LEU n 
1 28 ALA n 
1 29 LYS n 
1 30 GLU n 
1 31 ARG n 
1 32 THR n 
1 33 LEU n 
1 34 ASN n 
1 35 LEU n 
1 36 PRO n 
1 37 TYR n 
1 38 MET n 
1 39 GLU n 
1 40 GLU n 
1 41 MET n 
1 42 ARG n 
1 43 LYS n 
1 44 GLU n 
1 45 ILE n 
1 46 ILE n 
1 47 ALA n 
1 48 VAL n 
1 49 ILE n 
1 50 GLN n 
1 51 LYS n 
1 52 TYR n 
1 53 THR n 
1 54 LYS n 
1 55 SER n 
1 56 SER n 
1 57 ASP n 
1 58 ILE n 
1 59 HIS n 
1 60 PHE n 
1 61 LYS n 
1 62 THR n 
1 63 LEU n 
1 64 ASP n 
1 65 SER n 
1 66 ASN n 
1 67 GLN n 
1 68 SER n 
1 69 VAL n 
1 70 GLU n 
1 71 THR n 
1 72 ILE n 
1 73 GLU n 
1 74 VAL n 
1 75 GLU n 
1 76 ILE n 
1 77 ILE n 
1 78 LEU n 
1 79 PRO n 
1 80 ARG n 
# 
_entity_src_gen.entity_id                          1 
_entity_src_gen.pdbx_src_id                        1 
_entity_src_gen.pdbx_alt_source_flag               sample 
_entity_src_gen.pdbx_seq_type                      ? 
_entity_src_gen.pdbx_beg_seq_num                   ? 
_entity_src_gen.pdbx_end_seq_num                   ? 
_entity_src_gen.gene_src_common_name               'Campylobacter pylori' 
_entity_src_gen.gene_src_genus                     ? 
_entity_src_gen.pdbx_gene_src_gene                 minE 
_entity_src_gen.gene_src_species                   ? 
_entity_src_gen.gene_src_strain                    ? 
_entity_src_gen.gene_src_tissue                    ? 
_entity_src_gen.gene_src_tissue_fraction           ? 
_entity_src_gen.gene_src_details                   ? 
_entity_src_gen.pdbx_gene_src_fragment             ? 
_entity_src_gen.pdbx_gene_src_scientific_name      'Helicobacter pylori' 
_entity_src_gen.pdbx_gene_src_ncbi_taxonomy_id     210 
_entity_src_gen.pdbx_gene_src_variant              ? 
_entity_src_gen.pdbx_gene_src_cell_line            ? 
_entity_src_gen.pdbx_gene_src_atcc                 ? 
_entity_src_gen.pdbx_gene_src_organ                ? 
_entity_src_gen.pdbx_gene_src_organelle            ? 
_entity_src_gen.pdbx_gene_src_cell                 ? 
_entity_src_gen.pdbx_gene_src_cellular_location    ? 
_entity_src_gen.host_org_common_name               ? 
_entity_src_gen.pdbx_host_org_scientific_name      'Escherichia coli' 
_entity_src_gen.pdbx_host_org_ncbi_taxonomy_id     562 
_entity_src_gen.host_org_genus                     ? 
_entity_src_gen.pdbx_host_org_gene                 ? 
_entity_src_gen.pdbx_host_org_organ                ? 
_entity_src_gen.host_org_species                   ? 
_entity_src_gen.pdbx_host_org_tissue               ? 
_entity_src_gen.pdbx_host_org_tissue_fraction      ? 
_entity_src_gen.pdbx_host_org_strain               ? 
_entity_src_gen.pdbx_host_org_variant              ? 
_entity_src_gen.pdbx_host_org_cell_line            ? 
_entity_src_gen.pdbx_host_org_atcc                 ? 
_entity_src_gen.pdbx_host_org_culture_collection   ? 
_entity_src_gen.pdbx_host_org_cell                 ? 
_entity_src_gen.pdbx_host_org_organelle            ? 
_entity_src_gen.pdbx_host_org_cellular_location    ? 
_entity_src_gen.pdbx_host_org_vector_type          plasmid 
_entity_src_gen.pdbx_host_org_vector               ? 
_entity_src_gen.host_org_details                   ? 
_entity_src_gen.expression_system_id               ? 
_entity_src_gen.plasmid_name                       ? 
_entity_src_gen.plasmid_details                    ? 
_entity_src_gen.pdbx_description                   ? 
# 
loop_
_chem_comp.id 
_chem_comp.type 
_chem_comp.mon_nstd_flag 
_chem_comp.name 
_chem_comp.pdbx_synonyms 
_chem_comp.formula 
_chem_comp.formula_weight 
ALA 'L-peptide linking' y ALANINE         ? 'C3 H7 N O2'     89.093  
ARG 'L-peptide linking' y ARGININE        ? 'C6 H15 N4 O2 1' 175.209 
ASN 'L-peptide linking' y ASPARAGINE      ? 'C4 H8 N2 O3'    132.118 
ASP 'L-peptide linking' y 'ASPARTIC ACID' ? 'C4 H7 N O4'     133.103 
GLN 'L-peptide linking' y GLUTAMINE       ? 'C5 H10 N2 O3'   146.144 
GLU 'L-peptide linking' y 'GLUTAMIC ACID' ? 'C5 H9 N O4'     147.129 
GLY 'peptide linking'   y GLYCINE         ? 'C2 H5 N O2'     75.067  
HIS 'L-peptide linking' y HISTIDINE       ? 'C6 H10 N3 O2 1' 156.162 
ILE 'L-peptide linking' y ISOLEUCINE      ? 'C6 H13 N O2'    131.173 
LEU 'L-peptide linking' y LEUCINE         ? 'C6 H13 N O2'    131.173 
LYS 'L-peptide linking' y LYSINE          ? 'C6 H15 N2 O2 1' 147.195 
MET 'L-peptide linking' y METHIONINE      ? 'C5 H11 N O2 S'  149.211 
PHE 'L-peptide linking' y PHENYLALANINE   ? 'C9 H11 N O2'    165.189 
PRO 'L-peptide linking' y PROLINE         ? 'C5 H9 N O2'     115.130 
SER 'L-peptide linking' y SERINE          ? 'C3 H7 N O3'     105.093 
THR 'L-peptide linking' y THREONINE       ? 'C4 H9 N O3'     119.119 
TYR 'L-peptide linking' y TYROSINE        ? 'C9 H11 N O3'    181.189 
VAL 'L-peptide linking' y VALINE          ? 'C5 H11 N O2'    117.146 
# 
loop_
_pdbx_poly_seq_scheme.asym_id 
_pdbx_poly_seq_scheme.entity_id 
_pdbx_poly_seq_scheme.seq_id 
_pdbx_poly_seq_scheme.mon_id 
_pdbx_poly_seq_scheme.ndb_seq_num 
_pdbx_poly_seq_scheme.pdb_seq_num 
_pdbx_poly_seq_scheme.auth_seq_num 
_pdbx_poly_seq_scheme.pdb_mon_id 
_pdbx_poly_seq_scheme.auth_mon_id 
_pdbx_poly_seq_scheme.pdb_strand_id 
_pdbx_poly_seq_scheme.pdb_ins_code 
_pdbx_poly_seq_scheme.hetero 
A 1 1  GLY 1  -2 ?  ?   ?   A . n 
A 1 2  SER 2  -1 ?  ?   ?   A . n 
A 1 3  HIS 3  0  ?  ?   ?   A . n 
A 1 4  MET 4  1  ?  ?   ?   A . n 
A 1 5  SER 5  2  ?  ?   ?   A . n 
A 1 6  LEU 6  3  ?  ?   ?   A . n 
A 1 7  PHE 7  4  ?  ?   ?   A . n 
A 1 8  ASP 8  5  ?  ?   ?   A . n 
A 1 9  PHE 9  6  ?  ?   ?   A . n 
A 1 10 PHE 10 7  ?  ?   ?   A . n 
A 1 11 LYS 11 8  ?  ?   ?   A . n 
A 1 12 ASN 12 9  ?  ?   ?   A . n 
A 1 13 LYS 13 10 ?  ?   ?   A . n 
A 1 14 GLY 14 11 ?  ?   ?   A . n 
A 1 15 SER 15 12 ?  ?   ?   A . n 
A 1 16 ALA 16 13 13 ALA ALA A . n 
A 1 17 ALA 17 14 14 ALA ALA A . n 
A 1 18 THR 18 15 15 THR THR A . n 
A 1 19 ALA 19 16 16 ALA ALA A . n 
A 1 20 THR 20 17 17 THR THR A . n 
A 1 21 ASP 21 18 18 ASP ASP A . n 
A 1 22 ARG 22 19 19 ARG ARG A . n 
A 1 23 LEU 23 20 20 LEU LEU A . n 
A 1 24 LYS 24 21 21 LYS LYS A . n 
A 1 25 LEU 25 22 22 LEU LEU A . n 
A 1 26 ILE 26 23 23 ILE ILE A . n 
A 1 27 LEU 27 24 24 LEU LEU A . n 
A 1 28 ALA 28 25 25 ALA ALA A . n 
A 1 29 LYS 29 26 26 LYS LYS A . n 
A 1 30 GLU 30 27 27 GLU GLU A . n 
A 1 31 ARG 31 28 28 ARG ARG A . n 
A 1 32 THR 32 29 29 THR THR A . n 
A 1 33 LEU 33 30 30 LEU LEU A . n 
A 1 34 ASN 34 31 31 ASN ASN A . n 
A 1 35 LEU 35 32 32 LEU LEU A . n 
A 1 36 PRO 36 33 33 PRO PRO A . n 
A 1 37 TYR 37 34 34 TYR TYR A . n 
A 1 38 MET 38 35 35 MET MET A . n 
A 1 39 GLU 39 36 36 GLU GLU A . n 
A 1 40 GLU 40 37 37 GLU GLU A . n 
A 1 41 MET 41 38 38 MET MET A . n 
A 1 42 ARG 42 39 39 ARG ARG A . n 
A 1 43 LYS 43 40 40 LYS LYS A . n 
A 1 44 GLU 44 41 41 GLU GLU A . n 
A 1 45 ILE 45 42 42 ILE ILE A . n 
A 1 46 ILE 46 43 43 ILE ILE A . n 
A 1 47 ALA 47 44 44 ALA ALA A . n 
A 1 48 VAL 48 45 45 VAL VAL A . n 
A 1 49 ILE 49 46 46 ILE ILE A . n 
A 1 50 GLN 50 47 47 GLN GLN A . n 
A 1 51 LYS 51 48 48 LYS LYS A . n 
A 1 52 TYR 52 49 49 TYR TYR A . n 
A 1 53 THR 53 50 50 THR THR A . n 
A 1 54 LYS 54 51 51 LYS LYS A . n 
A 1 55 SER 55 52 52 SER SER A . n 
A 1 56 SER 56 53 53 SER SER A . n 
A 1 57 ASP 57 54 54 ASP ASP A . n 
A 1 58 ILE 58 55 55 ILE ILE A . n 
A 1 59 HIS 59 56 56 HIS HIS A . n 
A 1 60 PHE 60 57 57 PHE PHE A . n 
A 1 61 LYS 61 58 58 LYS LYS A . n 
A 1 62 THR 62 59 59 THR THR A . n 
A 1 63 LEU 63 60 60 LEU LEU A . n 
A 1 64 ASP 64 61 ?  ?   ?   A . n 
A 1 65 SER 65 62 ?  ?   ?   A . n 
A 1 66 ASN 66 63 ?  ?   ?   A . n 
A 1 67 GLN 67 64 64 GLN GLN A . n 
A 1 68 SER 68 65 65 SER SER A . n 
A 1 69 VAL 69 66 66 VAL VAL A . n 
A 1 70 GLU 70 67 67 GLU GLU A . n 
A 1 71 THR 71 68 68 THR THR A . n 
A 1 72 ILE 72 69 69 ILE ILE A . n 
A 1 73 GLU 73 70 70 GLU GLU A . n 
A 1 74 VAL 74 71 71 VAL VAL A . n 
A 1 75 GLU 75 72 72 GLU GLU A . n 
A 1 76 ILE 76 73 73 ILE ILE A . n 
A 1 77 ILE 77 74 74 ILE ILE A . n 
A 1 78 LEU 78 75 75 LEU LEU A . n 
A 1 79 PRO 79 76 76 PRO PRO A . n 
A 1 80 ARG 80 77 ?  ?   ?   A . n 
B 1 1  GLY 1  -2 ?  ?   ?   B . n 
B 1 2  SER 2  -1 ?  ?   ?   B . n 
B 1 3  HIS 3  0  ?  ?   ?   B . n 
B 1 4  MET 4  1  ?  ?   ?   B . n 
B 1 5  SER 5  2  ?  ?   ?   B . n 
B 1 6  LEU 6  3  ?  ?   ?   B . n 
B 1 7  PHE 7  4  ?  ?   ?   B . n 
B 1 8  ASP 8  5  ?  ?   ?   B . n 
B 1 9  PHE 9  6  ?  ?   ?   B . n 
B 1 10 PHE 10 7  ?  ?   ?   B . n 
B 1 11 LYS 11 8  ?  ?   ?   B . n 
B 1 12 ASN 12 9  ?  ?   ?   B . n 
B 1 13 LYS 13 10 ?  ?   ?   B . n 
B 1 14 GLY 14 11 ?  ?   ?   B . n 
B 1 15 SER 15 12 ?  ?   ?   B . n 
B 1 16 ALA 16 13 ?  ?   ?   B . n 
B 1 17 ALA 17 14 ?  ?   ?   B . n 
B 1 18 THR 18 15 ?  ?   ?   B . n 
B 1 19 ALA 19 16 16 ALA ALA B . n 
B 1 20 THR 20 17 17 THR THR B . n 
B 1 21 ASP 21 18 18 ASP ASP B . n 
B 1 22 ARG 22 19 19 ARG ARG B . n 
B 1 23 LEU 23 20 20 LEU LEU B . n 
B 1 24 LYS 24 21 21 LYS LYS B . n 
B 1 25 LEU 25 22 22 LEU LEU B . n 
B 1 26 ILE 26 23 23 ILE ILE B . n 
B 1 27 LEU 27 24 24 LEU LEU B . n 
B 1 28 ALA 28 25 25 ALA ALA B . n 
B 1 29 LYS 29 26 26 LYS LYS B . n 
B 1 30 GLU 30 27 27 GLU GLU B . n 
B 1 31 ARG 31 28 28 ARG ARG B . n 
B 1 32 THR 32 29 29 THR THR B . n 
B 1 33 LEU 33 30 30 LEU LEU B . n 
B 1 34 ASN 34 31 31 ASN ASN B . n 
B 1 35 LEU 35 32 32 LEU LEU B . n 
B 1 36 PRO 36 33 33 PRO PRO B . n 
B 1 37 TYR 37 34 34 TYR TYR B . n 
B 1 38 MET 38 35 35 MET MET B . n 
B 1 39 GLU 39 36 36 GLU GLU B . n 
B 1 40 GLU 40 37 37 GLU GLU B . n 
B 1 41 MET 41 38 38 MET MET B . n 
B 1 42 ARG 42 39 39 ARG ARG B . n 
B 1 43 LYS 43 40 40 LYS LYS B . n 
B 1 44 GLU 44 41 41 GLU GLU B . n 
B 1 45 ILE 45 42 42 ILE ILE B . n 
B 1 46 ILE 46 43 43 ILE ILE B . n 
B 1 47 ALA 47 44 44 ALA ALA B . n 
B 1 48 VAL 48 45 45 VAL VAL B . n 
B 1 49 ILE 49 46 46 ILE ILE B . n 
B 1 50 GLN 50 47 47 GLN GLN B . n 
B 1 51 LYS 51 48 48 LYS LYS B . n 
B 1 52 TYR 52 49 49 TYR TYR B . n 
B 1 53 THR 53 50 50 THR THR B . n 
B 1 54 LYS 54 51 51 LYS LYS B . n 
B 1 55 SER 55 52 52 SER SER B . n 
B 1 56 SER 56 53 53 SER SER B . n 
B 1 57 ASP 57 54 54 ASP ASP B . n 
B 1 58 ILE 58 55 55 ILE ILE B . n 
B 1 59 HIS 59 56 56 HIS HIS B . n 
B 1 60 PHE 60 57 57 PHE PHE B . n 
B 1 61 LYS 61 58 58 LYS LYS B . n 
B 1 62 THR 62 59 59 THR THR B . n 
B 1 63 LEU 63 60 60 LEU LEU B . n 
B 1 64 ASP 64 61 ?  ?   ?   B . n 
B 1 65 SER 65 62 ?  ?   ?   B . n 
B 1 66 ASN 66 63 ?  ?   ?   B . n 
B 1 67 GLN 67 64 ?  ?   ?   B . n 
B 1 68 SER 68 65 65 SER SER B . n 
B 1 69 VAL 69 66 66 VAL VAL B . n 
B 1 70 GLU 70 67 67 GLU GLU B . n 
B 1 71 THR 71 68 68 THR THR B . n 
B 1 72 ILE 72 69 69 ILE ILE B . n 
B 1 73 GLU 73 70 70 GLU GLU B . n 
B 1 74 VAL 74 71 71 VAL VAL B . n 
B 1 75 GLU 75 72 72 GLU GLU B . n 
B 1 76 ILE 76 73 73 ILE ILE B . n 
B 1 77 ILE 77 74 74 ILE ILE B . n 
B 1 78 LEU 78 75 75 LEU LEU B . n 
B 1 79 PRO 79 76 76 PRO PRO B . n 
B 1 80 ARG 80 77 77 ARG ARG B . n 
# 
loop_
_software.name 
_software.classification 
_software.version 
_software.citation_id 
_software.pdbx_ordinal 
HKL-2000 'data collection' .   ? 1 
SOLVE    phasing           .   ? 2 
CNS      refinement        1.0 ? 3 
HKL-2000 'data reduction'  .   ? 4 
HKL-2000 'data scaling'    .   ? 5 
# 
_cell.entry_id           3KU7 
_cell.length_a           70.840 
_cell.length_b           70.840 
_cell.length_c           65.509 
_cell.angle_alpha        90.00 
_cell.angle_beta         90.00 
_cell.angle_gamma        120.00 
_cell.Z_PDB              12 
_cell.pdbx_unique_axis   ? 
_cell.length_a_esd       ? 
_cell.length_b_esd       ? 
_cell.length_c_esd       ? 
_cell.angle_alpha_esd    ? 
_cell.angle_beta_esd     ? 
_cell.angle_gamma_esd    ? 
# 
_symmetry.entry_id                         3KU7 
_symmetry.space_group_name_H-M             'P 64' 
_symmetry.pdbx_full_space_group_name_H-M   ? 
_symmetry.cell_setting                     ? 
_symmetry.Int_Tables_number                172 
_symmetry.space_group_name_Hall            ? 
# 
_exptl.entry_id          3KU7 
_exptl.method            'X-RAY DIFFRACTION' 
_exptl.crystals_number   2 
# 
_exptl_crystal.id                    1 
_exptl_crystal.density_meas          ? 
_exptl_crystal.density_Matthews      2.57 
_exptl_crystal.density_percent_sol   52.22 
_exptl_crystal.description           ? 
_exptl_crystal.F_000                 ? 
_exptl_crystal.preparation           ? 
# 
_exptl_crystal_grow.crystal_id      1 
_exptl_crystal_grow.method          'VAPOR DIFFUSION, HANGING DROP' 
_exptl_crystal_grow.temp            293 
_exptl_crystal_grow.temp_details    ? 
_exptl_crystal_grow.pH              6.5 
_exptl_crystal_grow.pdbx_details    '100mM MES-NaOH (pH 6.5), 26% (w/v) PEG 3350, VAPOR DIFFUSION, HANGING DROP, temperature 293K' 
_exptl_crystal_grow.pdbx_pH_range   . 
# 
loop_
_diffrn.id 
_diffrn.ambient_temp 
_diffrn.ambient_temp_details 
_diffrn.crystal_id 
1 100 ? 1 
2 100 ? 1 
# 
loop_
_diffrn_detector.diffrn_id 
_diffrn_detector.detector 
_diffrn_detector.type 
_diffrn_detector.pdbx_collection_date 
_diffrn_detector.details 
1 CCD 'ADSC QUANTUM 315' 2007-10-17 ? 
2 CCD 'ADSC QUANTUM 315' ?          ? 
# 
loop_
_diffrn_radiation.diffrn_id 
_diffrn_radiation.wavelength_id 
_diffrn_radiation.pdbx_monochromatic_or_laue_m_l 
_diffrn_radiation.monochromator 
_diffrn_radiation.pdbx_diffrn_protocol 
_diffrn_radiation.pdbx_scattering_type 
1 1 M 'DOUBLE CRYSTAL MONOCHROMATOR' 'SINGLE WAVELENGTH' x-ray 
2 2 M ?                              MAD                 x-ray 
# 
loop_
_diffrn_radiation_wavelength.id 
_diffrn_radiation_wavelength.wavelength 
_diffrn_radiation_wavelength.wt 
1 1.0000  1.0 
2 0.97964 1.0 
3 0.97912 1.0 
4 0.98325 1.0 
5 0.96440 1.0 
# 
loop_
_diffrn_source.diffrn_id 
_diffrn_source.source 
_diffrn_source.type 
_diffrn_source.pdbx_synchrotron_site 
_diffrn_source.pdbx_synchrotron_beamline 
_diffrn_source.pdbx_wavelength 
_diffrn_source.pdbx_wavelength_list 
1 SYNCHROTRON 'PAL/PLS BEAMLINE 4A'           PAL/PLS          4A    ? 1.0000                               
2 SYNCHROTRON 'PHOTON FACTORY BEAMLINE BL-5A' 'Photon Factory' BL-5A ? '0.97964, 0.97912, 0.98325, 0.96440' 
# 
_reflns.entry_id                     3KU7 
_reflns.observed_criterion_sigma_I   ? 
_reflns.observed_criterion_sigma_F   ? 
_reflns.d_resolution_low             50 
_reflns.d_resolution_high            2.8 
_reflns.number_obs                   4582 
_reflns.number_all                   4582 
_reflns.percent_possible_obs         99.7 
_reflns.pdbx_Rmerge_I_obs            ? 
_reflns.pdbx_Rsym_value              ? 
_reflns.pdbx_netI_over_sigmaI        ? 
_reflns.B_iso_Wilson_estimate        ? 
_reflns.pdbx_redundancy              ? 
_reflns.R_free_details               ? 
_reflns.limit_h_max                  ? 
_reflns.limit_h_min                  ? 
_reflns.limit_k_max                  ? 
_reflns.limit_k_min                  ? 
_reflns.limit_l_max                  ? 
_reflns.limit_l_min                  ? 
_reflns.observed_criterion_F_max     ? 
_reflns.observed_criterion_F_min     ? 
_reflns.pdbx_chi_squared             ? 
_reflns.pdbx_scaling_rejects         ? 
_reflns.pdbx_ordinal                 1 
_reflns.pdbx_diffrn_id               1,2 
# 
_reflns_shell.d_res_high             2.8 
_reflns_shell.d_res_low              2.85 
_reflns_shell.percent_possible_all   100 
_reflns_shell.Rmerge_I_obs           ? 
_reflns_shell.pdbx_Rsym_value        ? 
_reflns_shell.meanI_over_sigI_obs    ? 
_reflns_shell.pdbx_redundancy        ? 
_reflns_shell.percent_possible_obs   ? 
_reflns_shell.number_unique_all      ? 
_reflns_shell.number_measured_all    ? 
_reflns_shell.number_measured_obs    ? 
_reflns_shell.number_unique_obs      ? 
_reflns_shell.pdbx_chi_squared       ? 
_reflns_shell.pdbx_ordinal           1 
_reflns_shell.pdbx_diffrn_id         1,2 
# 
_refine.entry_id                                 3KU7 
_refine.ls_number_reflns_obs                     4582 
_refine.ls_number_reflns_all                     4680 
_refine.pdbx_ls_sigma_I                          ? 
_refine.pdbx_ls_sigma_F                          0 
_refine.pdbx_data_cutoff_high_absF               ? 
_refine.pdbx_data_cutoff_low_absF                ? 
_refine.pdbx_data_cutoff_high_rms_absF           ? 
_refine.ls_d_res_low                             44.78 
_refine.ls_d_res_high                            2.8 
_refine.ls_percent_reflns_obs                    ? 
_refine.ls_R_factor_obs                          0.268 
_refine.ls_R_factor_all                          0.282 
_refine.ls_R_factor_R_work                       0.268 
_refine.ls_R_factor_R_free                       0.298 
_refine.ls_R_factor_R_free_error                 ? 
_refine.ls_R_factor_R_free_error_details         ? 
_refine.ls_percent_reflns_R_free                 10.900 
_refine.ls_number_reflns_R_free                  510 
_refine.ls_number_parameters                     ? 
_refine.ls_number_restraints                     ? 
_refine.occupancy_min                            ? 
_refine.occupancy_max                            ? 
_refine.correlation_coeff_Fo_to_Fc               ? 
_refine.correlation_coeff_Fo_to_Fc_free          ? 
_refine.B_iso_mean                               64.661 
_refine.solvent_model_param_bsol                 45.058 
_refine.solvent_model_param_ksol                 ? 
_refine.pdbx_isotropic_thermal_model             ? 
_refine.aniso_B[1][1]                            -6.751 
_refine.aniso_B[2][2]                            -6.751 
_refine.aniso_B[3][3]                            13.502 
_refine.aniso_B[1][2]                            -19.819 
_refine.aniso_B[1][3]                            0.000 
_refine.aniso_B[2][3]                            0.000 
_refine.solvent_model_details                    ? 
_refine.pdbx_solvent_vdw_probe_radii             ? 
_refine.pdbx_solvent_ion_probe_radii             ? 
_refine.pdbx_solvent_shrinkage_radii             ? 
_refine.pdbx_ls_cross_valid_method               ? 
_refine.details                                  ? 
_refine.pdbx_starting_model                      ? 
_refine.pdbx_method_to_determine_struct          MAD 
_refine.pdbx_stereochemistry_target_values       'MAXIMUM LIKELIHOOD' 
_refine.pdbx_stereochem_target_val_spec_case     ? 
_refine.pdbx_R_Free_selection_details            random 
_refine.pdbx_overall_ESU_R_Free                  ? 
_refine.overall_SU_ML                            ? 
_refine.overall_SU_B                             ? 
_refine.ls_redundancy_reflns_obs                 ? 
_refine.B_iso_min                                ? 
_refine.B_iso_max                                ? 
_refine.overall_SU_R_Cruickshank_DPI             ? 
_refine.overall_SU_R_free                        ? 
_refine.ls_wR_factor_R_free                      ? 
_refine.ls_wR_factor_R_work                      ? 
_refine.overall_FOM_free_R_set                   ? 
_refine.overall_FOM_work_R_set                   ? 
_refine.pdbx_refine_id                           'X-RAY DIFFRACTION' 
_refine.pdbx_overall_phase_error                 ? 
_refine.pdbx_overall_ESU_R                       ? 
_refine.pdbx_diffrn_id                           1,2 
_refine.pdbx_TLS_residual_ADP_flag               ? 
_refine.pdbx_overall_SU_R_free_Cruickshank_DPI   ? 
_refine.pdbx_overall_SU_R_Blow_DPI               ? 
_refine.pdbx_overall_SU_R_free_Blow_DPI          ? 
# 
_refine_hist.pdbx_refine_id                   'X-RAY DIFFRACTION' 
_refine_hist.cycle_id                         LAST 
_refine_hist.pdbx_number_atoms_protein        972 
_refine_hist.pdbx_number_atoms_nucleic_acid   0 
_refine_hist.pdbx_number_atoms_ligand         0 
_refine_hist.number_atoms_solvent             0 
_refine_hist.number_atoms_total               972 
_refine_hist.d_res_high                       2.8 
_refine_hist.d_res_low                        44.78 
# 
loop_
_refine_ls_restr.type 
_refine_ls_restr.dev_ideal 
_refine_ls_restr.dev_ideal_target 
_refine_ls_restr.weight 
_refine_ls_restr.number 
_refine_ls_restr.pdbx_refine_id 
_refine_ls_restr.pdbx_restraint_function 
c_bond_d    0.012 ? ? ? 'X-RAY DIFFRACTION' ? 
c_angle_deg 1.8   ? ? ? 'X-RAY DIFFRACTION' ? 
# 
_refine_ls_shell.pdbx_total_number_of_bins_used   ? 
_refine_ls_shell.d_res_high                       2.8 
_refine_ls_shell.d_res_low                        2.98 
_refine_ls_shell.number_reflns_R_work             ? 
_refine_ls_shell.R_factor_R_work                  0.352 
_refine_ls_shell.percent_reflns_obs               ? 
_refine_ls_shell.R_factor_R_free                  0.354 
_refine_ls_shell.R_factor_R_free_error            ? 
_refine_ls_shell.percent_reflns_R_free            ? 
_refine_ls_shell.number_reflns_R_free             ? 
_refine_ls_shell.number_reflns_all                ? 
_refine_ls_shell.R_factor_all                     ? 
_refine_ls_shell.number_reflns_obs                682 
_refine_ls_shell.redundancy_reflns_obs            ? 
_refine_ls_shell.pdbx_refine_id                   'X-RAY DIFFRACTION' 
# 
_struct.entry_id                  3KU7 
_struct.title                     'Crystal structure of Helicobacter pylori MinE, a cell division topological specificity factor' 
_struct.pdbx_model_details        ? 
_struct.pdbx_CASP_flag            ? 
_struct.pdbx_model_type_details   ? 
# 
_struct_keywords.entry_id        3KU7 
_struct_keywords.pdbx_keywords   'CELL CYCLE' 
_struct_keywords.text            'Helicobacter pylori, MinE, Cell division, Cell cycle' 
# 
loop_
_struct_asym.id 
_struct_asym.pdbx_blank_PDB_chainid_flag 
_struct_asym.pdbx_modified 
_struct_asym.entity_id 
_struct_asym.details 
A N N 1 ? 
B N N 1 ? 
# 
_struct_ref.id                         1 
_struct_ref.db_name                    UNP 
_struct_ref.db_code                    MINE_HELPY 
_struct_ref.pdbx_db_accession          O25099 
_struct_ref.entity_id                  1 
_struct_ref.pdbx_seq_one_letter_code   MSLFDFFKNKGSAATATDRLKLILAKERTLNLPYMEEMRKEIIAVIQKYTKSSDIHFKTLDSNQSVETIEVEIILPR 
_struct_ref.pdbx_align_begin           1 
_struct_ref.pdbx_db_isoform            ? 
# 
loop_
_struct_ref_seq.align_id 
_struct_ref_seq.ref_id 
_struct_ref_seq.pdbx_PDB_id_code 
_struct_ref_seq.pdbx_strand_id 
_struct_ref_seq.seq_align_beg 
_struct_ref_seq.pdbx_seq_align_beg_ins_code 
_struct_ref_seq.seq_align_end 
_struct_ref_seq.pdbx_seq_align_end_ins_code 
_struct_ref_seq.pdbx_db_accession 
_struct_ref_seq.db_align_beg 
_struct_ref_seq.pdbx_db_align_beg_ins_code 
_struct_ref_seq.db_align_end 
_struct_ref_seq.pdbx_db_align_end_ins_code 
_struct_ref_seq.pdbx_auth_seq_align_beg 
_struct_ref_seq.pdbx_auth_seq_align_end 
1 1 3KU7 A 4 ? 80 ? O25099 1 ? 77 ? 1 77 
2 1 3KU7 B 4 ? 80 ? O25099 1 ? 77 ? 1 77 
# 
loop_
_struct_ref_seq_dif.align_id 
_struct_ref_seq_dif.pdbx_pdb_id_code 
_struct_ref_seq_dif.mon_id 
_struct_ref_seq_dif.pdbx_pdb_strand_id 
_struct_ref_seq_dif.seq_num 
_struct_ref_seq_dif.pdbx_pdb_ins_code 
_struct_ref_seq_dif.pdbx_seq_db_name 
_struct_ref_seq_dif.pdbx_seq_db_accession_code 
_struct_ref_seq_dif.db_mon_id 
_struct_ref_seq_dif.pdbx_seq_db_seq_num 
_struct_ref_seq_dif.details 
_struct_ref_seq_dif.pdbx_auth_seq_num 
_struct_ref_seq_dif.pdbx_ordinal 
1 3KU7 GLY A 1 ? UNP O25099 ? ? 'expression tag' -2 1 
1 3KU7 SER A 2 ? UNP O25099 ? ? 'expression tag' -1 2 
1 3KU7 HIS A 3 ? UNP O25099 ? ? 'expression tag' 0  3 
2 3KU7 GLY B 1 ? UNP O25099 ? ? 'expression tag' -2 4 
2 3KU7 SER B 2 ? UNP O25099 ? ? 'expression tag' -1 5 
2 3KU7 HIS B 3 ? UNP O25099 ? ? 'expression tag' 0  6 
# 
_pdbx_struct_assembly.id                   1 
_pdbx_struct_assembly.details              author_and_software_defined_assembly 
_pdbx_struct_assembly.method_details       PISA 
_pdbx_struct_assembly.oligomeric_details   dimeric 
_pdbx_struct_assembly.oligomeric_count     2 
# 
loop_
_pdbx_struct_assembly_prop.biol_id 
_pdbx_struct_assembly_prop.type 
_pdbx_struct_assembly_prop.value 
_pdbx_struct_assembly_prop.details 
1 'ABSA (A^2)' 2160 ? 
1 MORE         -18  ? 
1 'SSA (A^2)'  7280 ? 
# 
_pdbx_struct_assembly_gen.assembly_id       1 
_pdbx_struct_assembly_gen.oper_expression   1 
_pdbx_struct_assembly_gen.asym_id_list      A,B 
# 
_pdbx_struct_oper_list.id                   1 
_pdbx_struct_oper_list.type                 'identity operation' 
_pdbx_struct_oper_list.name                 1_555 
_pdbx_struct_oper_list.symmetry_operation   x,y,z 
_pdbx_struct_oper_list.matrix[1][1]         1.0000000000 
_pdbx_struct_oper_list.matrix[1][2]         0.0000000000 
_pdbx_struct_oper_list.matrix[1][3]         0.0000000000 
_pdbx_struct_oper_list.vector[1]            0.0000000000 
_pdbx_struct_oper_list.matrix[2][1]         0.0000000000 
_pdbx_struct_oper_list.matrix[2][2]         1.0000000000 
_pdbx_struct_oper_list.matrix[2][3]         0.0000000000 
_pdbx_struct_oper_list.vector[2]            0.0000000000 
_pdbx_struct_oper_list.matrix[3][1]         0.0000000000 
_pdbx_struct_oper_list.matrix[3][2]         0.0000000000 
_pdbx_struct_oper_list.matrix[3][3]         1.0000000000 
_pdbx_struct_oper_list.vector[3]            0.0000000000 
# 
_struct_biol.id        1 
_struct_biol.details   ? 
# 
loop_
_struct_conf.conf_type_id 
_struct_conf.id 
_struct_conf.pdbx_PDB_helix_id 
_struct_conf.beg_label_comp_id 
_struct_conf.beg_label_asym_id 
_struct_conf.beg_label_seq_id 
_struct_conf.pdbx_beg_PDB_ins_code 
_struct_conf.end_label_comp_id 
_struct_conf.end_label_asym_id 
_struct_conf.end_label_seq_id 
_struct_conf.pdbx_end_PDB_ins_code 
_struct_conf.beg_auth_comp_id 
_struct_conf.beg_auth_asym_id 
_struct_conf.beg_auth_seq_id 
_struct_conf.end_auth_comp_id 
_struct_conf.end_auth_asym_id 
_struct_conf.end_auth_seq_id 
_struct_conf.pdbx_PDB_helix_class 
_struct_conf.details 
_struct_conf.pdbx_PDB_helix_length 
HELX_P HELX_P1 1 TYR A 37 ? LYS A 54 ? TYR A 34 LYS A 51 1 ? 18 
HELX_P HELX_P2 2 GLU B 40 ? LYS B 54 ? GLU B 37 LYS B 51 1 ? 15 
# 
_struct_conf_type.id          HELX_P 
_struct_conf_type.criteria    ? 
_struct_conf_type.reference   ? 
# 
_struct_sheet.id               A 
_struct_sheet.type             ? 
_struct_sheet.number_strands   6 
_struct_sheet.details          ? 
# 
loop_
_struct_sheet_order.sheet_id 
_struct_sheet_order.range_id_1 
_struct_sheet_order.range_id_2 
_struct_sheet_order.offset 
_struct_sheet_order.sense 
A 1 2 ? anti-parallel 
A 2 3 ? anti-parallel 
A 3 4 ? anti-parallel 
A 4 5 ? anti-parallel 
A 5 6 ? anti-parallel 
# 
loop_
_struct_sheet_range.sheet_id 
_struct_sheet_range.id 
_struct_sheet_range.beg_label_comp_id 
_struct_sheet_range.beg_label_asym_id 
_struct_sheet_range.beg_label_seq_id 
_struct_sheet_range.pdbx_beg_PDB_ins_code 
_struct_sheet_range.end_label_comp_id 
_struct_sheet_range.end_label_asym_id 
_struct_sheet_range.end_label_seq_id 
_struct_sheet_range.pdbx_end_PDB_ins_code 
_struct_sheet_range.beg_auth_comp_id 
_struct_sheet_range.beg_auth_asym_id 
_struct_sheet_range.beg_auth_seq_id 
_struct_sheet_range.end_auth_comp_id 
_struct_sheet_range.end_auth_asym_id 
_struct_sheet_range.end_auth_seq_id 
A 1 ASP A 57 ? LYS A 61 ? ASP A 54 LYS A 58 
A 2 VAL A 69 ? ILE A 77 ? VAL A 66 ILE A 74 
A 3 ARG A 22 ? GLU A 30 ? ARG A 19 GLU A 27 
A 4 ARG B 22 ? LYS B 29 ? ARG B 19 LYS B 26 
A 5 GLU B 70 ? ILE B 77 ? GLU B 67 ILE B 74 
A 6 ASP B 57 ? LEU B 63 ? ASP B 54 LEU B 60 
# 
loop_
_pdbx_struct_sheet_hbond.sheet_id 
_pdbx_struct_sheet_hbond.range_id_1 
_pdbx_struct_sheet_hbond.range_id_2 
_pdbx_struct_sheet_hbond.range_1_label_atom_id 
_pdbx_struct_sheet_hbond.range_1_label_comp_id 
_pdbx_struct_sheet_hbond.range_1_label_asym_id 
_pdbx_struct_sheet_hbond.range_1_label_seq_id 
_pdbx_struct_sheet_hbond.range_1_PDB_ins_code 
_pdbx_struct_sheet_hbond.range_1_auth_atom_id 
_pdbx_struct_sheet_hbond.range_1_auth_comp_id 
_pdbx_struct_sheet_hbond.range_1_auth_asym_id 
_pdbx_struct_sheet_hbond.range_1_auth_seq_id 
_pdbx_struct_sheet_hbond.range_2_label_atom_id 
_pdbx_struct_sheet_hbond.range_2_label_comp_id 
_pdbx_struct_sheet_hbond.range_2_label_asym_id 
_pdbx_struct_sheet_hbond.range_2_label_seq_id 
_pdbx_struct_sheet_hbond.range_2_PDB_ins_code 
_pdbx_struct_sheet_hbond.range_2_auth_atom_id 
_pdbx_struct_sheet_hbond.range_2_auth_comp_id 
_pdbx_struct_sheet_hbond.range_2_auth_asym_id 
_pdbx_struct_sheet_hbond.range_2_auth_seq_id 
A 1 2 N HIS A 59 ? N HIS A 56 O GLU A 75 ? O GLU A 72 
A 2 3 O ILE A 76 ? O ILE A 73 N LEU A 23 ? N LEU A 20 
A 3 4 N LYS A 24 ? N LYS A 21 O ALA B 28 ? O ALA B 25 
A 4 5 N LEU B 23 ? N LEU B 20 O ILE B 76 ? O ILE B 73 
A 5 6 O GLU B 75 ? O GLU B 72 N HIS B 59 ? N HIS B 56 
# 
loop_
_pdbx_validate_torsion.id 
_pdbx_validate_torsion.PDB_model_num 
_pdbx_validate_torsion.auth_comp_id 
_pdbx_validate_torsion.auth_asym_id 
_pdbx_validate_torsion.auth_seq_id 
_pdbx_validate_torsion.PDB_ins_code 
_pdbx_validate_torsion.label_alt_id 
_pdbx_validate_torsion.phi 
_pdbx_validate_torsion.psi 
1  1 THR A 15 ? ? -164.14 -54.52 
2  1 THR A 17 ? ? 83.51   111.55 
3  1 LEU A 30 ? ? -39.47  149.56 
4  1 ASN A 31 ? ? -82.86  -97.22 
5  1 LEU A 32 ? ? 61.08   85.85  
6  1 LYS A 51 ? ? 56.62   11.88  
7  1 THR A 59 ? ? -104.48 -69.93 
8  1 LEU B 30 ? ? -39.20  126.15 
9  1 GLU B 36 ? ? 70.43   80.67  
10 1 GLU B 37 ? ? 153.85  -49.78 
# 
loop_
_pdbx_unobs_or_zero_occ_residues.id 
_pdbx_unobs_or_zero_occ_residues.PDB_model_num 
_pdbx_unobs_or_zero_occ_residues.polymer_flag 
_pdbx_unobs_or_zero_occ_residues.occupancy_flag 
_pdbx_unobs_or_zero_occ_residues.auth_asym_id 
_pdbx_unobs_or_zero_occ_residues.auth_comp_id 
_pdbx_unobs_or_zero_occ_residues.auth_seq_id 
_pdbx_unobs_or_zero_occ_residues.PDB_ins_code 
_pdbx_unobs_or_zero_occ_residues.label_asym_id 
_pdbx_unobs_or_zero_occ_residues.label_comp_id 
_pdbx_unobs_or_zero_occ_residues.label_seq_id 
1  1 Y 1 A GLY -2 ? A GLY 1  
2  1 Y 1 A SER -1 ? A SER 2  
3  1 Y 1 A HIS 0  ? A HIS 3  
4  1 Y 1 A MET 1  ? A MET 4  
5  1 Y 1 A SER 2  ? A SER 5  
6  1 Y 1 A LEU 3  ? A LEU 6  
7  1 Y 1 A PHE 4  ? A PHE 7  
8  1 Y 1 A ASP 5  ? A ASP 8  
9  1 Y 1 A PHE 6  ? A PHE 9  
10 1 Y 1 A PHE 7  ? A PHE 10 
11 1 Y 1 A LYS 8  ? A LYS 11 
12 1 Y 1 A ASN 9  ? A ASN 12 
13 1 Y 1 A LYS 10 ? A LYS 13 
14 1 Y 1 A GLY 11 ? A GLY 14 
15 1 Y 1 A SER 12 ? A SER 15 
16 1 Y 1 A ASP 61 ? A ASP 64 
17 1 Y 1 A SER 62 ? A SER 65 
18 1 Y 1 A ASN 63 ? A ASN 66 
19 1 Y 1 A ARG 77 ? A ARG 80 
20 1 Y 1 B GLY -2 ? B GLY 1  
21 1 Y 1 B SER -1 ? B SER 2  
22 1 Y 1 B HIS 0  ? B HIS 3  
23 1 Y 1 B MET 1  ? B MET 4  
24 1 Y 1 B SER 2  ? B SER 5  
25 1 Y 1 B LEU 3  ? B LEU 6  
26 1 Y 1 B PHE 4  ? B PHE 7  
27 1 Y 1 B ASP 5  ? B ASP 8  
28 1 Y 1 B PHE 6  ? B PHE 9  
29 1 Y 1 B PHE 7  ? B PHE 10 
30 1 Y 1 B LYS 8  ? B LYS 11 
31 1 Y 1 B ASN 9  ? B ASN 12 
32 1 Y 1 B LYS 10 ? B LYS 13 
33 1 Y 1 B GLY 11 ? B GLY 14 
34 1 Y 1 B SER 12 ? B SER 15 
35 1 Y 1 B ALA 13 ? B ALA 16 
36 1 Y 1 B ALA 14 ? B ALA 17 
37 1 Y 1 B THR 15 ? B THR 18 
38 1 Y 1 B ASP 61 ? B ASP 64 
39 1 Y 1 B SER 62 ? B SER 65 
40 1 Y 1 B ASN 63 ? B ASN 66 
41 1 Y 1 B GLN 64 ? B GLN 67 
# 
loop_
_chem_comp_atom.comp_id 
_chem_comp_atom.atom_id 
_chem_comp_atom.type_symbol 
_chem_comp_atom.pdbx_aromatic_flag 
_chem_comp_atom.pdbx_stereo_config 
_chem_comp_atom.pdbx_ordinal 
ALA N    N N N 1   
ALA CA   C N S 2   
ALA C    C N N 3   
ALA O    O N N 4   
ALA CB   C N N 5   
ALA OXT  O N N 6   
ALA H    H N N 7   
ALA H2   H N N 8   
ALA HA   H N N 9   
ALA HB1  H N N 10  
ALA HB2  H N N 11  
ALA HB3  H N N 12  
ALA HXT  H N N 13  
ARG N    N N N 14  
ARG CA   C N S 15  
ARG C    C N N 16  
ARG O    O N N 17  
ARG CB   C N N 18  
ARG CG   C N N 19  
ARG CD   C N N 20  
ARG NE   N N N 21  
ARG CZ   C N N 22  
ARG NH1  N N N 23  
ARG NH2  N N N 24  
ARG OXT  O N N 25  
ARG H    H N N 26  
ARG H2   H N N 27  
ARG HA   H N N 28  
ARG HB2  H N N 29  
ARG HB3  H N N 30  
ARG HG2  H N N 31  
ARG HG3  H N N 32  
ARG HD2  H N N 33  
ARG HD3  H N N 34  
ARG HE   H N N 35  
ARG HH11 H N N 36  
ARG HH12 H N N 37  
ARG HH21 H N N 38  
ARG HH22 H N N 39  
ARG HXT  H N N 40  
ASN N    N N N 41  
ASN CA   C N S 42  
ASN C    C N N 43  
ASN O    O N N 44  
ASN CB   C N N 45  
ASN CG   C N N 46  
ASN OD1  O N N 47  
ASN ND2  N N N 48  
ASN OXT  O N N 49  
ASN H    H N N 50  
ASN H2   H N N 51  
ASN HA   H N N 52  
ASN HB2  H N N 53  
ASN HB3  H N N 54  
ASN HD21 H N N 55  
ASN HD22 H N N 56  
ASN HXT  H N N 57  
ASP N    N N N 58  
ASP CA   C N S 59  
ASP C    C N N 60  
ASP O    O N N 61  
ASP CB   C N N 62  
ASP CG   C N N 63  
ASP OD1  O N N 64  
ASP OD2  O N N 65  
ASP OXT  O N N 66  
ASP H    H N N 67  
ASP H2   H N N 68  
ASP HA   H N N 69  
ASP HB2  H N N 70  
ASP HB3  H N N 71  
ASP HD2  H N N 72  
ASP HXT  H N N 73  
GLN N    N N N 74  
GLN CA   C N S 75  
GLN C    C N N 76  
GLN O    O N N 77  
GLN CB   C N N 78  
GLN CG   C N N 79  
GLN CD   C N N 80  
GLN OE1  O N N 81  
GLN NE2  N N N 82  
GLN OXT  O N N 83  
GLN H    H N N 84  
GLN H2   H N N 85  
GLN HA   H N N 86  
GLN HB2  H N N 87  
GLN HB3  H N N 88  
GLN HG2  H N N 89  
GLN HG3  H N N 90  
GLN HE21 H N N 91  
GLN HE22 H N N 92  
GLN HXT  H N N 93  
GLU N    N N N 94  
GLU CA   C N S 95  
GLU C    C N N 96  
GLU O    O N N 97  
GLU CB   C N N 98  
GLU CG   C N N 99  
GLU CD   C N N 100 
GLU OE1  O N N 101 
GLU OE2  O N N 102 
GLU OXT  O N N 103 
GLU H    H N N 104 
GLU H2   H N N 105 
GLU HA   H N N 106 
GLU HB2  H N N 107 
GLU HB3  H N N 108 
GLU HG2  H N N 109 
GLU HG3  H N N 110 
GLU HE2  H N N 111 
GLU HXT  H N N 112 
GLY N    N N N 113 
GLY CA   C N N 114 
GLY C    C N N 115 
GLY O    O N N 116 
GLY OXT  O N N 117 
GLY H    H N N 118 
GLY H2   H N N 119 
GLY HA2  H N N 120 
GLY HA3  H N N 121 
GLY HXT  H N N 122 
HIS N    N N N 123 
HIS CA   C N S 124 
HIS C    C N N 125 
HIS O    O N N 126 
HIS CB   C N N 127 
HIS CG   C Y N 128 
HIS ND1  N Y N 129 
HIS CD2  C Y N 130 
HIS CE1  C Y N 131 
HIS NE2  N Y N 132 
HIS OXT  O N N 133 
HIS H    H N N 134 
HIS H2   H N N 135 
HIS HA   H N N 136 
HIS HB2  H N N 137 
HIS HB3  H N N 138 
HIS HD1  H N N 139 
HIS HD2  H N N 140 
HIS HE1  H N N 141 
HIS HE2  H N N 142 
HIS HXT  H N N 143 
ILE N    N N N 144 
ILE CA   C N S 145 
ILE C    C N N 146 
ILE O    O N N 147 
ILE CB   C N S 148 
ILE CG1  C N N 149 
ILE CG2  C N N 150 
ILE CD1  C N N 151 
ILE OXT  O N N 152 
ILE H    H N N 153 
ILE H2   H N N 154 
ILE HA   H N N 155 
ILE HB   H N N 156 
ILE HG12 H N N 157 
ILE HG13 H N N 158 
ILE HG21 H N N 159 
ILE HG22 H N N 160 
ILE HG23 H N N 161 
ILE HD11 H N N 162 
ILE HD12 H N N 163 
ILE HD13 H N N 164 
ILE HXT  H N N 165 
LEU N    N N N 166 
LEU CA   C N S 167 
LEU C    C N N 168 
LEU O    O N N 169 
LEU CB   C N N 170 
LEU CG   C N N 171 
LEU CD1  C N N 172 
LEU CD2  C N N 173 
LEU OXT  O N N 174 
LEU H    H N N 175 
LEU H2   H N N 176 
LEU HA   H N N 177 
LEU HB2  H N N 178 
LEU HB3  H N N 179 
LEU HG   H N N 180 
LEU HD11 H N N 181 
LEU HD12 H N N 182 
LEU HD13 H N N 183 
LEU HD21 H N N 184 
LEU HD22 H N N 185 
LEU HD23 H N N 186 
LEU HXT  H N N 187 
LYS N    N N N 188 
LYS CA   C N S 189 
LYS C    C N N 190 
LYS O    O N N 191 
LYS CB   C N N 192 
LYS CG   C N N 193 
LYS CD   C N N 194 
LYS CE   C N N 195 
LYS NZ   N N N 196 
LYS OXT  O N N 197 
LYS H    H N N 198 
LYS H2   H N N 199 
LYS HA   H N N 200 
LYS HB2  H N N 201 
LYS HB3  H N N 202 
LYS HG2  H N N 203 
LYS HG3  H N N 204 
LYS HD2  H N N 205 
LYS HD3  H N N 206 
LYS HE2  H N N 207 
LYS HE3  H N N 208 
LYS HZ1  H N N 209 
LYS HZ2  H N N 210 
LYS HZ3  H N N 211 
LYS HXT  H N N 212 
MET N    N N N 213 
MET CA   C N S 214 
MET C    C N N 215 
MET O    O N N 216 
MET CB   C N N 217 
MET CG   C N N 218 
MET SD   S N N 219 
MET CE   C N N 220 
MET OXT  O N N 221 
MET H    H N N 222 
MET H2   H N N 223 
MET HA   H N N 224 
MET HB2  H N N 225 
MET HB3  H N N 226 
MET HG2  H N N 227 
MET HG3  H N N 228 
MET HE1  H N N 229 
MET HE2  H N N 230 
MET HE3  H N N 231 
MET HXT  H N N 232 
PHE N    N N N 233 
PHE CA   C N S 234 
PHE C    C N N 235 
PHE O    O N N 236 
PHE CB   C N N 237 
PHE CG   C Y N 238 
PHE CD1  C Y N 239 
PHE CD2  C Y N 240 
PHE CE1  C Y N 241 
PHE CE2  C Y N 242 
PHE CZ   C Y N 243 
PHE OXT  O N N 244 
PHE H    H N N 245 
PHE H2   H N N 246 
PHE HA   H N N 247 
PHE HB2  H N N 248 
PHE HB3  H N N 249 
PHE HD1  H N N 250 
PHE HD2  H N N 251 
PHE HE1  H N N 252 
PHE HE2  H N N 253 
PHE HZ   H N N 254 
PHE HXT  H N N 255 
PRO N    N N N 256 
PRO CA   C N S 257 
PRO C    C N N 258 
PRO O    O N N 259 
PRO CB   C N N 260 
PRO CG   C N N 261 
PRO CD   C N N 262 
PRO OXT  O N N 263 
PRO H    H N N 264 
PRO HA   H N N 265 
PRO HB2  H N N 266 
PRO HB3  H N N 267 
PRO HG2  H N N 268 
PRO HG3  H N N 269 
PRO HD2  H N N 270 
PRO HD3  H N N 271 
PRO HXT  H N N 272 
SER N    N N N 273 
SER CA   C N S 274 
SER C    C N N 275 
SER O    O N N 276 
SER CB   C N N 277 
SER OG   O N N 278 
SER OXT  O N N 279 
SER H    H N N 280 
SER H2   H N N 281 
SER HA   H N N 282 
SER HB2  H N N 283 
SER HB3  H N N 284 
SER HG   H N N 285 
SER HXT  H N N 286 
THR N    N N N 287 
THR CA   C N S 288 
THR C    C N N 289 
THR O    O N N 290 
THR CB   C N R 291 
THR OG1  O N N 292 
THR CG2  C N N 293 
THR OXT  O N N 294 
THR H    H N N 295 
THR H2   H N N 296 
THR HA   H N N 297 
THR HB   H N N 298 
THR HG1  H N N 299 
THR HG21 H N N 300 
THR HG22 H N N 301 
THR HG23 H N N 302 
THR HXT  H N N 303 
TYR N    N N N 304 
TYR CA   C N S 305 
TYR C    C N N 306 
TYR O    O N N 307 
TYR CB   C N N 308 
TYR CG   C Y N 309 
TYR CD1  C Y N 310 
TYR CD2  C Y N 311 
TYR CE1  C Y N 312 
TYR CE2  C Y N 313 
TYR CZ   C Y N 314 
TYR OH   O N N 315 
TYR OXT  O N N 316 
TYR H    H N N 317 
TYR H2   H N N 318 
TYR HA   H N N 319 
TYR HB2  H N N 320 
TYR HB3  H N N 321 
TYR HD1  H N N 322 
TYR HD2  H N N 323 
TYR HE1  H N N 324 
TYR HE2  H N N 325 
TYR HH   H N N 326 
TYR HXT  H N N 327 
VAL N    N N N 328 
VAL CA   C N S 329 
VAL C    C N N 330 
VAL O    O N N 331 
VAL CB   C N N 332 
VAL CG1  C N N 333 
VAL CG2  C N N 334 
VAL OXT  O N N 335 
VAL H    H N N 336 
VAL H2   H N N 337 
VAL HA   H N N 338 
VAL HB   H N N 339 
VAL HG11 H N N 340 
VAL HG12 H N N 341 
VAL HG13 H N N 342 
VAL HG21 H N N 343 
VAL HG22 H N N 344 
VAL HG23 H N N 345 
VAL HXT  H N N 346 
# 
loop_
_chem_comp_bond.comp_id 
_chem_comp_bond.atom_id_1 
_chem_comp_bond.atom_id_2 
_chem_comp_bond.value_order 
_chem_comp_bond.pdbx_aromatic_flag 
_chem_comp_bond.pdbx_stereo_config 
_chem_comp_bond.pdbx_ordinal 
ALA N   CA   sing N N 1   
ALA N   H    sing N N 2   
ALA N   H2   sing N N 3   
ALA CA  C    sing N N 4   
ALA CA  CB   sing N N 5   
ALA CA  HA   sing N N 6   
ALA C   O    doub N N 7   
ALA C   OXT  sing N N 8   
ALA CB  HB1  sing N N 9   
ALA CB  HB2  sing N N 10  
ALA CB  HB3  sing N N 11  
ALA OXT HXT  sing N N 12  
ARG N   CA   sing N N 13  
ARG N   H    sing N N 14  
ARG N   H2   sing N N 15  
ARG CA  C    sing N N 16  
ARG CA  CB   sing N N 17  
ARG CA  HA   sing N N 18  
ARG C   O    doub N N 19  
ARG C   OXT  sing N N 20  
ARG CB  CG   sing N N 21  
ARG CB  HB2  sing N N 22  
ARG CB  HB3  sing N N 23  
ARG CG  CD   sing N N 24  
ARG CG  HG2  sing N N 25  
ARG CG  HG3  sing N N 26  
ARG CD  NE   sing N N 27  
ARG CD  HD2  sing N N 28  
ARG CD  HD3  sing N N 29  
ARG NE  CZ   sing N N 30  
ARG NE  HE   sing N N 31  
ARG CZ  NH1  sing N N 32  
ARG CZ  NH2  doub N N 33  
ARG NH1 HH11 sing N N 34  
ARG NH1 HH12 sing N N 35  
ARG NH2 HH21 sing N N 36  
ARG NH2 HH22 sing N N 37  
ARG OXT HXT  sing N N 38  
ASN N   CA   sing N N 39  
ASN N   H    sing N N 40  
ASN N   H2   sing N N 41  
ASN CA  C    sing N N 42  
ASN CA  CB   sing N N 43  
ASN CA  HA   sing N N 44  
ASN C   O    doub N N 45  
ASN C   OXT  sing N N 46  
ASN CB  CG   sing N N 47  
ASN CB  HB2  sing N N 48  
ASN CB  HB3  sing N N 49  
ASN CG  OD1  doub N N 50  
ASN CG  ND2  sing N N 51  
ASN ND2 HD21 sing N N 52  
ASN ND2 HD22 sing N N 53  
ASN OXT HXT  sing N N 54  
ASP N   CA   sing N N 55  
ASP N   H    sing N N 56  
ASP N   H2   sing N N 57  
ASP CA  C    sing N N 58  
ASP CA  CB   sing N N 59  
ASP CA  HA   sing N N 60  
ASP C   O    doub N N 61  
ASP C   OXT  sing N N 62  
ASP CB  CG   sing N N 63  
ASP CB  HB2  sing N N 64  
ASP CB  HB3  sing N N 65  
ASP CG  OD1  doub N N 66  
ASP CG  OD2  sing N N 67  
ASP OD2 HD2  sing N N 68  
ASP OXT HXT  sing N N 69  
GLN N   CA   sing N N 70  
GLN N   H    sing N N 71  
GLN N   H2   sing N N 72  
GLN CA  C    sing N N 73  
GLN CA  CB   sing N N 74  
GLN CA  HA   sing N N 75  
GLN C   O    doub N N 76  
GLN C   OXT  sing N N 77  
GLN CB  CG   sing N N 78  
GLN CB  HB2  sing N N 79  
GLN CB  HB3  sing N N 80  
GLN CG  CD   sing N N 81  
GLN CG  HG2  sing N N 82  
GLN CG  HG3  sing N N 83  
GLN CD  OE1  doub N N 84  
GLN CD  NE2  sing N N 85  
GLN NE2 HE21 sing N N 86  
GLN NE2 HE22 sing N N 87  
GLN OXT HXT  sing N N 88  
GLU N   CA   sing N N 89  
GLU N   H    sing N N 90  
GLU N   H2   sing N N 91  
GLU CA  C    sing N N 92  
GLU CA  CB   sing N N 93  
GLU CA  HA   sing N N 94  
GLU C   O    doub N N 95  
GLU C   OXT  sing N N 96  
GLU CB  CG   sing N N 97  
GLU CB  HB2  sing N N 98  
GLU CB  HB3  sing N N 99  
GLU CG  CD   sing N N 100 
GLU CG  HG2  sing N N 101 
GLU CG  HG3  sing N N 102 
GLU CD  OE1  doub N N 103 
GLU CD  OE2  sing N N 104 
GLU OE2 HE2  sing N N 105 
GLU OXT HXT  sing N N 106 
GLY N   CA   sing N N 107 
GLY N   H    sing N N 108 
GLY N   H2   sing N N 109 
GLY CA  C    sing N N 110 
GLY CA  HA2  sing N N 111 
GLY CA  HA3  sing N N 112 
GLY C   O    doub N N 113 
GLY C   OXT  sing N N 114 
GLY OXT HXT  sing N N 115 
HIS N   CA   sing N N 116 
HIS N   H    sing N N 117 
HIS N   H2   sing N N 118 
HIS CA  C    sing N N 119 
HIS CA  CB   sing N N 120 
HIS CA  HA   sing N N 121 
HIS C   O    doub N N 122 
HIS C   OXT  sing N N 123 
HIS CB  CG   sing N N 124 
HIS CB  HB2  sing N N 125 
HIS CB  HB3  sing N N 126 
HIS CG  ND1  sing Y N 127 
HIS CG  CD2  doub Y N 128 
HIS ND1 CE1  doub Y N 129 
HIS ND1 HD1  sing N N 130 
HIS CD2 NE2  sing Y N 131 
HIS CD2 HD2  sing N N 132 
HIS CE1 NE2  sing Y N 133 
HIS CE1 HE1  sing N N 134 
HIS NE2 HE2  sing N N 135 
HIS OXT HXT  sing N N 136 
ILE N   CA   sing N N 137 
ILE N   H    sing N N 138 
ILE N   H2   sing N N 139 
ILE CA  C    sing N N 140 
ILE CA  CB   sing N N 141 
ILE CA  HA   sing N N 142 
ILE C   O    doub N N 143 
ILE C   OXT  sing N N 144 
ILE CB  CG1  sing N N 145 
ILE CB  CG2  sing N N 146 
ILE CB  HB   sing N N 147 
ILE CG1 CD1  sing N N 148 
ILE CG1 HG12 sing N N 149 
ILE CG1 HG13 sing N N 150 
ILE CG2 HG21 sing N N 151 
ILE CG2 HG22 sing N N 152 
ILE CG2 HG23 sing N N 153 
ILE CD1 HD11 sing N N 154 
ILE CD1 HD12 sing N N 155 
ILE CD1 HD13 sing N N 156 
ILE OXT HXT  sing N N 157 
LEU N   CA   sing N N 158 
LEU N   H    sing N N 159 
LEU N   H2   sing N N 160 
LEU CA  C    sing N N 161 
LEU CA  CB   sing N N 162 
LEU CA  HA   sing N N 163 
LEU C   O    doub N N 164 
LEU C   OXT  sing N N 165 
LEU CB  CG   sing N N 166 
LEU CB  HB2  sing N N 167 
LEU CB  HB3  sing N N 168 
LEU CG  CD1  sing N N 169 
LEU CG  CD2  sing N N 170 
LEU CG  HG   sing N N 171 
LEU CD1 HD11 sing N N 172 
LEU CD1 HD12 sing N N 173 
LEU CD1 HD13 sing N N 174 
LEU CD2 HD21 sing N N 175 
LEU CD2 HD22 sing N N 176 
LEU CD2 HD23 sing N N 177 
LEU OXT HXT  sing N N 178 
LYS N   CA   sing N N 179 
LYS N   H    sing N N 180 
LYS N   H2   sing N N 181 
LYS CA  C    sing N N 182 
LYS CA  CB   sing N N 183 
LYS CA  HA   sing N N 184 
LYS C   O    doub N N 185 
LYS C   OXT  sing N N 186 
LYS CB  CG   sing N N 187 
LYS CB  HB2  sing N N 188 
LYS CB  HB3  sing N N 189 
LYS CG  CD   sing N N 190 
LYS CG  HG2  sing N N 191 
LYS CG  HG3  sing N N 192 
LYS CD  CE   sing N N 193 
LYS CD  HD2  sing N N 194 
LYS CD  HD3  sing N N 195 
LYS CE  NZ   sing N N 196 
LYS CE  HE2  sing N N 197 
LYS CE  HE3  sing N N 198 
LYS NZ  HZ1  sing N N 199 
LYS NZ  HZ2  sing N N 200 
LYS NZ  HZ3  sing N N 201 
LYS OXT HXT  sing N N 202 
MET N   CA   sing N N 203 
MET N   H    sing N N 204 
MET N   H2   sing N N 205 
MET CA  C    sing N N 206 
MET CA  CB   sing N N 207 
MET CA  HA   sing N N 208 
MET C   O    doub N N 209 
MET C   OXT  sing N N 210 
MET CB  CG   sing N N 211 
MET CB  HB2  sing N N 212 
MET CB  HB3  sing N N 213 
MET CG  SD   sing N N 214 
MET CG  HG2  sing N N 215 
MET CG  HG3  sing N N 216 
MET SD  CE   sing N N 217 
MET CE  HE1  sing N N 218 
MET CE  HE2  sing N N 219 
MET CE  HE3  sing N N 220 
MET OXT HXT  sing N N 221 
PHE N   CA   sing N N 222 
PHE N   H    sing N N 223 
PHE N   H2   sing N N 224 
PHE CA  C    sing N N 225 
PHE CA  CB   sing N N 226 
PHE CA  HA   sing N N 227 
PHE C   O    doub N N 228 
PHE C   OXT  sing N N 229 
PHE CB  CG   sing N N 230 
PHE CB  HB2  sing N N 231 
PHE CB  HB3  sing N N 232 
PHE CG  CD1  doub Y N 233 
PHE CG  CD2  sing Y N 234 
PHE CD1 CE1  sing Y N 235 
PHE CD1 HD1  sing N N 236 
PHE CD2 CE2  doub Y N 237 
PHE CD2 HD2  sing N N 238 
PHE CE1 CZ   doub Y N 239 
PHE CE1 HE1  sing N N 240 
PHE CE2 CZ   sing Y N 241 
PHE CE2 HE2  sing N N 242 
PHE CZ  HZ   sing N N 243 
PHE OXT HXT  sing N N 244 
PRO N   CA   sing N N 245 
PRO N   CD   sing N N 246 
PRO N   H    sing N N 247 
PRO CA  C    sing N N 248 
PRO CA  CB   sing N N 249 
PRO CA  HA   sing N N 250 
PRO C   O    doub N N 251 
PRO C   OXT  sing N N 252 
PRO CB  CG   sing N N 253 
PRO CB  HB2  sing N N 254 
PRO CB  HB3  sing N N 255 
PRO CG  CD   sing N N 256 
PRO CG  HG2  sing N N 257 
PRO CG  HG3  sing N N 258 
PRO CD  HD2  sing N N 259 
PRO CD  HD3  sing N N 260 
PRO OXT HXT  sing N N 261 
SER N   CA   sing N N 262 
SER N   H    sing N N 263 
SER N   H2   sing N N 264 
SER CA  C    sing N N 265 
SER CA  CB   sing N N 266 
SER CA  HA   sing N N 267 
SER C   O    doub N N 268 
SER C   OXT  sing N N 269 
SER CB  OG   sing N N 270 
SER CB  HB2  sing N N 271 
SER CB  HB3  sing N N 272 
SER OG  HG   sing N N 273 
SER OXT HXT  sing N N 274 
THR N   CA   sing N N 275 
THR N   H    sing N N 276 
THR N   H2   sing N N 277 
THR CA  C    sing N N 278 
THR CA  CB   sing N N 279 
THR CA  HA   sing N N 280 
THR C   O    doub N N 281 
THR C   OXT  sing N N 282 
THR CB  OG1  sing N N 283 
THR CB  CG2  sing N N 284 
THR CB  HB   sing N N 285 
THR OG1 HG1  sing N N 286 
THR CG2 HG21 sing N N 287 
THR CG2 HG22 sing N N 288 
THR CG2 HG23 sing N N 289 
THR OXT HXT  sing N N 290 
TYR N   CA   sing N N 291 
TYR N   H    sing N N 292 
TYR N   H2   sing N N 293 
TYR CA  C    sing N N 294 
TYR CA  CB   sing N N 295 
TYR CA  HA   sing N N 296 
TYR C   O    doub N N 297 
TYR C   OXT  sing N N 298 
TYR CB  CG   sing N N 299 
TYR CB  HB2  sing N N 300 
TYR CB  HB3  sing N N 301 
TYR CG  CD1  doub Y N 302 
TYR CG  CD2  sing Y N 303 
TYR CD1 CE1  sing Y N 304 
TYR CD1 HD1  sing N N 305 
TYR CD2 CE2  doub Y N 306 
TYR CD2 HD2  sing N N 307 
TYR CE1 CZ   doub Y N 308 
TYR CE1 HE1  sing N N 309 
TYR CE2 CZ   sing Y N 310 
TYR CE2 HE2  sing N N 311 
TYR CZ  OH   sing N N 312 
TYR OH  HH   sing N N 313 
TYR OXT HXT  sing N N 314 
VAL N   CA   sing N N 315 
VAL N   H    sing N N 316 
VAL N   H2   sing N N 317 
VAL CA  C    sing N N 318 
VAL CA  CB   sing N N 319 
VAL CA  HA   sing N N 320 
VAL C   O    doub N N 321 
VAL C   OXT  sing N N 322 
VAL CB  CG1  sing N N 323 
VAL CB  CG2  sing N N 324 
VAL CB  HB   sing N N 325 
VAL CG1 HG11 sing N N 326 
VAL CG1 HG12 sing N N 327 
VAL CG1 HG13 sing N N 328 
VAL CG2 HG21 sing N N 329 
VAL CG2 HG22 sing N N 330 
VAL CG2 HG23 sing N N 331 
VAL OXT HXT  sing N N 332 
# 
_atom_sites.entry_id                    3KU7 
_atom_sites.fract_transf_matrix[1][1]   -0.01404530 
_atom_sites.fract_transf_matrix[1][2]   0.00190227 
_atom_sites.fract_transf_matrix[1][3]   -0.00804952 
_atom_sites.fract_transf_matrix[2][1]   -0.01338378 
_atom_sites.fract_transf_matrix[2][2]   0.00478388 
_atom_sites.fract_transf_matrix[2][3]   0.00797991 
_atom_sites.fract_transf_matrix[3][1]   0.00356184 
_atom_sites.fract_transf_matrix[3][2]   0.01458315 
_atom_sites.fract_transf_matrix[3][3]   -0.00276861 
_atom_sites.fract_transf_vector[1]      0.082153 
_atom_sites.fract_transf_vector[2]      0.276926 
_atom_sites.fract_transf_vector[3]      -0.002430 
# 
loop_
_atom_type.symbol 
C 
N 
O 
S 
# 
loop_
_atom_site.group_PDB 
_atom_site.id 
_atom_site.type_symbol 
_atom_site.label_atom_id 
_atom_site.label_alt_id 
_atom_site.label_comp_id 
_atom_site.label_asym_id 
_atom_site.label_entity_id 
_atom_site.label_seq_id 
_atom_site.pdbx_PDB_ins_code 
_atom_site.Cartn_x 
_atom_site.Cartn_y 
_atom_site.Cartn_z 
_atom_site.occupancy 
_atom_site.B_iso_or_equiv 
_atom_site.pdbx_formal_charge 
_atom_site.auth_seq_id 
_atom_site.auth_comp_id 
_atom_site.auth_asym_id 
_atom_site.auth_atom_id 
_atom_site.pdbx_PDB_model_num 
ATOM 1   N N   . ALA A 1 16 ? 7.002   2.094   24.129  1.00 123.73 ? 13 ALA A N   1 
ATOM 2   C CA  . ALA A 1 16 ? 6.563   3.480   24.429  1.00 125.16 ? 13 ALA A CA  1 
ATOM 3   C C   . ALA A 1 16 ? 6.289   4.269   23.155  1.00 124.83 ? 13 ALA A C   1 
ATOM 4   O O   . ALA A 1 16 ? 6.382   3.742   22.046  1.00 124.28 ? 13 ALA A O   1 
ATOM 5   C CB  . ALA A 1 16 ? 7.617   4.185   25.276  1.00 125.63 ? 13 ALA A CB  1 
ATOM 6   N N   . ALA A 1 17 ? 5.956   5.539   23.325  1.00 125.60 ? 14 ALA A N   1 
ATOM 7   C CA  . ALA A 1 17 ? 5.649   6.397   22.195  1.00 124.66 ? 14 ALA A CA  1 
ATOM 8   C C   . ALA A 1 17 ? 6.907   6.965   21.558  1.00 125.20 ? 14 ALA A C   1 
ATOM 9   O O   . ALA A 1 17 ? 7.019   8.175   21.367  1.00 124.49 ? 14 ALA A O   1 
ATOM 10  C CB  . ALA A 1 17 ? 4.729   7.528   22.645  1.00 122.76 ? 14 ALA A CB  1 
ATOM 11  N N   . THR A 1 18 ? 7.855   6.090   21.224  1.00 124.97 ? 15 THR A N   1 
ATOM 12  C CA  . THR A 1 18 ? 9.099   6.550   20.611  1.00 123.29 ? 15 THR A CA  1 
ATOM 13  C C   . THR A 1 18 ? 9.980   5.491   19.913  1.00 122.41 ? 15 THR A C   1 
ATOM 14  O O   . THR A 1 18 ? 10.321  5.645   18.736  1.00 123.05 ? 15 THR A O   1 
ATOM 15  C CB  . THR A 1 18 ? 9.975   7.327   21.649  1.00 123.72 ? 15 THR A CB  1 
ATOM 16  O OG1 . THR A 1 18 ? 9.338   7.326   22.936  1.00 123.94 ? 15 THR A OG1 1 
ATOM 17  C CG2 . THR A 1 18 ? 10.183  8.778   21.197  1.00 123.76 ? 15 THR A CG2 1 
ATOM 18  N N   . ALA A 1 19 ? 10.345  4.424   20.621  1.00 119.18 ? 16 ALA A N   1 
ATOM 19  C CA  . ALA A 1 19 ? 11.201  3.393   20.039  1.00 115.59 ? 16 ALA A CA  1 
ATOM 20  C C   . ALA A 1 19 ? 10.472  2.517   19.025  1.00 112.38 ? 16 ALA A C   1 
ATOM 21  O O   . ALA A 1 19 ? 9.323   2.133   19.228  1.00 112.45 ? 16 ALA A O   1 
ATOM 22  C CB  . ALA A 1 19 ? 11.799  2.528   21.141  1.00 116.03 ? 16 ALA A CB  1 
ATOM 23  N N   . THR A 1 20 ? 11.168  2.209   17.933  1.00 108.27 ? 17 THR A N   1 
ATOM 24  C CA  . THR A 1 20 ? 10.645  1.383   16.844  1.00 104.03 ? 17 THR A CA  1 
ATOM 25  C C   . THR A 1 20 ? 9.810   2.184   15.855  1.00 99.59  ? 17 THR A C   1 
ATOM 26  O O   . THR A 1 20 ? 8.717   2.658   16.174  1.00 99.39  ? 17 THR A O   1 
ATOM 27  C CB  . THR A 1 20 ? 9.796   0.195   17.373  1.00 105.26 ? 17 THR A CB  1 
ATOM 28  O OG1 . THR A 1 20 ? 10.669  -0.842  17.832  1.00 106.37 ? 17 THR A OG1 1 
ATOM 29  C CG2 . THR A 1 20 ? 8.882   -0.364  16.280  1.00 104.14 ? 17 THR A CG2 1 
ATOM 30  N N   . ASP A 1 21 ? 10.337  2.334   14.649  1.00 94.58  ? 18 ASP A N   1 
ATOM 31  C CA  . ASP A 1 21 ? 9.640   3.064   13.603  1.00 90.25  ? 18 ASP A CA  1 
ATOM 32  C C   . ASP A 1 21 ? 8.858   2.108   12.736  1.00 86.80  ? 18 ASP A C   1 
ATOM 33  O O   . ASP A 1 21 ? 9.401   1.161   12.166  1.00 86.73  ? 18 ASP A O   1 
ATOM 34  C CB  . ASP A 1 21 ? 10.629  3.840   12.749  1.00 90.73  ? 18 ASP A CB  1 
ATOM 35  C CG  . ASP A 1 21 ? 11.178  5.045   13.465  1.00 90.19  ? 18 ASP A CG  1 
ATOM 36  O OD1 . ASP A 1 21 ? 10.394  5.975   13.748  1.00 89.94  ? 18 ASP A OD1 1 
ATOM 37  O OD2 . ASP A 1 21 ? 12.392  5.059   13.752  1.00 92.14  ? 18 ASP A OD2 1 
ATOM 38  N N   . ARG A 1 22 ? 7.568   2.369   12.638  1.00 84.75  ? 19 ARG A N   1 
ATOM 39  C CA  . ARG A 1 22 ? 6.686   1.525   11.871  1.00 82.01  ? 19 ARG A CA  1 
ATOM 40  C C   . ARG A 1 22 ? 6.203   2.259   10.623  1.00 75.80  ? 19 ARG A C   1 
ATOM 41  O O   . ARG A 1 22 ? 6.293   3.480   10.528  1.00 76.20  ? 19 ARG A O   1 
ATOM 42  C CB  . ARG A 1 22 ? 5.504   1.121   12.773  1.00 88.74  ? 19 ARG A CB  1 
ATOM 43  C CG  . ARG A 1 22 ? 5.926   0.597   14.168  1.00 99.65  ? 19 ARG A CG  1 
ATOM 44  C CD  . ARG A 1 22 ? 5.103   1.227   15.319  1.00 109.59 ? 19 ARG A CD  1 
ATOM 45  N NE  . ARG A 1 22 ? 5.779   1.203   16.630  1.00 116.99 ? 19 ARG A NE  1 
ATOM 46  C CZ  . ARG A 1 22 ? 5.660   2.151   17.566  1.00 119.38 ? 19 ARG A CZ  1 
ATOM 47  N NH1 . ARG A 1 22 ? 4.896   3.217   17.354  1.00 120.58 ? 19 ARG A NH1 1 
ATOM 48  N NH2 . ARG A 1 22 ? 6.299   2.028   18.724  1.00 120.49 ? 19 ARG A NH2 1 
ATOM 49  N N   . LEU A 1 23 ? 5.718   1.482   9.663   1.00 68.49  ? 20 LEU A N   1 
ATOM 50  C CA  . LEU A 1 23 ? 5.161   1.968   8.409   1.00 61.11  ? 20 LEU A CA  1 
ATOM 51  C C   . LEU A 1 23 ? 3.954   1.044   8.238   1.00 57.80  ? 20 LEU A C   1 
ATOM 52  O O   . LEU A 1 23 ? 4.032   -0.125  8.591   1.00 55.87  ? 20 LEU A O   1 
ATOM 53  C CB  . LEU A 1 23 ? 6.167   1.771   7.280   1.00 58.37  ? 20 LEU A CB  1 
ATOM 54  C CG  . LEU A 1 23 ? 6.088   2.689   6.065   1.00 56.20  ? 20 LEU A CG  1 
ATOM 55  C CD1 . LEU A 1 23 ? 6.412   4.130   6.442   1.00 56.34  ? 20 LEU A CD1 1 
ATOM 56  C CD2 . LEU A 1 23 ? 7.090   2.183   5.058   1.00 54.52  ? 20 LEU A CD2 1 
ATOM 57  N N   . LYS A 1 24 ? 2.852   1.563   7.700   1.00 54.75  ? 21 LYS A N   1 
ATOM 58  C CA  . LYS A 1 24 ? 1.629   0.782   7.530   1.00 51.49  ? 21 LYS A CA  1 
ATOM 59  C C   . LYS A 1 24 ? 1.029   0.891   6.140   1.00 48.57  ? 21 LYS A C   1 
ATOM 60  O O   . LYS A 1 24 ? 0.845   1.970   5.622   1.00 47.29  ? 21 LYS A O   1 
ATOM 61  C CB  . LYS A 1 24 ? 0.597   1.234   8.560   1.00 52.63  ? 21 LYS A CB  1 
ATOM 62  C CG  . LYS A 1 24 ? -0.736  0.523   8.465   1.00 54.56  ? 21 LYS A CG  1 
ATOM 63  C CD  . LYS A 1 24 ? -0.951  -0.351  9.689   1.00 57.15  ? 21 LYS A CD  1 
ATOM 64  C CE  . LYS A 1 24 ? -2.446  -0.571  9.968   1.00 59.66  ? 21 LYS A CE  1 
ATOM 65  N NZ  . LYS A 1 24 ? -2.736  -0.909  11.396  1.00 59.21  ? 21 LYS A NZ  1 
ATOM 66  N N   . LEU A 1 25 ? 0.674   -0.246  5.563   1.00 46.47  ? 22 LEU A N   1 
ATOM 67  C CA  . LEU A 1 25 ? 0.099   -0.281  4.229   1.00 44.80  ? 22 LEU A CA  1 
ATOM 68  C C   . LEU A 1 25 ? -1.235  -1.000  4.193   1.00 43.96  ? 22 LEU A C   1 
ATOM 69  O O   . LEU A 1 25 ? -1.361  -2.118  4.675   1.00 44.43  ? 22 LEU A O   1 
ATOM 70  C CB  . LEU A 1 25 ? 1.079   -0.964  3.282   1.00 42.77  ? 22 LEU A CB  1 
ATOM 71  C CG  . LEU A 1 25 ? 0.509   -1.368  1.942   1.00 41.97  ? 22 LEU A CG  1 
ATOM 72  C CD1 . LEU A 1 25 ? 0.518   -0.187  1.002   1.00 42.47  ? 22 LEU A CD1 1 
ATOM 73  C CD2 . LEU A 1 25 ? 1.365   -2.480  1.407   1.00 41.87  ? 22 LEU A CD2 1 
ATOM 74  N N   . ILE A 1 26 ? -2.232  -0.357  3.602   1.00 43.29  ? 23 ILE A N   1 
ATOM 75  C CA  . ILE A 1 26 ? -3.550  -0.958  3.503   1.00 43.00  ? 23 ILE A CA  1 
ATOM 76  C C   . ILE A 1 26 ? -3.997  -1.086  2.072   1.00 43.21  ? 23 ILE A C   1 
ATOM 77  O O   . ILE A 1 26 ? -3.866  -0.153  1.278   1.00 43.47  ? 23 ILE A O   1 
ATOM 78  C CB  . ILE A 1 26 ? -4.606  -0.126  4.257   1.00 42.40  ? 23 ILE A CB  1 
ATOM 79  C CG1 . ILE A 1 26 ? -4.538  -0.472  5.737   1.00 42.54  ? 23 ILE A CG1 1 
ATOM 80  C CG2 . ILE A 1 26 ? -6.006  -0.381  3.695   1.00 40.55  ? 23 ILE A CG2 1 
ATOM 81  C CD1 . ILE A 1 26 ? -5.359  0.443   6.587   1.00 44.08  ? 23 ILE A CD1 1 
ATOM 82  N N   . LEU A 1 27 ? -4.506  -2.259  1.730   1.00 43.23  ? 24 LEU A N   1 
ATOM 83  C CA  . LEU A 1 27 ? -5.012  -2.462  0.388   1.00 44.29  ? 24 LEU A CA  1 
ATOM 84  C C   . LEU A 1 27 ? -6.465  -2.830  0.538   1.00 44.52  ? 24 LEU A C   1 
ATOM 85  O O   . LEU A 1 27 ? -6.792  -3.910  1.009   1.00 44.35  ? 24 LEU A O   1 
ATOM 86  C CB  . LEU A 1 27 ? -4.256  -3.577  -0.334  1.00 42.96  ? 24 LEU A CB  1 
ATOM 87  C CG  . LEU A 1 27 ? -3.472  -3.114  -1.563  1.00 42.35  ? 24 LEU A CG  1 
ATOM 88  C CD1 . LEU A 1 27 ? -3.036  -4.315  -2.381  1.00 42.53  ? 24 LEU A CD1 1 
ATOM 89  C CD2 . LEU A 1 27 ? -4.352  -2.228  -2.406  1.00 41.92  ? 24 LEU A CD2 1 
ATOM 90  N N   . ALA A 1 28 ? -7.344  -1.923  0.142   1.00 46.71  ? 25 ALA A N   1 
ATOM 91  C CA  . ALA A 1 28 ? -8.767  -2.176  0.259   1.00 50.99  ? 25 ALA A CA  1 
ATOM 92  C C   . ALA A 1 28 ? -9.464  -2.394  -1.081  1.00 54.82  ? 25 ALA A C   1 
ATOM 93  O O   . ALA A 1 28 ? -9.082  -1.846  -2.106  1.00 54.85  ? 25 ALA A O   1 
ATOM 94  C CB  . ALA A 1 28 ? -9.417  -1.041  1.009   1.00 50.13  ? 25 ALA A CB  1 
ATOM 95  N N   . LYS A 1 29 ? -10.500 -3.221  -1.053  1.00 59.31  ? 26 LYS A N   1 
ATOM 96  C CA  . LYS A 1 29 ? -11.275 -3.526  -2.240  1.00 64.04  ? 26 LYS A CA  1 
ATOM 97  C C   . LYS A 1 29 ? -12.648 -4.064  -1.887  1.00 68.04  ? 26 LYS A C   1 
ATOM 98  O O   . LYS A 1 29 ? -12.998 -4.242  -0.719  1.00 67.86  ? 26 LYS A O   1 
ATOM 99  C CB  . LYS A 1 29 ? -10.562 -4.561  -3.118  1.00 61.76  ? 26 LYS A CB  1 
ATOM 100 C CG  . LYS A 1 29 ? -10.887 -6.026  -2.788  1.00 60.08  ? 26 LYS A CG  1 
ATOM 101 C CD  . LYS A 1 29 ? -10.256 -6.981  -3.790  1.00 59.44  ? 26 LYS A CD  1 
ATOM 102 C CE  . LYS A 1 29 ? -10.543 -8.445  -3.473  1.00 58.75  ? 26 LYS A CE  1 
ATOM 103 N NZ  . LYS A 1 29 ? -11.608 -9.083  -4.307  1.00 57.56  ? 26 LYS A NZ  1 
ATOM 104 N N   . GLU A 1 30 ? -13.421 -4.312  -2.935  1.00 73.39  ? 27 GLU A N   1 
ATOM 105 C CA  . GLU A 1 30 ? -14.756 -4.864  -2.813  1.00 78.30  ? 27 GLU A CA  1 
ATOM 106 C C   . GLU A 1 30 ? -14.558 -6.296  -2.370  1.00 79.33  ? 27 GLU A C   1 
ATOM 107 O O   . GLU A 1 30 ? -13.832 -7.045  -3.025  1.00 81.07  ? 27 GLU A O   1 
ATOM 108 C CB  . GLU A 1 30 ? -15.453 -4.845  -4.174  1.00 82.15  ? 27 GLU A CB  1 
ATOM 109 C CG  . GLU A 1 30 ? -16.016 -3.488  -4.529  1.00 87.78  ? 27 GLU A CG  1 
ATOM 110 C CD  . GLU A 1 30 ? -17.117 -3.066  -3.576  1.00 91.24  ? 27 GLU A CD  1 
ATOM 111 O OE1 . GLU A 1 30 ? -17.124 -3.542  -2.420  1.00 91.93  ? 27 GLU A OE1 1 
ATOM 112 O OE2 . GLU A 1 30 ? -17.971 -2.247  -3.978  1.00 93.26  ? 27 GLU A OE2 1 
ATOM 113 N N   . ARG A 1 31 ? -15.158 -6.702  -1.262  1.00 79.33  ? 28 ARG A N   1 
ATOM 114 C CA  . ARG A 1 31 ? -14.946 -8.083  -0.887  1.00 79.93  ? 28 ARG A CA  1 
ATOM 115 C C   . ARG A 1 31 ? -15.431 -8.998  -2.011  1.00 79.59  ? 28 ARG A C   1 
ATOM 116 O O   . ARG A 1 31 ? -14.844 -10.045 -2.266  1.00 78.26  ? 28 ARG A O   1 
ATOM 117 C CB  . ARG A 1 31 ? -15.676 -8.461  0.383   1.00 81.25  ? 28 ARG A CB  1 
ATOM 118 C CG  . ARG A 1 31 ? -15.383 -9.911  0.642   1.00 84.21  ? 28 ARG A CG  1 
ATOM 119 C CD  . ARG A 1 31 ? -15.914 -10.485 1.913   1.00 87.89  ? 28 ARG A CD  1 
ATOM 120 N NE  . ARG A 1 31 ? -15.360 -11.828 2.040   1.00 91.58  ? 28 ARG A NE  1 
ATOM 121 C CZ  . ARG A 1 31 ? -15.747 -12.734 2.928   1.00 93.98  ? 28 ARG A CZ  1 
ATOM 122 N NH1 . ARG A 1 31 ? -16.707 -12.457 3.798   1.00 95.20  ? 28 ARG A NH1 1 
ATOM 123 N NH2 . ARG A 1 31 ? -15.170 -13.930 2.943   1.00 93.74  ? 28 ARG A NH2 1 
ATOM 124 N N   . THR A 1 32 ? -16.512 -8.582  -2.672  1.00 80.49  ? 29 THR A N   1 
ATOM 125 C CA  . THR A 1 32 ? -17.145 -9.302  -3.799  1.00 80.75  ? 29 THR A CA  1 
ATOM 126 C C   . THR A 1 32 ? -16.213 -9.459  -5.018  1.00 81.02  ? 29 THR A C   1 
ATOM 127 O O   . THR A 1 32 ? -16.111 -10.544 -5.598  1.00 81.74  ? 29 THR A O   1 
ATOM 128 C CB  . THR A 1 32 ? -18.472 -8.566  -4.266  1.00 81.15  ? 29 THR A CB  1 
ATOM 129 O OG1 . THR A 1 32 ? -19.567 -8.958  -3.427  1.00 81.18  ? 29 THR A OG1 1 
ATOM 130 C CG2 . THR A 1 32 ? -18.805 -8.874  -5.733  1.00 82.44  ? 29 THR A CG2 1 
ATOM 131 N N   . LEU A 1 33 ? -15.552 -8.367  -5.398  1.00 80.39  ? 30 LEU A N   1 
ATOM 132 C CA  . LEU A 1 33 ? -14.640 -8.333  -6.539  1.00 77.61  ? 30 LEU A CA  1 
ATOM 133 C C   . LEU A 1 33 ? -13.775 -9.569  -6.687  1.00 76.42  ? 30 LEU A C   1 
ATOM 134 O O   . LEU A 1 33 ? -13.412 -10.199 -5.700  1.00 75.50  ? 30 LEU A O   1 
ATOM 135 C CB  . LEU A 1 33 ? -13.726 -7.114  -6.446  1.00 76.96  ? 30 LEU A CB  1 
ATOM 136 C CG  . LEU A 1 33 ? -13.738 -6.168  -7.642  1.00 77.38  ? 30 LEU A CG  1 
ATOM 137 C CD1 . LEU A 1 33 ? -12.485 -5.311  -7.547  1.00 76.57  ? 30 LEU A CD1 1 
ATOM 138 C CD2 . LEU A 1 33 ? -13.770 -6.936  -8.961  1.00 77.41  ? 30 LEU A CD2 1 
ATOM 139 N N   . ASN A 1 34 ? -13.427 -9.892  -7.931  1.00 75.49  ? 31 ASN A N   1 
ATOM 140 C CA  . ASN A 1 34 ? -12.594 -11.055 -8.211  1.00 75.35  ? 31 ASN A CA  1 
ATOM 141 C C   . ASN A 1 34 ? -11.124 -10.701 -8.020  1.00 74.06  ? 31 ASN A C   1 
ATOM 142 O O   . ASN A 1 34 ? -10.622 -10.707 -6.896  1.00 75.12  ? 31 ASN A O   1 
ATOM 143 C CB  . ASN A 1 34 ? -12.806 -11.567 -9.642  1.00 76.42  ? 31 ASN A CB  1 
ATOM 144 C CG  . ASN A 1 34 ? -12.340 -13.008 -9.817  1.00 77.73  ? 31 ASN A CG  1 
ATOM 145 O OD1 . ASN A 1 34 ? -11.244 -13.377 -9.389  1.00 78.93  ? 31 ASN A OD1 1 
ATOM 146 N ND2 . ASN A 1 34 ? -13.170 -13.827 -10.457 1.00 78.40  ? 31 ASN A ND2 1 
ATOM 147 N N   . LEU A 1 35 ? -10.433 -10.379 -9.108  1.00 71.85  ? 32 LEU A N   1 
ATOM 148 C CA  . LEU A 1 35 ? -9.018  -10.049 -9.019  1.00 69.89  ? 32 LEU A CA  1 
ATOM 149 C C   . LEU A 1 35 ? -8.278  -11.258 -8.474  1.00 69.02  ? 32 LEU A C   1 
ATOM 150 O O   . LEU A 1 35 ? -8.045  -11.371 -7.270  1.00 68.88  ? 32 LEU A O   1 
ATOM 151 C CB  . LEU A 1 35 ? -8.807  -8.869  -8.082  1.00 69.10  ? 32 LEU A CB  1 
ATOM 152 C CG  . LEU A 1 35 ? -9.762  -7.688  -8.210  1.00 68.10  ? 32 LEU A CG  1 
ATOM 153 C CD1 . LEU A 1 35 ? -9.328  -6.618  -7.218  1.00 67.30  ? 32 LEU A CD1 1 
ATOM 154 C CD2 . LEU A 1 35 ? -9.749  -7.158  -9.642  1.00 66.88  ? 32 LEU A CD2 1 
ATOM 155 N N   . PRO A 1 36 ? -7.895  -12.182 -9.357  1.00 68.98  ? 33 PRO A N   1 
ATOM 156 C CA  . PRO A 1 36 ? -7.189  -13.364 -8.882  1.00 68.05  ? 33 PRO A CA  1 
ATOM 157 C C   . PRO A 1 36 ? -5.710  -13.126 -8.594  1.00 70.97  ? 33 PRO A C   1 
ATOM 158 O O   . PRO A 1 36 ? -5.032  -14.026 -8.103  1.00 72.71  ? 33 PRO A O   1 
ATOM 159 C CB  . PRO A 1 36 ? -7.380  -14.365 -10.021 1.00 67.86  ? 33 PRO A CB  1 
ATOM 160 C CG  . PRO A 1 36 ? -8.565  -13.857 -10.748 1.00 66.98  ? 33 PRO A CG  1 
ATOM 161 C CD  . PRO A 1 36 ? -8.342  -12.380 -10.740 1.00 68.01  ? 33 PRO A CD  1 
ATOM 162 N N   . TYR A 1 37 ? -5.206  -11.925 -8.883  1.00 71.51  ? 34 TYR A N   1 
ATOM 163 C CA  . TYR A 1 37 ? -3.781  -11.614 -8.685  1.00 70.71  ? 34 TYR A CA  1 
ATOM 164 C C   . TYR A 1 37 ? -3.457  -10.832 -7.419  1.00 70.60  ? 34 TYR A C   1 
ATOM 165 O O   . TYR A 1 37 ? -2.308  -10.464 -7.172  1.00 70.17  ? 34 TYR A O   1 
ATOM 166 C CB  . TYR A 1 37 ? -3.288  -10.815 -9.870  1.00 69.91  ? 34 TYR A CB  1 
ATOM 167 C CG  . TYR A 1 37 ? -4.105  -9.575  -10.035 1.00 70.50  ? 34 TYR A CG  1 
ATOM 168 C CD1 . TYR A 1 37 ? -4.013  -8.532  -9.115  1.00 70.85  ? 34 TYR A CD1 1 
ATOM 169 C CD2 . TYR A 1 37 ? -5.025  -9.465  -11.066 1.00 70.58  ? 34 TYR A CD2 1 
ATOM 170 C CE1 . TYR A 1 37 ? -4.822  -7.410  -9.220  1.00 70.59  ? 34 TYR A CE1 1 
ATOM 171 C CE2 . TYR A 1 37 ? -5.836  -8.352  -11.183 1.00 70.33  ? 34 TYR A CE2 1 
ATOM 172 C CZ  . TYR A 1 37 ? -5.730  -7.329  -10.264 1.00 70.19  ? 34 TYR A CZ  1 
ATOM 173 O OH  . TYR A 1 37 ? -6.517  -6.219  -10.424 1.00 71.16  ? 34 TYR A OH  1 
ATOM 174 N N   . MET A 1 38 ? -4.483  -10.548 -6.635  1.00 69.26  ? 35 MET A N   1 
ATOM 175 C CA  . MET A 1 38 ? -4.287  -9.817  -5.403  1.00 68.95  ? 35 MET A CA  1 
ATOM 176 C C   . MET A 1 38 ? -3.059  -10.344 -4.682  1.00 68.18  ? 35 MET A C   1 
ATOM 177 O O   . MET A 1 38 ? -2.185  -9.582  -4.279  1.00 69.06  ? 35 MET A O   1 
ATOM 178 C CB  . MET A 1 38 ? -5.526  -9.958  -4.526  1.00 69.26  ? 35 MET A CB  1 
ATOM 179 C CG  . MET A 1 38 ? -6.586  -8.926  -4.837  1.00 69.21  ? 35 MET A CG  1 
ATOM 180 S SD  . MET A 1 38 ? -5.880  -7.273  -4.649  1.00 69.56  ? 35 MET A SD  1 
ATOM 181 C CE  . MET A 1 38 ? -5.215  -7.373  -2.864  1.00 69.91  ? 35 MET A CE  1 
ATOM 182 N N   . GLU A 1 39 ? -2.989  -11.660 -4.543  1.00 68.29  ? 36 GLU A N   1 
ATOM 183 C CA  . GLU A 1 39 ? -1.870  -12.296 -3.866  1.00 68.38  ? 36 GLU A CA  1 
ATOM 184 C C   . GLU A 1 39 ? -0.554  -11.873 -4.489  1.00 65.92  ? 36 GLU A C   1 
ATOM 185 O O   . GLU A 1 39 ? 0.347   -11.342 -3.837  1.00 66.14  ? 36 GLU A O   1 
ATOM 186 C CB  . GLU A 1 39 ? -2.018  -13.816 -3.958  1.00 69.97  ? 36 GLU A CB  1 
ATOM 187 C CG  . GLU A 1 39 ? -2.739  -14.421 -2.774  1.00 71.62  ? 36 GLU A CG  1 
ATOM 188 C CD  . GLU A 1 39 ? -1.999  -14.164 -1.474  1.00 73.73  ? 36 GLU A CD  1 
ATOM 189 O OE1 . GLU A 1 39 ? -2.511  -13.393 -0.626  1.00 75.31  ? 36 GLU A OE1 1 
ATOM 190 O OE2 . GLU A 1 39 ? -0.896  -14.733 -1.308  1.00 73.44  ? 36 GLU A OE2 1 
ATOM 191 N N   . GLU A 1 40 ? -0.469  -12.117 -5.782  1.00 64.38  ? 37 GLU A N   1 
ATOM 192 C CA  . GLU A 1 40 ? 0.719   -11.807 -6.528  1.00 64.00  ? 37 GLU A CA  1 
ATOM 193 C C   . GLU A 1 40 ? 1.028   -10.343 -6.382  1.00 61.56  ? 37 GLU A C   1 
ATOM 194 O O   . GLU A 1 40 ? 2.187   -9.941  -6.328  1.00 62.83  ? 37 GLU A O   1 
ATOM 195 C CB  . GLU A 1 40 ? 0.512   -12.160 -7.995  1.00 66.49  ? 37 GLU A CB  1 
ATOM 196 C CG  . GLU A 1 40 ? 1.510   -13.170 -8.520  1.00 69.64  ? 37 GLU A CG  1 
ATOM 197 C CD  . GLU A 1 40 ? 2.349   -12.619 -9.658  1.00 72.93  ? 37 GLU A CD  1 
ATOM 198 O OE1 . GLU A 1 40 ? 3.427   -12.040 -9.388  1.00 73.82  ? 37 GLU A OE1 1 
ATOM 199 O OE2 . GLU A 1 40 ? 1.922   -12.759 -10.830 1.00 74.72  ? 37 GLU A OE2 1 
ATOM 200 N N   . MET A 1 41 ? -0.009  -9.534  -6.313  1.00 58.30  ? 38 MET A N   1 
ATOM 201 C CA  . MET A 1 41 ? 0.217   -8.114  -6.182  1.00 56.45  ? 38 MET A CA  1 
ATOM 202 C C   . MET A 1 41 ? 0.749   -7.802  -4.774  1.00 55.12  ? 38 MET A C   1 
ATOM 203 O O   . MET A 1 41 ? 1.661   -6.987  -4.590  1.00 55.66  ? 38 MET A O   1 
ATOM 204 C CB  . MET A 1 41 ? -1.091  -7.396  -6.460  1.00 56.09  ? 38 MET A CB  1 
ATOM 205 C CG  . MET A 1 41 ? -0.936  -6.032  -7.048  1.00 53.92  ? 38 MET A CG  1 
ATOM 206 S SD  . MET A 1 41 ? -2.547  -5.256  -7.103  1.00 53.82  ? 38 MET A SD  1 
ATOM 207 C CE  . MET A 1 41 ? -2.262  -3.918  -8.165  1.00 51.52  ? 38 MET A CE  1 
ATOM 208 N N   . ARG A 1 42 ? 0.186   -8.478  -3.785  1.00 52.88  ? 39 ARG A N   1 
ATOM 209 C CA  . ARG A 1 42 ? 0.585   -8.283  -2.402  1.00 50.77  ? 39 ARG A CA  1 
ATOM 210 C C   . ARG A 1 42 ? 2.061   -8.498  -2.327  1.00 49.34  ? 39 ARG A C   1 
ATOM 211 O O   . ARG A 1 42 ? 2.826   -7.615  -1.931  1.00 48.21  ? 39 ARG A O   1 
ATOM 212 C CB  . ARG A 1 42 ? -0.099  -9.319  -1.520  1.00 51.55  ? 39 ARG A CB  1 
ATOM 213 C CG  . ARG A 1 42 ? 0.146   -9.162  -0.038  1.00 52.61  ? 39 ARG A CG  1 
ATOM 214 C CD  . ARG A 1 42 ? -0.159  -10.483 0.643   1.00 53.45  ? 39 ARG A CD  1 
ATOM 215 N NE  . ARG A 1 42 ? 0.765   -11.520 0.186   1.00 56.14  ? 39 ARG A NE  1 
ATOM 216 C CZ  . ARG A 1 42 ? 0.625   -12.820 0.441   1.00 58.01  ? 39 ARG A CZ  1 
ATOM 217 N NH1 . ARG A 1 42 ? -0.413  -13.249 1.144   1.00 58.02  ? 39 ARG A NH1 1 
ATOM 218 N NH2 . ARG A 1 42 ? 1.533   -13.690 0.004   1.00 57.83  ? 39 ARG A NH2 1 
ATOM 219 N N   . LYS A 1 43 ? 2.441   -9.701  -2.735  1.00 49.63  ? 40 LYS A N   1 
ATOM 220 C CA  . LYS A 1 43 ? 3.824   -10.113 -2.709  1.00 50.76  ? 40 LYS A CA  1 
ATOM 221 C C   . LYS A 1 43 ? 4.745   -9.093  -3.340  1.00 50.16  ? 40 LYS A C   1 
ATOM 222 O O   . LYS A 1 43 ? 5.758   -8.721  -2.738  1.00 50.04  ? 40 LYS A O   1 
ATOM 223 C CB  . LYS A 1 43 ? 3.992   -11.466 -3.407  1.00 52.67  ? 40 LYS A CB  1 
ATOM 224 C CG  . LYS A 1 43 ? 3.214   -12.633 -2.766  1.00 56.22  ? 40 LYS A CG  1 
ATOM 225 C CD  . LYS A 1 43 ? 3.609   -14.014 -3.346  1.00 59.74  ? 40 LYS A CD  1 
ATOM 226 C CE  . LYS A 1 43 ? 2.522   -15.075 -3.146  1.00 60.68  ? 40 LYS A CE  1 
ATOM 227 N NZ  . LYS A 1 43 ? 2.984   -16.255 -2.348  1.00 60.76  ? 40 LYS A NZ  1 
ATOM 228 N N   . GLU A 1 44 ? 4.403   -8.625  -4.539  1.00 50.76  ? 41 GLU A N   1 
ATOM 229 C CA  . GLU A 1 44 ? 5.268   -7.659  -5.216  1.00 51.83  ? 41 GLU A CA  1 
ATOM 230 C C   . GLU A 1 44 ? 5.277   -6.306  -4.513  1.00 50.93  ? 41 GLU A C   1 
ATOM 231 O O   . GLU A 1 44 ? 6.326   -5.674  -4.389  1.00 51.80  ? 41 GLU A O   1 
ATOM 232 C CB  . GLU A 1 44 ? 4.883   -7.500  -6.698  1.00 52.73  ? 41 GLU A CB  1 
ATOM 233 C CG  . GLU A 1 44 ? 6.059   -7.791  -7.663  1.00 55.45  ? 41 GLU A CG  1 
ATOM 234 C CD  . GLU A 1 44 ? 5.795   -7.437  -9.131  1.00 57.57  ? 41 GLU A CD  1 
ATOM 235 O OE1 . GLU A 1 44 ? 6.344   -6.423  -9.640  1.00 57.67  ? 41 GLU A OE1 1 
ATOM 236 O OE2 . GLU A 1 44 ? 5.045   -8.191  -9.783  1.00 58.27  ? 41 GLU A OE2 1 
ATOM 237 N N   . ILE A 1 45 ? 4.116   -5.872  -4.040  1.00 49.16  ? 42 ILE A N   1 
ATOM 238 C CA  . ILE A 1 45 ? 4.043   -4.602  -3.341  1.00 47.27  ? 42 ILE A CA  1 
ATOM 239 C C   . ILE A 1 45 ? 4.973   -4.642  -2.137  1.00 46.66  ? 42 ILE A C   1 
ATOM 240 O O   . ILE A 1 45 ? 5.743   -3.715  -1.882  1.00 44.66  ? 42 ILE A O   1 
ATOM 241 C CB  . ILE A 1 45 ? 2.652   -4.312  -2.829  1.00 47.29  ? 42 ILE A CB  1 
ATOM 242 C CG1 . ILE A 1 45 ? 1.701   -4.084  -3.999  1.00 47.81  ? 42 ILE A CG1 1 
ATOM 243 C CG2 . ILE A 1 45 ? 2.707   -3.077  -1.947  1.00 47.13  ? 42 ILE A CG2 1 
ATOM 244 C CD1 . ILE A 1 45 ? 2.050   -2.889  -4.783  1.00 50.35  ? 42 ILE A CD1 1 
ATOM 245 N N   . ILE A 1 46 ? 4.889   -5.732  -1.385  1.00 46.18  ? 43 ILE A N   1 
ATOM 246 C CA  . ILE A 1 46 ? 5.732   -5.886  -0.205  1.00 46.16  ? 43 ILE A CA  1 
ATOM 247 C C   . ILE A 1 46 ? 7.192   -5.902  -0.653  1.00 45.87  ? 43 ILE A C   1 
ATOM 248 O O   . ILE A 1 46 ? 8.053   -5.232  -0.079  1.00 46.17  ? 43 ILE A O   1 
ATOM 249 C CB  . ILE A 1 46 ? 5.474   -7.203  0.537   1.00 47.26  ? 43 ILE A CB  1 
ATOM 250 C CG1 . ILE A 1 46 ? 3.978   -7.428  0.738   1.00 46.68  ? 43 ILE A CG1 1 
ATOM 251 C CG2 . ILE A 1 46 ? 6.197   -7.163  1.880   1.00 46.75  ? 43 ILE A CG2 1 
ATOM 252 C CD1 . ILE A 1 46 ? 3.386   -6.441  1.620   1.00 49.00  ? 43 ILE A CD1 1 
ATOM 253 N N   . ALA A 1 47 ? 7.470   -6.662  -1.702  1.00 44.51  ? 44 ALA A N   1 
ATOM 254 C CA  . ALA A 1 47 ? 8.832   -6.748  -2.205  1.00 43.69  ? 44 ALA A CA  1 
ATOM 255 C C   . ALA A 1 47 ? 9.406   -5.351  -2.437  1.00 43.57  ? 44 ALA A C   1 
ATOM 256 O O   . ALA A 1 47 ? 10.543  -5.064  -2.086  1.00 44.19  ? 44 ALA A O   1 
ATOM 257 C CB  . ALA A 1 47 ? 8.858   -7.535  -3.490  1.00 43.88  ? 44 ALA A CB  1 
ATOM 258 N N   . VAL A 1 48 ? 8.603   -4.464  -3.001  1.00 42.95  ? 45 VAL A N   1 
ATOM 259 C CA  . VAL A 1 48 ? 9.072   -3.112  -3.276  1.00 43.08  ? 45 VAL A CA  1 
ATOM 260 C C   . VAL A 1 48 ? 9.362   -2.352  -2.006  1.00 42.61  ? 45 VAL A C   1 
ATOM 261 O O   . VAL A 1 48 ? 10.371  -1.644  -1.895  1.00 41.53  ? 45 VAL A O   1 
ATOM 262 C CB  . VAL A 1 48 ? 8.049   -2.314  -4.131  1.00 42.81  ? 45 VAL A CB  1 
ATOM 263 C CG1 . VAL A 1 48 ? 8.526   -0.875  -4.326  1.00 41.82  ? 45 VAL A CG1 1 
ATOM 264 C CG2 . VAL A 1 48 ? 7.854   -3.022  -5.460  1.00 42.68  ? 45 VAL A CG2 1 
ATOM 265 N N   . ILE A 1 49 ? 8.487   -2.502  -1.035  1.00 43.57  ? 46 ILE A N   1 
ATOM 266 C CA  . ILE A 1 49 ? 8.724   -1.795  0.189   1.00 44.78  ? 46 ILE A CA  1 
ATOM 267 C C   . ILE A 1 49 ? 10.044  -2.251  0.791   1.00 46.96  ? 46 ILE A C   1 
ATOM 268 O O   . ILE A 1 49 ? 10.875  -1.416  1.130   1.00 49.05  ? 46 ILE A O   1 
ATOM 269 C CB  . ILE A 1 49 ? 7.549   -1.991  1.161   1.00 44.86  ? 46 ILE A CB  1 
ATOM 270 C CG1 . ILE A 1 49 ? 6.365   -1.140  0.688   1.00 45.53  ? 46 ILE A CG1 1 
ATOM 271 C CG2 . ILE A 1 49 ? 7.956   -1.607  2.556   1.00 43.26  ? 46 ILE A CG2 1 
ATOM 272 C CD1 . ILE A 1 49 ? 5.063   -1.449  1.416   1.00 46.12  ? 46 ILE A CD1 1 
ATOM 273 N N   . GLN A 1 50 ? 10.266  -3.562  0.889   1.00 47.98  ? 47 GLN A N   1 
ATOM 274 C CA  . GLN A 1 50 ? 11.517  -4.077  1.469   1.00 48.70  ? 47 GLN A CA  1 
ATOM 275 C C   . GLN A 1 50 ? 12.732  -3.526  0.755   1.00 49.29  ? 47 GLN A C   1 
ATOM 276 O O   . GLN A 1 50 ? 13.787  -3.297  1.347   1.00 49.44  ? 47 GLN A O   1 
ATOM 277 C CB  . GLN A 1 50 ? 11.564  -5.609  1.418   1.00 49.31  ? 47 GLN A CB  1 
ATOM 278 C CG  . GLN A 1 50 ? 10.867  -6.285  2.583   1.00 50.11  ? 47 GLN A CG  1 
ATOM 279 C CD  . GLN A 1 50 ? 11.163  -7.764  2.655   1.00 51.51  ? 47 GLN A CD  1 
ATOM 280 O OE1 . GLN A 1 50 ? 10.704  -8.542  1.817   1.00 51.80  ? 47 GLN A OE1 1 
ATOM 281 N NE2 . GLN A 1 50 ? 11.940  -8.163  3.658   1.00 52.59  ? 47 GLN A NE2 1 
ATOM 282 N N   . LYS A 1 51 ? 12.566  -3.323  -0.537  1.00 49.18  ? 48 LYS A N   1 
ATOM 283 C CA  . LYS A 1 51 ? 13.626  -2.803  -1.349  1.00 49.54  ? 48 LYS A CA  1 
ATOM 284 C C   . LYS A 1 51 ? 14.049  -1.411  -0.871  1.00 50.20  ? 48 LYS A C   1 
ATOM 285 O O   . LYS A 1 51 ? 15.214  -1.188  -0.569  1.00 51.40  ? 48 LYS A O   1 
ATOM 286 C CB  . LYS A 1 51 ? 13.156  -2.798  -2.806  1.00 48.87  ? 48 LYS A CB  1 
ATOM 287 C CG  . LYS A 1 51 ? 14.063  -2.092  -3.781  1.00 47.93  ? 48 LYS A CG  1 
ATOM 288 C CD  . LYS A 1 51 ? 13.977  -2.709  -5.178  1.00 49.83  ? 48 LYS A CD  1 
ATOM 289 C CE  . LYS A 1 51 ? 13.302  -1.812  -6.200  1.00 49.97  ? 48 LYS A CE  1 
ATOM 290 N NZ  . LYS A 1 51 ? 14.136  -0.601  -6.489  1.00 51.61  ? 48 LYS A NZ  1 
ATOM 291 N N   . TYR A 1 52 ? 13.111  -0.477  -0.776  1.00 50.86  ? 49 TYR A N   1 
ATOM 292 C CA  . TYR A 1 52 ? 13.471  0.868   -0.353  1.00 52.66  ? 49 TYR A CA  1 
ATOM 293 C C   . TYR A 1 52 ? 13.674  1.049   1.133   1.00 52.77  ? 49 TYR A C   1 
ATOM 294 O O   . TYR A 1 52 ? 14.424  1.921   1.537   1.00 53.16  ? 49 TYR A O   1 
ATOM 295 C CB  . TYR A 1 52 ? 12.454  1.893   -0.870  1.00 52.66  ? 49 TYR A CB  1 
ATOM 296 C CG  . TYR A 1 52 ? 12.334  1.871   -2.382  1.00 54.77  ? 49 TYR A CG  1 
ATOM 297 C CD1 . TYR A 1 52 ? 11.647  0.842   -3.019  1.00 56.27  ? 49 TYR A CD1 1 
ATOM 298 C CD2 . TYR A 1 52 ? 12.958  2.841   -3.182  1.00 55.15  ? 49 TYR A CD2 1 
ATOM 299 C CE1 . TYR A 1 52 ? 11.589  0.759   -4.420  1.00 57.36  ? 49 TYR A CE1 1 
ATOM 300 C CE2 . TYR A 1 52 ? 12.905  2.768   -4.590  1.00 55.91  ? 49 TYR A CE2 1 
ATOM 301 C CZ  . TYR A 1 52 ? 12.217  1.723   -5.201  1.00 56.84  ? 49 TYR A CZ  1 
ATOM 302 O OH  . TYR A 1 52 ? 12.170  1.631   -6.579  1.00 57.11  ? 49 TYR A OH  1 
ATOM 303 N N   . THR A 1 53 ? 13.034  0.224   1.948   1.00 54.47  ? 50 THR A N   1 
ATOM 304 C CA  . THR A 1 53 ? 13.167  0.355   3.401   1.00 55.88  ? 50 THR A CA  1 
ATOM 305 C C   . THR A 1 53 ? 14.144  -0.629  4.039   1.00 57.38  ? 50 THR A C   1 
ATOM 306 O O   . THR A 1 53 ? 14.475  -0.506  5.221   1.00 56.02  ? 50 THR A O   1 
ATOM 307 C CB  . THR A 1 53 ? 11.820  0.160   4.104   1.00 54.10  ? 50 THR A CB  1 
ATOM 308 O OG1 . THR A 1 53 ? 11.415  -1.209  3.992   1.00 52.63  ? 50 THR A OG1 1 
ATOM 309 C CG2 . THR A 1 53 ? 10.765  1.063   3.507   1.00 53.04  ? 50 THR A CG2 1 
ATOM 310 N N   . LYS A 1 54 ? 14.577  -1.611  3.254   1.00 59.12  ? 51 LYS A N   1 
ATOM 311 C CA  . LYS A 1 54 ? 15.508  -2.643  3.709   1.00 60.72  ? 51 LYS A CA  1 
ATOM 312 C C   . LYS A 1 54 ? 14.977  -3.402  4.948   1.00 60.79  ? 51 LYS A C   1 
ATOM 313 O O   . LYS A 1 54 ? 15.706  -4.157  5.585   1.00 60.90  ? 51 LYS A O   1 
ATOM 314 C CB  . LYS A 1 54 ? 16.875  -2.010  4.015   1.00 61.95  ? 51 LYS A CB  1 
ATOM 315 C CG  . LYS A 1 54 ? 17.289  -0.859  3.068   1.00 65.10  ? 51 LYS A CG  1 
ATOM 316 C CD  . LYS A 1 54 ? 17.643  -1.330  1.659   1.00 69.01  ? 51 LYS A CD  1 
ATOM 317 C CE  . LYS A 1 54 ? 17.501  -0.215  0.591   1.00 72.20  ? 51 LYS A CE  1 
ATOM 318 N NZ  . LYS A 1 54 ? 18.349  1.014   0.759   1.00 75.47  ? 51 LYS A NZ  1 
ATOM 319 N N   . SER A 1 55 ? 13.695  -3.204  5.272   1.00 59.21  ? 52 SER A N   1 
ATOM 320 C CA  . SER A 1 55 ? 13.043  -3.854  6.427   1.00 56.88  ? 52 SER A CA  1 
ATOM 321 C C   . SER A 1 55 ? 13.007  -5.372  6.297   1.00 56.53  ? 52 SER A C   1 
ATOM 322 O O   . SER A 1 55 ? 13.036  -5.895  5.191   1.00 56.38  ? 52 SER A O   1 
ATOM 323 C CB  . SER A 1 55 ? 11.602  -3.357  6.600   1.00 55.00  ? 52 SER A CB  1 
ATOM 324 O OG  . SER A 1 55 ? 10.948  -4.124  7.602   1.00 50.06  ? 52 SER A OG  1 
ATOM 325 N N   . SER A 1 56 ? 12.920  -6.072  7.425   1.00 56.65  ? 53 SER A N   1 
ATOM 326 C CA  . SER A 1 56 ? 12.881  -7.528  7.412   1.00 56.07  ? 53 SER A CA  1 
ATOM 327 C C   . SER A 1 56 ? 11.824  -8.061  8.375   1.00 56.44  ? 53 SER A C   1 
ATOM 328 O O   . SER A 1 56 ? 11.623  -9.276  8.480   1.00 56.82  ? 53 SER A O   1 
ATOM 329 C CB  . SER A 1 56 ? 14.252  -8.090  7.777   1.00 55.29  ? 53 SER A CB  1 
ATOM 330 O OG  . SER A 1 56 ? 14.579  -7.744  9.103   1.00 53.83  ? 53 SER A OG  1 
ATOM 331 N N   . ASP A 1 57 ? 11.167  -7.141  9.080   1.00 56.79  ? 54 ASP A N   1 
ATOM 332 C CA  . ASP A 1 57 ? 10.091  -7.493  10.001  1.00 55.96  ? 54 ASP A CA  1 
ATOM 333 C C   . ASP A 1 57 ? 8.805   -7.054  9.322   1.00 55.13  ? 54 ASP A C   1 
ATOM 334 O O   . ASP A 1 57 ? 8.459   -5.883  9.326   1.00 55.92  ? 54 ASP A O   1 
ATOM 335 C CB  . ASP A 1 57 ? 10.253  -6.768  11.349  1.00 56.88  ? 54 ASP A CB  1 
ATOM 336 C CG  . ASP A 1 57 ? 9.118   -7.080  12.352  1.00 57.99  ? 54 ASP A CG  1 
ATOM 337 O OD1 . ASP A 1 57 ? 9.341   -6.889  13.569  1.00 56.94  ? 54 ASP A OD1 1 
ATOM 338 O OD2 . ASP A 1 57 ? 8.006   -7.492  11.947  1.00 58.96  ? 54 ASP A OD2 1 
ATOM 339 N N   . ILE A 1 58 ? 8.108   -8.001  8.710   1.00 53.25  ? 55 ILE A N   1 
ATOM 340 C CA  . ILE A 1 58 ? 6.863   -7.688  8.027   1.00 52.17  ? 55 ILE A CA  1 
ATOM 341 C C   . ILE A 1 58 ? 5.688   -8.548  8.453   1.00 51.78  ? 55 ILE A C   1 
ATOM 342 O O   . ILE A 1 58 ? 5.744   -9.780  8.433   1.00 51.54  ? 55 ILE A O   1 
ATOM 343 C CB  . ILE A 1 58 ? 7.046   -7.790  6.519   1.00 51.88  ? 55 ILE A CB  1 
ATOM 344 C CG1 . ILE A 1 58 ? 7.882   -6.598  6.060   1.00 51.58  ? 55 ILE A CG1 1 
ATOM 345 C CG2 . ILE A 1 58 ? 5.691   -7.852  5.817   1.00 49.34  ? 55 ILE A CG2 1 
ATOM 346 C CD1 . ILE A 1 58 ? 8.293   -6.678  4.658   1.00 52.39  ? 55 ILE A CD1 1 
ATOM 347 N N   . HIS A 1 59 ? 4.612   -7.877  8.829   1.00 50.80  ? 56 HIS A N   1 
ATOM 348 C CA  . HIS A 1 59 ? 3.431   -8.572  9.272   1.00 50.89  ? 56 HIS A CA  1 
ATOM 349 C C   . HIS A 1 59 ? 2.271   -8.221  8.365   1.00 51.06  ? 56 HIS A C   1 
ATOM 350 O O   . HIS A 1 59 ? 2.008   -7.051  8.145   1.00 50.31  ? 56 HIS A O   1 
ATOM 351 C CB  . HIS A 1 59 ? 3.118   -8.148  10.695  1.00 48.53  ? 56 HIS A CB  1 
ATOM 352 C CG  . HIS A 1 59 ? 2.008   -8.925  11.324  1.00 47.03  ? 56 HIS A CG  1 
ATOM 353 N ND1 . HIS A 1 59 ? 1.493   -8.594  12.553  1.00 45.91  ? 56 HIS A ND1 1 
ATOM 354 C CD2 . HIS A 1 59 ? 1.340   -10.022 10.905  1.00 46.51  ? 56 HIS A CD2 1 
ATOM 355 C CE1 . HIS A 1 59 ? 0.542   -9.465  12.870  1.00 47.37  ? 56 HIS A CE1 1 
ATOM 356 N NE2 . HIS A 1 59 ? 0.435   -10.337 11.887  1.00 46.74  ? 56 HIS A NE2 1 
ATOM 357 N N   . PHE A 1 60 ? 1.590   -9.227  7.824   1.00 54.07  ? 57 PHE A N   1 
ATOM 358 C CA  . PHE A 1 60 ? 0.450   -8.970  6.948   1.00 58.15  ? 57 PHE A CA  1 
ATOM 359 C C   . PHE A 1 60 ? -0.750  -9.878  7.185   1.00 60.41  ? 57 PHE A C   1 
ATOM 360 O O   . PHE A 1 60 ? -0.679  -11.090 7.066   1.00 61.16  ? 57 PHE A O   1 
ATOM 361 C CB  . PHE A 1 60 ? 0.873   -9.029  5.469   1.00 57.14  ? 57 PHE A CB  1 
ATOM 362 C CG  . PHE A 1 60 ? 1.285   -10.398 4.989   1.00 56.10  ? 57 PHE A CG  1 
ATOM 363 C CD1 . PHE A 1 60 ? 0.325   -11.342 4.608   1.00 54.86  ? 57 PHE A CD1 1 
ATOM 364 C CD2 . PHE A 1 60 ? 2.634   -10.729 4.889   1.00 55.51  ? 57 PHE A CD2 1 
ATOM 365 C CE1 . PHE A 1 60 ? 0.707   -12.602 4.134   1.00 53.52  ? 57 PHE A CE1 1 
ATOM 366 C CE2 . PHE A 1 60 ? 3.025   -11.976 4.421   1.00 55.01  ? 57 PHE A CE2 1 
ATOM 367 C CZ  . PHE A 1 60 ? 2.056   -12.917 4.038   1.00 54.17  ? 57 PHE A CZ  1 
ATOM 368 N N   . LYS A 1 61 ? -1.868  -9.266  7.543   1.00 63.08  ? 58 LYS A N   1 
ATOM 369 C CA  . LYS A 1 61 ? -3.093  -10.010 7.787   1.00 65.15  ? 58 LYS A CA  1 
ATOM 370 C C   . LYS A 1 61 ? -4.132  -9.525  6.798   1.00 67.50  ? 58 LYS A C   1 
ATOM 371 O O   . LYS A 1 61 ? -3.863  -8.608  6.018   1.00 66.01  ? 58 LYS A O   1 
ATOM 372 C CB  . LYS A 1 61 ? -3.582  -9.792  9.222   1.00 64.06  ? 58 LYS A CB  1 
ATOM 373 C CG  . LYS A 1 61 ? -3.272  -8.430  9.845   1.00 63.29  ? 58 LYS A CG  1 
ATOM 374 C CD  . LYS A 1 61 ? -4.083  -8.215  11.135  1.00 62.69  ? 58 LYS A CD  1 
ATOM 375 C CE  . LYS A 1 61 ? -3.609  -7.033  12.006  1.00 61.29  ? 58 LYS A CE  1 
ATOM 376 N NZ  . LYS A 1 61 ? -2.538  -7.389  12.995  1.00 59.68  ? 58 LYS A NZ  1 
ATOM 377 N N   . THR A 1 62 ? -5.313  -10.136 6.826   1.00 71.49  ? 59 THR A N   1 
ATOM 378 C CA  . THR A 1 62 ? -6.380  -9.748  5.910   1.00 75.62  ? 59 THR A CA  1 
ATOM 379 C C   . THR A 1 62 ? -7.529  -8.914  6.500   1.00 79.53  ? 59 THR A C   1 
ATOM 380 O O   . THR A 1 62 ? -7.654  -7.742  6.176   1.00 81.27  ? 59 THR A O   1 
ATOM 381 C CB  . THR A 1 62 ? -6.925  -10.983 5.179   1.00 74.70  ? 59 THR A CB  1 
ATOM 382 O OG1 . THR A 1 62 ? -6.082  -11.248 4.050   1.00 74.09  ? 59 THR A OG1 1 
ATOM 383 C CG2 . THR A 1 62 ? -8.356  -10.758 4.705   1.00 75.18  ? 59 THR A CG2 1 
ATOM 384 N N   . LEU A 1 63 ? -8.381  -9.481  7.347   1.00 81.64  ? 60 LEU A N   1 
ATOM 385 C CA  . LEU A 1 63 ? -9.461  -8.666  7.918   1.00 83.22  ? 60 LEU A CA  1 
ATOM 386 C C   . LEU A 1 63 ? -9.013  -8.091  9.253   1.00 82.87  ? 60 LEU A C   1 
ATOM 387 O O   . LEU A 1 63 ? -8.057  -7.318  9.313   1.00 82.30  ? 60 LEU A O   1 
ATOM 388 C CB  . LEU A 1 63 ? -10.733 -9.492  8.119   1.00 84.63  ? 60 LEU A CB  1 
ATOM 389 C CG  . LEU A 1 63 ? -11.906 -9.226  7.178   1.00 84.79  ? 60 LEU A CG  1 
ATOM 390 C CD1 . LEU A 1 63 ? -12.745 -10.502 7.073   1.00 84.87  ? 60 LEU A CD1 1 
ATOM 391 C CD2 . LEU A 1 63 ? -12.731 -8.043  7.686   1.00 83.79  ? 60 LEU A CD2 1 
ATOM 392 N N   . GLN A 1 67 ? -16.151 -4.103  7.866   1.00 118.52 ? 64 GLN A N   1 
ATOM 393 C CA  . GLN A 1 67 ? -17.362 -4.075  7.049   1.00 118.34 ? 64 GLN A CA  1 
ATOM 394 C C   . GLN A 1 67 ? -17.351 -5.193  6.028   1.00 115.21 ? 64 GLN A C   1 
ATOM 395 O O   . GLN A 1 67 ? -16.967 -6.320  6.341   1.00 114.02 ? 64 GLN A O   1 
ATOM 396 C CB  . GLN A 1 67 ? -17.486 -2.753  6.302   1.00 119.22 ? 64 GLN A CB  1 
ATOM 397 C CG  . GLN A 1 67 ? -17.748 -1.556  7.178   1.00 121.13 ? 64 GLN A CG  1 
ATOM 398 C CD  . GLN A 1 67 ? -19.021 -1.686  8.007   1.00 123.91 ? 64 GLN A CD  1 
ATOM 399 O OE1 . GLN A 1 67 ? -19.836 -2.587  7.802   1.00 125.69 ? 64 GLN A OE1 1 
ATOM 400 N NE2 . GLN A 1 67 ? -19.198 -0.768  8.946   1.00 125.21 ? 64 GLN A NE2 1 
ATOM 401 N N   . SER A 1 68 ? -17.766 -4.858  4.806   1.00 112.15 ? 65 SER A N   1 
ATOM 402 C CA  . SER A 1 68 ? -17.820 -5.799  3.687   1.00 106.77 ? 65 SER A CA  1 
ATOM 403 C C   . SER A 1 68 ? -16.701 -5.455  2.706   1.00 104.17 ? 65 SER A C   1 
ATOM 404 O O   . SER A 1 68 ? -16.616 -5.985  1.589   1.00 104.44 ? 65 SER A O   1 
ATOM 405 C CB  . SER A 1 68 ? -19.172 -5.698  2.993   1.00 107.00 ? 65 SER A CB  1 
ATOM 406 O OG  . SER A 1 68 ? -19.367 -4.386  2.492   1.00 106.99 ? 65 SER A OG  1 
ATOM 407 N N   . VAL A 1 69 ? -15.845 -4.544  3.150   1.00 99.90  ? 66 VAL A N   1 
ATOM 408 C CA  . VAL A 1 69 ? -14.696 -4.117  2.380   1.00 94.13  ? 66 VAL A CA  1 
ATOM 409 C C   . VAL A 1 69 ? -13.620 -5.028  2.923   1.00 90.15  ? 66 VAL A C   1 
ATOM 410 O O   . VAL A 1 69 ? -13.667 -5.385  4.096   1.00 89.46  ? 66 VAL A O   1 
ATOM 411 C CB  . VAL A 1 69 ? -14.271 -2.705  2.749   1.00 94.48  ? 66 VAL A CB  1 
ATOM 412 C CG1 . VAL A 1 69 ? -13.173 -2.254  1.814   1.00 94.22  ? 66 VAL A CG1 1 
ATOM 413 C CG2 . VAL A 1 69 ? -15.463 -1.771  2.736   1.00 94.22  ? 66 VAL A CG2 1 
ATOM 414 N N   . GLU A 1 70 ? -12.662 -5.440  2.108   1.00 84.49  ? 67 GLU A N   1 
ATOM 415 C CA  . GLU A 1 70 ? -11.621 -6.288  2.664   1.00 80.13  ? 67 GLU A CA  1 
ATOM 416 C C   . GLU A 1 70 ? -10.306 -5.567  2.542   1.00 74.88  ? 67 GLU A C   1 
ATOM 417 O O   . GLU A 1 70 ? -9.916  -5.088  1.483   1.00 74.73  ? 67 GLU A O   1 
ATOM 418 C CB  . GLU A 1 70 ? -11.590 -7.666  2.004   1.00 83.68  ? 67 GLU A CB  1 
ATOM 419 C CG  . GLU A 1 70 ? -10.728 -7.845  0.795   1.00 86.41  ? 67 GLU A CG  1 
ATOM 420 C CD  . GLU A 1 70 ? -10.995 -9.192  0.152   1.00 89.42  ? 67 GLU A CD  1 
ATOM 421 O OE1 . GLU A 1 70 ? -11.114 -9.240  -1.085  1.00 91.11  ? 67 GLU A OE1 1 
ATOM 422 O OE2 . GLU A 1 70 ? -11.091 -10.206 0.881   1.00 90.70  ? 67 GLU A OE2 1 
ATOM 423 N N   . THR A 1 71 ? -9.630  -5.497  3.672   1.00 69.07  ? 68 THR A N   1 
ATOM 424 C CA  . THR A 1 71 ? -8.390  -4.774  3.792   1.00 61.75  ? 68 THR A CA  1 
ATOM 425 C C   . THR A 1 71 ? -7.131  -5.556  4.070   1.00 58.16  ? 68 THR A C   1 
ATOM 426 O O   . THR A 1 71 ? -6.874  -5.877  5.213   1.00 56.96  ? 68 THR A O   1 
ATOM 427 C CB  . THR A 1 71 ? -8.539  -3.760  4.906   1.00 62.00  ? 68 THR A CB  1 
ATOM 428 O OG1 . THR A 1 71 ? -9.697  -2.960  4.650   1.00 63.07  ? 68 THR A OG1 1 
ATOM 429 C CG2 . THR A 1 71 ? -7.301  -2.911  5.027   1.00 61.82  ? 68 THR A CG2 1 
ATOM 430 N N   . ILE A 1 72 ? -6.338  -5.845  3.044   1.00 54.25  ? 69 ILE A N   1 
ATOM 431 C CA  . ILE A 1 72 ? -5.073  -6.541  3.266   1.00 51.09  ? 69 ILE A CA  1 
ATOM 432 C C   . ILE A 1 72 ? -4.212  -5.527  4.033   1.00 50.26  ? 69 ILE A C   1 
ATOM 433 O O   . ILE A 1 72 ? -3.779  -4.520  3.469   1.00 48.00  ? 69 ILE A O   1 
ATOM 434 C CB  . ILE A 1 72 ? -4.335  -6.854  1.972   1.00 51.70  ? 69 ILE A CB  1 
ATOM 435 C CG1 . ILE A 1 72 ? -5.310  -7.382  0.913   1.00 51.70  ? 69 ILE A CG1 1 
ATOM 436 C CG2 . ILE A 1 72 ? -3.185  -7.824  2.282   1.00 50.31  ? 69 ILE A CG2 1 
ATOM 437 C CD1 . ILE A 1 72 ? -5.898  -8.669  1.273   1.00 55.49  ? 69 ILE A CD1 1 
ATOM 438 N N   . GLU A 1 73 ? -3.963  -5.796  5.312   1.00 49.64  ? 70 GLU A N   1 
ATOM 439 C CA  . GLU A 1 73 ? -3.200  -4.893  6.168   1.00 48.05  ? 70 GLU A CA  1 
ATOM 440 C C   . GLU A 1 73 ? -1.776  -5.387  6.282   1.00 46.61  ? 70 GLU A C   1 
ATOM 441 O O   . GLU A 1 73 ? -1.546  -6.570  6.427   1.00 46.10  ? 70 GLU A O   1 
ATOM 442 C CB  . GLU A 1 73 ? -3.859  -4.847  7.552   1.00 50.12  ? 70 GLU A CB  1 
ATOM 443 C CG  . GLU A 1 73 ? -3.542  -3.606  8.386   1.00 55.46  ? 70 GLU A CG  1 
ATOM 444 C CD  . GLU A 1 73 ? -4.528  -3.377  9.535   1.00 58.73  ? 70 GLU A CD  1 
ATOM 445 O OE1 . GLU A 1 73 ? -4.706  -4.291  10.374  1.00 61.42  ? 70 GLU A OE1 1 
ATOM 446 O OE2 . GLU A 1 73 ? -5.118  -2.275  9.609   1.00 59.36  ? 70 GLU A OE2 1 
ATOM 447 N N   . VAL A 1 74 ? -0.818  -4.471  6.213   1.00 45.69  ? 71 VAL A N   1 
ATOM 448 C CA  . VAL A 1 74 ? 0.595   -4.827  6.293   1.00 45.75  ? 71 VAL A CA  1 
ATOM 449 C C   . VAL A 1 74 ? 1.412   -3.878  7.160   1.00 47.04  ? 71 VAL A C   1 
ATOM 450 O O   . VAL A 1 74 ? 1.615   -2.719  6.795   1.00 46.69  ? 71 VAL A O   1 
ATOM 451 C CB  . VAL A 1 74 ? 1.254   -4.865  4.900   1.00 44.72  ? 71 VAL A CB  1 
ATOM 452 C CG1 . VAL A 1 74 ? 2.733   -5.126  5.048   1.00 43.31  ? 71 VAL A CG1 1 
ATOM 453 C CG2 . VAL A 1 74 ? 0.657   -5.960  4.078   1.00 43.20  ? 71 VAL A CG2 1 
ATOM 454 N N   . GLU A 1 75 ? 1.890   -4.395  8.296   1.00 49.60  ? 72 GLU A N   1 
ATOM 455 C CA  . GLU A 1 75 ? 2.697   -3.635  9.239   1.00 51.35  ? 72 GLU A CA  1 
ATOM 456 C C   . GLU A 1 75 ? 4.166   -3.913  8.998   1.00 50.18  ? 72 GLU A C   1 
ATOM 457 O O   . GLU A 1 75 ? 4.635   -5.049  8.963   1.00 49.66  ? 72 GLU A O   1 
ATOM 458 C CB  . GLU A 1 75 ? 2.312   -3.974  10.683  1.00 55.28  ? 72 GLU A CB  1 
ATOM 459 C CG  . GLU A 1 75 ? 0.873   -3.634  11.045  1.00 61.24  ? 72 GLU A CG  1 
ATOM 460 C CD  . GLU A 1 75 ? -0.201  -4.540  10.389  1.00 65.07  ? 72 GLU A CD  1 
ATOM 461 O OE1 . GLU A 1 75 ? -1.388  -4.146  10.383  1.00 66.59  ? 72 GLU A OE1 1 
ATOM 462 O OE2 . GLU A 1 75 ? 0.112   -5.649  9.896   1.00 66.62  ? 72 GLU A OE2 1 
ATOM 463 N N   . ILE A 1 76 ? 4.890   -2.821  8.852   1.00 49.76  ? 73 ILE A N   1 
ATOM 464 C CA  . ILE A 1 76 ? 6.296   -2.852  8.550   1.00 50.05  ? 73 ILE A CA  1 
ATOM 465 C C   . ILE A 1 76 ? 7.167   -2.091  9.544   1.00 50.01  ? 73 ILE A C   1 
ATOM 466 O O   . ILE A 1 76 ? 7.073   -0.879  9.668   1.00 50.22  ? 73 ILE A O   1 
ATOM 467 C CB  . ILE A 1 76 ? 6.497   -2.263  7.133   1.00 50.69  ? 73 ILE A CB  1 
ATOM 468 C CG1 . ILE A 1 76 ? 5.561   -2.980  6.136   1.00 50.69  ? 73 ILE A CG1 1 
ATOM 469 C CG2 . ILE A 1 76 ? 7.961   -2.369  6.737   1.00 49.93  ? 73 ILE A CG2 1 
ATOM 470 C CD1 . ILE A 1 76 ? 5.345   -2.271  4.800   1.00 48.54  ? 73 ILE A CD1 1 
ATOM 471 N N   . ILE A 1 77 ? 8.028   -2.819  10.240  1.00 50.11  ? 74 ILE A N   1 
ATOM 472 C CA  . ILE A 1 77 ? 8.943   -2.212  11.187  1.00 50.22  ? 74 ILE A CA  1 
ATOM 473 C C   . ILE A 1 77 ? 10.239  -1.843  10.482  1.00 52.35  ? 74 ILE A C   1 
ATOM 474 O O   . ILE A 1 77 ? 10.927  -2.704  9.954   1.00 53.35  ? 74 ILE A O   1 
ATOM 475 C CB  . ILE A 1 77 ? 9.266   -3.174  12.344  1.00 49.36  ? 74 ILE A CB  1 
ATOM 476 C CG1 . ILE A 1 77 ? 8.066   -3.314  13.274  1.00 49.72  ? 74 ILE A CG1 1 
ATOM 477 C CG2 . ILE A 1 77 ? 10.431  -2.673  13.106  1.00 49.84  ? 74 ILE A CG2 1 
ATOM 478 C CD1 . ILE A 1 77 ? 6.962   -4.130  12.673  1.00 52.94  ? 74 ILE A CD1 1 
ATOM 479 N N   . LEU A 1 78 ? 10.577  -0.557  10.493  1.00 52.61  ? 75 LEU A N   1 
ATOM 480 C CA  . LEU A 1 78 ? 11.806  -0.072  9.861   1.00 52.33  ? 75 LEU A CA  1 
ATOM 481 C C   . LEU A 1 78 ? 13.071  -0.413  10.645  1.00 52.74  ? 75 LEU A C   1 
ATOM 482 O O   . LEU A 1 78 ? 13.045  -0.554  11.865  1.00 53.90  ? 75 LEU A O   1 
ATOM 483 C CB  . LEU A 1 78 ? 11.750  1.448   9.653   1.00 51.76  ? 75 LEU A CB  1 
ATOM 484 C CG  . LEU A 1 78 ? 10.640  2.040   8.792   1.00 50.18  ? 75 LEU A CG  1 
ATOM 485 C CD1 . LEU A 1 78 ? 10.835  3.552   8.644   1.00 49.48  ? 75 LEU A CD1 1 
ATOM 486 C CD2 . LEU A 1 78 ? 10.645  1.359   7.446   1.00 49.25  ? 75 LEU A CD2 1 
ATOM 487 N N   . PRO A 1 79 ? 14.200  -0.552  9.942   1.00 52.53  ? 76 PRO A N   1 
ATOM 488 C CA  . PRO A 1 79 ? 15.481  -0.875  10.568  1.00 51.58  ? 76 PRO A CA  1 
ATOM 489 C C   . PRO A 1 79 ? 16.044  0.242   11.450  1.00 52.28  ? 76 PRO A C   1 
ATOM 490 O O   . PRO A 1 79 ? 16.197  1.388   11.022  1.00 52.49  ? 76 PRO A O   1 
ATOM 491 C CB  . PRO A 1 79 ? 16.372  -1.184  9.369   1.00 51.01  ? 76 PRO A CB  1 
ATOM 492 C CG  . PRO A 1 79 ? 15.386  -1.702  8.342   1.00 50.75  ? 76 PRO A CG  1 
ATOM 493 C CD  . PRO A 1 79 ? 14.275  -0.716  8.481   1.00 51.55  ? 76 PRO A CD  1 
ATOM 494 N N   . ALA B 1 19 ? -21.249 0.721   -9.694  1.00 78.99  ? 16 ALA B N   1 
ATOM 495 C CA  . ALA B 1 19 ? -21.094 1.428   -10.954 1.00 81.92  ? 16 ALA B CA  1 
ATOM 496 C C   . ALA B 1 19 ? -19.692 1.212   -11.497 1.00 81.50  ? 16 ALA B C   1 
ATOM 497 O O   . ALA B 1 19 ? -19.528 0.915   -12.675 1.00 82.71  ? 16 ALA B O   1 
ATOM 498 C CB  . ALA B 1 19 ? -21.360 2.917   -10.756 1.00 80.56  ? 16 ALA B CB  1 
ATOM 499 N N   . THR B 1 20 ? -18.689 1.353   -10.626 1.00 81.22  ? 17 THR B N   1 
ATOM 500 C CA  . THR B 1 20 ? -17.279 1.178   -10.999 1.00 79.12  ? 17 THR B CA  1 
ATOM 501 C C   . THR B 1 20 ? -16.464 0.436   -9.918  1.00 78.48  ? 17 THR B C   1 
ATOM 502 O O   . THR B 1 20 ? -16.562 0.758   -8.740  1.00 79.60  ? 17 THR B O   1 
ATOM 503 C CB  . THR B 1 20 ? -16.625 2.564   -11.296 1.00 79.10  ? 17 THR B CB  1 
ATOM 504 O OG1 . THR B 1 20 ? -15.394 2.379   -12.003 1.00 78.08  ? 17 THR B OG1 1 
ATOM 505 C CG2 . THR B 1 20 ? -16.327 3.318   -9.999  1.00 78.31  ? 17 THR B CG2 1 
ATOM 506 N N   . ASP B 1 21 ? -15.659 -0.549  -10.320 1.00 75.89  ? 18 ASP B N   1 
ATOM 507 C CA  . ASP B 1 21 ? -14.855 -1.319  -9.361  1.00 73.21  ? 18 ASP B CA  1 
ATOM 508 C C   . ASP B 1 21 ? -13.546 -0.649  -8.994  1.00 69.90  ? 18 ASP B C   1 
ATOM 509 O O   . ASP B 1 21 ? -12.604 -0.609  -9.776  1.00 68.85  ? 18 ASP B O   1 
ATOM 510 C CB  . ASP B 1 21 ? -14.585 -2.739  -9.880  1.00 75.64  ? 18 ASP B CB  1 
ATOM 511 C CG  . ASP B 1 21 ? -15.779 -3.671  -9.700  1.00 77.35  ? 18 ASP B CG  1 
ATOM 512 O OD1 . ASP B 1 21 ? -16.311 -3.758  -8.567  1.00 78.58  ? 18 ASP B OD1 1 
ATOM 513 O OD2 . ASP B 1 21 ? -16.178 -4.332  -10.688 1.00 79.30  ? 18 ASP B OD2 1 
ATOM 514 N N   . ARG B 1 22 ? -13.494 -0.155  -7.768  1.00 67.81  ? 19 ARG B N   1 
ATOM 515 C CA  . ARG B 1 22 ? -12.333 0.551   -7.276  1.00 65.56  ? 19 ARG B CA  1 
ATOM 516 C C   . ARG B 1 22 ? -11.425 -0.232  -6.348  1.00 64.04  ? 19 ARG B C   1 
ATOM 517 O O   . ARG B 1 22 ? -11.782 -1.285  -5.827  1.00 65.44  ? 19 ARG B O   1 
ATOM 518 C CB  . ARG B 1 22 ? -12.811 1.834   -6.608  1.00 65.19  ? 19 ARG B CB  1 
ATOM 519 C CG  . ARG B 1 22 ? -13.468 2.757   -7.617  1.00 66.37  ? 19 ARG B CG  1 
ATOM 520 C CD  . ARG B 1 22 ? -14.507 3.704   -7.009  1.00 67.72  ? 19 ARG B CD  1 
ATOM 521 N NE  . ARG B 1 22 ? -14.798 4.814   -7.922  1.00 69.49  ? 19 ARG B NE  1 
ATOM 522 C CZ  . ARG B 1 22 ? -15.544 5.880   -7.629  1.00 70.13  ? 19 ARG B CZ  1 
ATOM 523 N NH1 . ARG B 1 22 ? -16.115 6.007   -6.437  1.00 71.50  ? 19 ARG B NH1 1 
ATOM 524 N NH2 . ARG B 1 22 ? -15.685 6.850   -8.525  1.00 69.47  ? 19 ARG B NH2 1 
ATOM 525 N N   . LEU B 1 23 ? -10.234 0.326   -6.163  1.00 62.43  ? 20 LEU B N   1 
ATOM 526 C CA  . LEU B 1 23 ? -9.175  -0.224  -5.325  1.00 59.21  ? 20 LEU B CA  1 
ATOM 527 C C   . LEU B 1 23 ? -8.586  0.975   -4.574  1.00 58.61  ? 20 LEU B C   1 
ATOM 528 O O   . LEU B 1 23 ? -8.526  2.076   -5.125  1.00 58.25  ? 20 LEU B O   1 
ATOM 529 C CB  . LEU B 1 23 ? -8.099  -0.832  -6.225  1.00 57.00  ? 20 LEU B CB  1 
ATOM 530 C CG  . LEU B 1 23 ? -7.538  -2.227  -5.957  1.00 55.31  ? 20 LEU B CG  1 
ATOM 531 C CD1 . LEU B 1 23 ? -8.624  -3.253  -6.208  1.00 54.38  ? 20 LEU B CD1 1 
ATOM 532 C CD2 . LEU B 1 23 ? -6.336  -2.492  -6.860  1.00 53.99  ? 20 LEU B CD2 1 
ATOM 533 N N   . LYS B 1 24 ? -8.174  0.783   -3.325  1.00 57.66  ? 21 LYS B N   1 
ATOM 534 C CA  . LYS B 1 24 ? -7.573  1.887   -2.571  1.00 57.86  ? 21 LYS B CA  1 
ATOM 535 C C   . LYS B 1 24 ? -6.384  1.437   -1.725  1.00 55.38  ? 21 LYS B C   1 
ATOM 536 O O   . LYS B 1 24 ? -6.396  0.378   -1.124  1.00 55.26  ? 21 LYS B O   1 
ATOM 537 C CB  . LYS B 1 24 ? -8.635  2.607   -1.718  1.00 61.33  ? 21 LYS B CB  1 
ATOM 538 C CG  . LYS B 1 24 ? -8.162  3.906   -1.076  1.00 65.00  ? 21 LYS B CG  1 
ATOM 539 C CD  . LYS B 1 24 ? -9.309  4.697   -0.443  1.00 67.43  ? 21 LYS B CD  1 
ATOM 540 C CE  . LYS B 1 24 ? -8.856  6.024   0.176   1.00 67.26  ? 21 LYS B CE  1 
ATOM 541 N NZ  . LYS B 1 24 ? -9.944  6.730   0.919   1.00 65.77  ? 21 LYS B NZ  1 
ATOM 542 N N   . LEU B 1 25 ? -5.342  2.255   -1.710  1.00 52.92  ? 22 LEU B N   1 
ATOM 543 C CA  . LEU B 1 25 ? -4.135  1.924   -0.974  1.00 52.01  ? 22 LEU B CA  1 
ATOM 544 C C   . LEU B 1 25 ? -3.669  3.034   -0.046  1.00 51.04  ? 22 LEU B C   1 
ATOM 545 O O   . LEU B 1 25 ? -3.648  4.202   -0.417  1.00 51.44  ? 22 LEU B O   1 
ATOM 546 C CB  . LEU B 1 25 ? -3.017  1.558   -1.960  1.00 51.82  ? 22 LEU B CB  1 
ATOM 547 C CG  . LEU B 1 25 ? -1.628  1.184   -1.433  1.00 52.39  ? 22 LEU B CG  1 
ATOM 548 C CD1 . LEU B 1 25 ? -0.907  0.342   -2.463  1.00 53.04  ? 22 LEU B CD1 1 
ATOM 549 C CD2 . LEU B 1 25 ? -0.823  2.424   -1.139  1.00 52.73  ? 22 LEU B CD2 1 
ATOM 550 N N   . ILE B 1 26 ? -3.307  2.654   1.174   1.00 50.52  ? 23 ILE B N   1 
ATOM 551 C CA  . ILE B 1 26 ? -2.826  3.605   2.155   1.00 49.27  ? 23 ILE B CA  1 
ATOM 552 C C   . ILE B 1 26 ? -1.441  3.224   2.642   1.00 49.66  ? 23 ILE B C   1 
ATOM 553 O O   . ILE B 1 26 ? -1.201  2.086   3.038   1.00 48.93  ? 23 ILE B O   1 
ATOM 554 C CB  . ILE B 1 26 ? -3.688  3.655   3.397   1.00 48.94  ? 23 ILE B CB  1 
ATOM 555 C CG1 . ILE B 1 26 ? -5.119  4.023   3.026   1.00 49.57  ? 23 ILE B CG1 1 
ATOM 556 C CG2 . ILE B 1 26 ? -3.051  4.627   4.392   1.00 47.60  ? 23 ILE B CG2 1 
ATOM 557 C CD1 . ILE B 1 26 ? -5.240  5.387   2.499   1.00 53.80  ? 23 ILE B CD1 1 
ATOM 558 N N   . LEU B 1 27 ? -0.518  4.178   2.589   1.00 49.84  ? 24 LEU B N   1 
ATOM 559 C CA  . LEU B 1 27 ? 0.834   3.963   3.080   1.00 49.39  ? 24 LEU B CA  1 
ATOM 560 C C   . LEU B 1 27 ? 0.931   5.041   4.131   1.00 50.42  ? 24 LEU B C   1 
ATOM 561 O O   . LEU B 1 27 ? 0.955   6.229   3.829   1.00 49.88  ? 24 LEU B O   1 
ATOM 562 C CB  . LEU B 1 27 ? 1.891   4.182   1.996   1.00 47.80  ? 24 LEU B CB  1 
ATOM 563 C CG  . LEU B 1 27 ? 3.077   3.198   2.061   1.00 47.20  ? 24 LEU B CG  1 
ATOM 564 C CD1 . LEU B 1 27 ? 4.133   3.580   1.073   1.00 46.38  ? 24 LEU B CD1 1 
ATOM 565 C CD2 . LEU B 1 27 ? 3.711   3.204   3.423   1.00 45.79  ? 24 LEU B CD2 1 
ATOM 566 N N   . ALA B 1 28 ? 0.935   4.611   5.382   1.00 52.37  ? 25 ALA B N   1 
ATOM 567 C CA  . ALA B 1 28 ? 0.991   5.523   6.504   1.00 54.89  ? 25 ALA B CA  1 
ATOM 568 C C   . ALA B 1 28 ? 2.296   5.481   7.271   1.00 57.58  ? 25 ALA B C   1 
ATOM 569 O O   . ALA B 1 28 ? 2.928   4.433   7.406   1.00 57.67  ? 25 ALA B O   1 
ATOM 570 C CB  . ALA B 1 28 ? -0.156  5.234   7.438   1.00 53.01  ? 25 ALA B CB  1 
ATOM 571 N N   . LYS B 1 29 ? 2.698   6.651   7.756   1.00 61.78  ? 26 LYS B N   1 
ATOM 572 C CA  . LYS B 1 29 ? 3.909   6.788   8.542   1.00 67.60  ? 26 LYS B CA  1 
ATOM 573 C C   . LYS B 1 29 ? 3.755   7.990   9.453   1.00 72.26  ? 26 LYS B C   1 
ATOM 574 O O   . LYS B 1 29 ? 2.836   8.795   9.311   1.00 73.48  ? 26 LYS B O   1 
ATOM 575 C CB  . LYS B 1 29 ? 5.141   6.968   7.653   1.00 62.25  ? 26 LYS B CB  1 
ATOM 576 C CG  . LYS B 1 29 ? 5.334   8.361   7.085   1.00 56.78  ? 26 LYS B CG  1 
ATOM 577 C CD  . LYS B 1 29 ? 6.721   8.498   6.505   1.00 52.31  ? 26 LYS B CD  1 
ATOM 578 C CE  . LYS B 1 29 ? 7.420   9.759   7.006   1.00 50.36  ? 26 LYS B CE  1 
ATOM 579 N NZ  . LYS B 1 29 ? 6.973   11.020  6.355   1.00 47.87  ? 26 LYS B NZ  1 
ATOM 580 N N   . GLU B 1 30 ? 4.649   8.093   10.417  1.00 79.09  ? 27 GLU B N   1 
ATOM 581 C CA  . GLU B 1 30 ? 4.603   9.204   11.336  1.00 87.08  ? 27 GLU B CA  1 
ATOM 582 C C   . GLU B 1 30 ? 5.266   10.322  10.556  1.00 88.12  ? 27 GLU B C   1 
ATOM 583 O O   . GLU B 1 30 ? 6.368   10.146  10.034  1.00 90.73  ? 27 GLU B O   1 
ATOM 584 C CB  . GLU B 1 30 ? 5.343   8.812   12.617  1.00 92.54  ? 27 GLU B CB  1 
ATOM 585 C CG  . GLU B 1 30 ? 4.624   7.662   13.369  1.00 99.63  ? 27 GLU B CG  1 
ATOM 586 C CD  . GLU B 1 30 ? 5.562   6.752   14.179  1.00 104.65 ? 27 GLU B CD  1 
ATOM 587 O OE1 . GLU B 1 30 ? 6.591   6.312   13.618  1.00 106.24 ? 27 GLU B OE1 1 
ATOM 588 O OE2 . GLU B 1 30 ? 5.262   6.452   15.366  1.00 106.80 ? 27 GLU B OE2 1 
ATOM 589 N N   . ARG B 1 31 ? 4.567   11.448  10.443  1.00 90.48  ? 28 ARG B N   1 
ATOM 590 C CA  . ARG B 1 31 ? 5.044   12.595  9.683   1.00 91.92  ? 28 ARG B CA  1 
ATOM 591 C C   . ARG B 1 31 ? 6.405   13.148  10.074  1.00 92.06  ? 28 ARG B C   1 
ATOM 592 O O   . ARG B 1 31 ? 7.070   13.777  9.248   1.00 91.80  ? 28 ARG B O   1 
ATOM 593 C CB  . ARG B 1 31 ? 4.021   13.720  9.746   1.00 93.65  ? 28 ARG B CB  1 
ATOM 594 C CG  . ARG B 1 31 ? 4.500   14.992  9.075   1.00 96.77  ? 28 ARG B CG  1 
ATOM 595 C CD  . ARG B 1 31 ? 3.415   16.055  9.018   1.00 100.40 ? 28 ARG B CD  1 
ATOM 596 N NE  . ARG B 1 31 ? 3.818   17.289  9.697   1.00 101.60 ? 28 ARG B NE  1 
ATOM 597 C CZ  . ARG B 1 31 ? 3.364   18.506  9.395   1.00 101.94 ? 28 ARG B CZ  1 
ATOM 598 N NH1 . ARG B 1 31 ? 2.484   18.670  8.413   1.00 100.82 ? 28 ARG B NH1 1 
ATOM 599 N NH2 . ARG B 1 31 ? 3.789   19.562  10.079  1.00 100.85 ? 28 ARG B NH2 1 
ATOM 600 N N   . THR B 1 32 ? 6.800   12.951  11.331  1.00 94.10  ? 29 THR B N   1 
ATOM 601 C CA  . THR B 1 32 ? 8.103   13.417  11.818  1.00 94.02  ? 29 THR B CA  1 
ATOM 602 C C   . THR B 1 32 ? 9.200   12.691  11.031  1.00 96.42  ? 29 THR B C   1 
ATOM 603 O O   . THR B 1 32 ? 10.023  13.313  10.359  1.00 98.72  ? 29 THR B O   1 
ATOM 604 C CB  . THR B 1 32 ? 8.288   13.120  13.350  1.00 92.71  ? 29 THR B CB  1 
ATOM 605 O OG1 . THR B 1 32 ? 7.857   14.252  14.119  1.00 92.45  ? 29 THR B OG1 1 
ATOM 606 C CG2 . THR B 1 32 ? 9.769   12.789  13.689  1.00 92.33  ? 29 THR B CG2 1 
ATOM 607 N N   . LEU B 1 33 ? 9.185   11.365  11.135  1.00 94.95  ? 30 LEU B N   1 
ATOM 608 C CA  . LEU B 1 33 ? 10.128  10.460  10.492  1.00 93.07  ? 30 LEU B CA  1 
ATOM 609 C C   . LEU B 1 33 ? 10.539  10.837  9.063   1.00 90.14  ? 30 LEU B C   1 
ATOM 610 O O   . LEU B 1 33 ? 9.709   11.017  8.178   1.00 88.82  ? 30 LEU B O   1 
ATOM 611 C CB  . LEU B 1 33 ? 9.528   9.055   10.549  1.00 94.12  ? 30 LEU B CB  1 
ATOM 612 C CG  . LEU B 1 33 ? 10.372  7.852   10.167  1.00 94.66  ? 30 LEU B CG  1 
ATOM 613 C CD1 . LEU B 1 33 ? 10.025  7.487   8.765   1.00 93.64  ? 30 LEU B CD1 1 
ATOM 614 C CD2 . LEU B 1 33 ? 11.855  8.141   10.335  1.00 94.66  ? 30 LEU B CD2 1 
ATOM 615 N N   . ASN B 1 34 ? 11.846  10.927  8.852   1.00 86.70  ? 31 ASN B N   1 
ATOM 616 C CA  . ASN B 1 34 ? 12.416  11.311  7.567   1.00 84.87  ? 31 ASN B CA  1 
ATOM 617 C C   . ASN B 1 34 ? 12.730  10.141  6.649   1.00 82.08  ? 31 ASN B C   1 
ATOM 618 O O   . ASN B 1 34 ? 13.686  9.407   6.878   1.00 82.55  ? 31 ASN B O   1 
ATOM 619 C CB  . ASN B 1 34 ? 13.686  12.121  7.806   1.00 86.25  ? 31 ASN B CB  1 
ATOM 620 C CG  . ASN B 1 34 ? 14.310  12.609  6.526   1.00 87.14  ? 31 ASN B CG  1 
ATOM 621 O OD1 . ASN B 1 34 ? 14.788  11.818  5.715   1.00 89.38  ? 31 ASN B OD1 1 
ATOM 622 N ND2 . ASN B 1 34 ? 14.305  13.921  6.331   1.00 88.84  ? 31 ASN B ND2 1 
ATOM 623 N N   . LEU B 1 35 ? 11.923  9.982   5.601   1.00 81.24  ? 32 LEU B N   1 
ATOM 624 C CA  . LEU B 1 35 ? 12.119  8.904   4.638   1.00 78.97  ? 32 LEU B CA  1 
ATOM 625 C C   . LEU B 1 35 ? 12.390  9.427   3.250   1.00 77.12  ? 32 LEU B C   1 
ATOM 626 O O   . LEU B 1 35 ? 11.475  9.658   2.458   1.00 78.36  ? 32 LEU B O   1 
ATOM 627 C CB  . LEU B 1 35 ? 10.914  7.980   4.605   1.00 77.22  ? 32 LEU B CB  1 
ATOM 628 C CG  . LEU B 1 35 ? 10.771  7.235   5.924   1.00 76.49  ? 32 LEU B CG  1 
ATOM 629 C CD1 . LEU B 1 35 ? 9.735   6.144   5.764   1.00 75.33  ? 32 LEU B CD1 1 
ATOM 630 C CD2 . LEU B 1 35 ? 12.119  6.650   6.349   1.00 75.90  ? 32 LEU B CD2 1 
ATOM 631 N N   . PRO B 1 36 ? 13.669  9.603   2.931   1.00 74.47  ? 33 PRO B N   1 
ATOM 632 C CA  . PRO B 1 36 ? 14.162  10.105  1.649   1.00 73.68  ? 33 PRO B CA  1 
ATOM 633 C C   . PRO B 1 36 ? 13.568  9.411   0.421   1.00 71.98  ? 33 PRO B C   1 
ATOM 634 O O   . PRO B 1 36 ? 13.342  10.030  -0.618  1.00 70.66  ? 33 PRO B O   1 
ATOM 635 C CB  . PRO B 1 36 ? 15.671  9.890   1.771   1.00 73.99  ? 33 PRO B CB  1 
ATOM 636 C CG  . PRO B 1 36 ? 15.757  8.679   2.655   1.00 73.59  ? 33 PRO B CG  1 
ATOM 637 C CD  . PRO B 1 36 ? 14.768  9.027   3.722   1.00 74.38  ? 33 PRO B CD  1 
ATOM 638 N N   . TYR B 1 37 ? 13.301  8.120   0.563   1.00 71.09  ? 34 TYR B N   1 
ATOM 639 C CA  . TYR B 1 37 ? 12.786  7.294   -0.524  1.00 70.15  ? 34 TYR B CA  1 
ATOM 640 C C   . TYR B 1 37 ? 11.288  7.263   -0.720  1.00 69.45  ? 34 TYR B C   1 
ATOM 641 O O   . TYR B 1 37 ? 10.815  6.665   -1.690  1.00 68.53  ? 34 TYR B O   1 
ATOM 642 C CB  . TYR B 1 37 ? 13.302  5.875   -0.356  1.00 70.07  ? 34 TYR B CB  1 
ATOM 643 C CG  . TYR B 1 37 ? 13.118  5.368   1.045   1.00 71.34  ? 34 TYR B CG  1 
ATOM 644 C CD1 . TYR B 1 37 ? 11.858  5.012   1.517   1.00 71.29  ? 34 TYR B CD1 1 
ATOM 645 C CD2 . TYR B 1 37 ? 14.207  5.248   1.907   1.00 72.45  ? 34 TYR B CD2 1 
ATOM 646 C CE1 . TYR B 1 37 ? 11.678  4.555   2.826   1.00 71.34  ? 34 TYR B CE1 1 
ATOM 647 C CE2 . TYR B 1 37 ? 14.043  4.792   3.220   1.00 72.58  ? 34 TYR B CE2 1 
ATOM 648 C CZ  . TYR B 1 37 ? 12.779  4.437   3.669   1.00 71.77  ? 34 TYR B CZ  1 
ATOM 649 O OH  . TYR B 1 37 ? 12.640  3.950   4.949   1.00 70.80  ? 34 TYR B OH  1 
ATOM 650 N N   . MET B 1 38 ? 10.538  7.858   0.211   1.00 70.44  ? 35 MET B N   1 
ATOM 651 C CA  . MET B 1 38 ? 9.091   7.935   0.049   1.00 70.72  ? 35 MET B CA  1 
ATOM 652 C C   . MET B 1 38 ? 9.091   8.650   -1.274  1.00 71.25  ? 35 MET B C   1 
ATOM 653 O O   . MET B 1 38 ? 10.024  9.400   -1.550  1.00 71.11  ? 35 MET B O   1 
ATOM 654 C CB  . MET B 1 38 ? 8.446   8.850   1.100   1.00 70.17  ? 35 MET B CB  1 
ATOM 655 C CG  . MET B 1 38 ? 8.216   8.254   2.471   1.00 68.73  ? 35 MET B CG  1 
ATOM 656 S SD  . MET B 1 38 ? 6.966   6.927   2.502   1.00 68.81  ? 35 MET B SD  1 
ATOM 657 C CE  . MET B 1 38 ? 5.551   7.677   1.693   1.00 66.27  ? 35 MET B CE  1 
ATOM 658 N N   . GLU B 1 39 ? 8.082   8.433   -2.101  1.00 71.47  ? 36 GLU B N   1 
ATOM 659 C CA  . GLU B 1 39 ? 8.086   9.114   -3.380  1.00 73.05  ? 36 GLU B CA  1 
ATOM 660 C C   . GLU B 1 39 ? 9.212   8.414   -4.116  1.00 72.78  ? 36 GLU B C   1 
ATOM 661 O O   . GLU B 1 39 ? 10.337  8.922   -4.192  1.00 72.80  ? 36 GLU B O   1 
ATOM 662 C CB  . GLU B 1 39 ? 8.466   10.583  -3.194  1.00 75.44  ? 36 GLU B CB  1 
ATOM 663 C CG  . GLU B 1 39 ? 8.195   11.475  -4.364  1.00 79.05  ? 36 GLU B CG  1 
ATOM 664 C CD  . GLU B 1 39 ? 6.846   12.140  -4.241  1.00 81.53  ? 36 GLU B CD  1 
ATOM 665 O OE1 . GLU B 1 39 ? 6.536   13.016  -5.077  1.00 82.60  ? 36 GLU B OE1 1 
ATOM 666 O OE2 . GLU B 1 39 ? 6.096   11.779  -3.301  1.00 83.65  ? 36 GLU B OE2 1 
ATOM 667 N N   . GLU B 1 40 ? 8.897   7.252   -4.659  1.00 72.39  ? 37 GLU B N   1 
ATOM 668 C CA  . GLU B 1 40 ? 9.854   6.426   -5.382  1.00 72.17  ? 37 GLU B CA  1 
ATOM 669 C C   . GLU B 1 40 ? 9.160   5.127   -5.121  1.00 70.77  ? 37 GLU B C   1 
ATOM 670 O O   . GLU B 1 40 ? 8.905   4.300   -5.994  1.00 71.60  ? 37 GLU B O   1 
ATOM 671 C CB  . GLU B 1 40 ? 11.188  6.382   -4.658  1.00 73.64  ? 37 GLU B CB  1 
ATOM 672 C CG  . GLU B 1 40 ? 12.372  6.558   -5.557  1.00 77.76  ? 37 GLU B CG  1 
ATOM 673 C CD  . GLU B 1 40 ? 13.116  7.822   -5.222  1.00 80.49  ? 37 GLU B CD  1 
ATOM 674 O OE1 . GLU B 1 40 ? 13.954  7.797   -4.302  1.00 82.09  ? 37 GLU B OE1 1 
ATOM 675 O OE2 . GLU B 1 40 ? 12.842  8.854   -5.863  1.00 81.63  ? 37 GLU B OE2 1 
ATOM 676 N N   . MET B 1 41 ? 8.867   4.964   -3.846  1.00 68.41  ? 38 MET B N   1 
ATOM 677 C CA  . MET B 1 41 ? 8.146   3.810   -3.395  1.00 64.79  ? 38 MET B CA  1 
ATOM 678 C C   . MET B 1 41 ? 6.787   4.062   -4.006  1.00 62.26  ? 38 MET B C   1 
ATOM 679 O O   . MET B 1 41 ? 6.198   3.197   -4.640  1.00 60.32  ? 38 MET B O   1 
ATOM 680 C CB  . MET B 1 41 ? 8.035   3.835   -1.878  1.00 64.74  ? 38 MET B CB  1 
ATOM 681 C CG  . MET B 1 41 ? 9.238   3.318   -1.158  1.00 63.96  ? 38 MET B CG  1 
ATOM 682 S SD  . MET B 1 41 ? 8.648   2.202   0.106   1.00 62.65  ? 38 MET B SD  1 
ATOM 683 C CE  . MET B 1 41 ? 8.195   3.425   1.414   1.00 62.51  ? 38 MET B CE  1 
ATOM 684 N N   . ARG B 1 42 ? 6.308   5.287   -3.815  1.00 59.31  ? 39 ARG B N   1 
ATOM 685 C CA  . ARG B 1 42 ? 5.011   5.676   -4.322  1.00 58.17  ? 39 ARG B CA  1 
ATOM 686 C C   . ARG B 1 42 ? 5.012   5.386   -5.804  1.00 58.33  ? 39 ARG B C   1 
ATOM 687 O O   . ARG B 1 42 ? 4.142   4.685   -6.306  1.00 58.45  ? 39 ARG B O   1 
ATOM 688 C CB  . ARG B 1 42 ? 4.751   7.163   -4.034  1.00 57.28  ? 39 ARG B CB  1 
ATOM 689 C CG  . ARG B 1 42 ? 3.329   7.628   -4.317  1.00 55.30  ? 39 ARG B CG  1 
ATOM 690 C CD  . ARG B 1 42 ? 3.296   8.410   -5.614  1.00 54.89  ? 39 ARG B CD  1 
ATOM 691 N NE  . ARG B 1 42 ? 4.100   9.621   -5.511  1.00 54.80  ? 39 ARG B NE  1 
ATOM 692 C CZ  . ARG B 1 42 ? 4.692   10.211  -6.542  1.00 55.63  ? 39 ARG B CZ  1 
ATOM 693 N NH1 . ARG B 1 42 ? 4.578   9.706   -7.762  1.00 55.87  ? 39 ARG B NH1 1 
ATOM 694 N NH2 . ARG B 1 42 ? 5.395   11.312  -6.354  1.00 55.38  ? 39 ARG B NH2 1 
ATOM 695 N N   . LYS B 1 43 ? 6.013   5.899   -6.503  1.00 58.65  ? 40 LYS B N   1 
ATOM 696 C CA  . LYS B 1 43 ? 6.094   5.672   -7.937  1.00 58.00  ? 40 LYS B CA  1 
ATOM 697 C C   . LYS B 1 43 ? 6.092   4.189   -8.276  1.00 58.26  ? 40 LYS B C   1 
ATOM 698 O O   . LYS B 1 43 ? 5.201   3.720   -8.988  1.00 58.51  ? 40 LYS B O   1 
ATOM 699 C CB  . LYS B 1 43 ? 7.333   6.367   -8.504  1.00 57.31  ? 40 LYS B CB  1 
ATOM 700 C CG  . LYS B 1 43 ? 7.161   7.872   -8.609  1.00 57.25  ? 40 LYS B CG  1 
ATOM 701 C CD  . LYS B 1 43 ? 8.477   8.581   -8.843  1.00 56.95  ? 40 LYS B CD  1 
ATOM 702 C CE  . LYS B 1 43 ? 8.265   10.072  -8.913  1.00 56.92  ? 40 LYS B CE  1 
ATOM 703 N NZ  . LYS B 1 43 ? 9.565   10.766  -8.813  1.00 58.70  ? 40 LYS B NZ  1 
ATOM 704 N N   . GLU B 1 44 ? 7.077   3.459   -7.753  1.00 59.54  ? 41 GLU B N   1 
ATOM 705 C CA  . GLU B 1 44 ? 7.217   2.014   -7.972  1.00 60.45  ? 41 GLU B CA  1 
ATOM 706 C C   . GLU B 1 44 ? 5.922   1.278   -7.658  1.00 60.07  ? 41 GLU B C   1 
ATOM 707 O O   . GLU B 1 44 ? 5.333   0.636   -8.523  1.00 61.00  ? 41 GLU B O   1 
ATOM 708 C CB  . GLU B 1 44 ? 8.340   1.463   -7.087  1.00 61.77  ? 41 GLU B CB  1 
ATOM 709 C CG  . GLU B 1 44 ? 9.680   1.286   -7.788  1.00 63.05  ? 41 GLU B CG  1 
ATOM 710 C CD  . GLU B 1 44 ? 9.892   -0.142  -8.255  1.00 64.33  ? 41 GLU B CD  1 
ATOM 711 O OE1 . GLU B 1 44 ? 9.063   -0.636  -9.054  1.00 64.35  ? 41 GLU B OE1 1 
ATOM 712 O OE2 . GLU B 1 44 ? 10.888  -0.767  -7.814  1.00 64.20  ? 41 GLU B OE2 1 
ATOM 713 N N   . ILE B 1 45 ? 5.492   1.374   -6.410  1.00 58.21  ? 42 ILE B N   1 
ATOM 714 C CA  . ILE B 1 45 ? 4.266   0.735   -5.981  1.00 56.38  ? 42 ILE B CA  1 
ATOM 715 C C   . ILE B 1 45 ? 3.100   0.969   -6.941  1.00 55.75  ? 42 ILE B C   1 
ATOM 716 O O   . ILE B 1 45 ? 2.336   0.049   -7.229  1.00 54.98  ? 42 ILE B O   1 
ATOM 717 C CB  . ILE B 1 45 ? 3.876   1.210   -4.573  1.00 57.33  ? 42 ILE B CB  1 
ATOM 718 C CG1 . ILE B 1 45 ? 4.875   0.649   -3.555  1.00 56.77  ? 42 ILE B CG1 1 
ATOM 719 C CG2 . ILE B 1 45 ? 2.466   0.755   -4.242  1.00 57.24  ? 42 ILE B CG2 1 
ATOM 720 C CD1 . ILE B 1 45 ? 4.710   1.200   -2.160  1.00 57.22  ? 42 ILE B CD1 1 
ATOM 721 N N   . ILE B 1 46 ? 2.952   2.191   -7.439  1.00 54.48  ? 43 ILE B N   1 
ATOM 722 C CA  . ILE B 1 46 ? 1.859   2.463   -8.368  1.00 53.01  ? 43 ILE B CA  1 
ATOM 723 C C   . ILE B 1 46 ? 2.115   1.607   -9.601  1.00 52.51  ? 43 ILE B C   1 
ATOM 724 O O   . ILE B 1 46 ? 1.237   0.869   -10.063 1.00 52.82  ? 43 ILE B O   1 
ATOM 725 C CB  . ILE B 1 46 ? 1.836   3.938   -8.803  1.00 54.27  ? 43 ILE B CB  1 
ATOM 726 C CG1 . ILE B 1 46 ? 1.651   4.846   -7.592  1.00 53.89  ? 43 ILE B CG1 1 
ATOM 727 C CG2 . ILE B 1 46 ? 0.705   4.181   -9.775  1.00 55.10  ? 43 ILE B CG2 1 
ATOM 728 C CD1 . ILE B 1 46 ? 1.884   6.299   -7.915  1.00 54.94  ? 43 ILE B CD1 1 
ATOM 729 N N   . ALA B 1 47 ? 3.343   1.679   -10.101 1.00 50.44  ? 44 ALA B N   1 
ATOM 730 C CA  . ALA B 1 47 ? 3.717   0.905   -11.266 1.00 48.61  ? 44 ALA B CA  1 
ATOM 731 C C   . ALA B 1 47 ? 3.234   -0.542  -11.149 1.00 48.47  ? 44 ALA B C   1 
ATOM 732 O O   . ALA B 1 47 ? 2.559   -1.048  -12.051 1.00 49.07  ? 44 ALA B O   1 
ATOM 733 C CB  . ALA B 1 47 ? 5.202   0.935   -11.436 1.00 48.70  ? 44 ALA B CB  1 
ATOM 734 N N   . VAL B 1 48 ? 3.562   -1.192  -10.035 1.00 47.10  ? 45 VAL B N   1 
ATOM 735 C CA  . VAL B 1 48 ? 3.171   -2.583  -9.821  1.00 46.37  ? 45 VAL B CA  1 
ATOM 736 C C   . VAL B 1 48 ? 1.682   -2.733  -9.946  1.00 46.83  ? 45 VAL B C   1 
ATOM 737 O O   . VAL B 1 48 ? 1.166   -3.671  -10.556 1.00 46.15  ? 45 VAL B O   1 
ATOM 738 C CB  . VAL B 1 48 ? 3.585   -3.087  -8.425  1.00 48.09  ? 45 VAL B CB  1 
ATOM 739 C CG1 . VAL B 1 48 ? 2.864   -4.409  -8.119  1.00 47.27  ? 45 VAL B CG1 1 
ATOM 740 C CG2 . VAL B 1 48 ? 5.111   -3.245  -8.361  1.00 48.49  ? 45 VAL B CG2 1 
ATOM 741 N N   . ILE B 1 49 ? 0.984   -1.803  -9.333  1.00 47.28  ? 46 ILE B N   1 
ATOM 742 C CA  . ILE B 1 49 ? -0.454  -1.839  -9.389  1.00 47.65  ? 46 ILE B CA  1 
ATOM 743 C C   . ILE B 1 49 ? -0.952  -1.759  -10.835 1.00 48.07  ? 46 ILE B C   1 
ATOM 744 O O   . ILE B 1 49 ? -1.828  -2.519  -11.238 1.00 46.83  ? 46 ILE B O   1 
ATOM 745 C CB  . ILE B 1 49 ? -1.027  -0.721  -8.490  1.00 49.36  ? 46 ILE B CB  1 
ATOM 746 C CG1 . ILE B 1 49 ? -0.680  -1.049  -7.032  1.00 49.25  ? 46 ILE B CG1 1 
ATOM 747 C CG2 . ILE B 1 49 ? -2.524  -0.608  -8.654  1.00 50.74  ? 46 ILE B CG2 1 
ATOM 748 C CD1 . ILE B 1 49 ? -0.981  0.066   -6.065  1.00 49.35  ? 46 ILE B CD1 1 
ATOM 749 N N   . GLN B 1 50 ? -0.363  -0.859  -11.621 1.00 48.31  ? 47 GLN B N   1 
ATOM 750 C CA  . GLN B 1 50 ? -0.734  -0.701  -13.026 1.00 48.84  ? 47 GLN B CA  1 
ATOM 751 C C   . GLN B 1 50 ? -0.388  -1.972  -13.782 1.00 50.04  ? 47 GLN B C   1 
ATOM 752 O O   . GLN B 1 50 ? -1.157  -2.444  -14.618 1.00 50.60  ? 47 GLN B O   1 
ATOM 753 C CB  . GLN B 1 50 ? -0.002  0.489   -13.652 1.00 49.57  ? 47 GLN B CB  1 
ATOM 754 C CG  . GLN B 1 50 ? -0.315  1.832   -12.984 1.00 50.94  ? 47 GLN B CG  1 
ATOM 755 C CD  . GLN B 1 50 ? -0.329  2.994   -13.970 1.00 52.40  ? 47 GLN B CD  1 
ATOM 756 O OE1 . GLN B 1 50 ? -1.291  3.164   -14.725 1.00 53.13  ? 47 GLN B OE1 1 
ATOM 757 N NE2 . GLN B 1 50 ? 0.741   3.787   -13.979 1.00 51.70  ? 47 GLN B NE2 1 
ATOM 758 N N   . LYS B 1 51 ? 0.773   -2.526  -13.474 1.00 50.30  ? 48 LYS B N   1 
ATOM 759 C CA  . LYS B 1 51 ? 1.211   -3.752  -14.109 1.00 50.43  ? 48 LYS B CA  1 
ATOM 760 C C   . LYS B 1 51 ? 0.164   -4.834  -13.916 1.00 50.59  ? 48 LYS B C   1 
ATOM 761 O O   . LYS B 1 51 ? -0.063  -5.661  -14.796 1.00 50.03  ? 48 LYS B O   1 
ATOM 762 C CB  . LYS B 1 51 ? 2.546   -4.201  -13.500 1.00 50.20  ? 48 LYS B CB  1 
ATOM 763 C CG  . LYS B 1 51 ? 2.918   -5.676  -13.732 1.00 49.72  ? 48 LYS B CG  1 
ATOM 764 C CD  . LYS B 1 51 ? 4.444   -5.887  -13.622 1.00 51.24  ? 48 LYS B CD  1 
ATOM 765 C CE  . LYS B 1 51 ? 4.911   -6.652  -12.367 1.00 50.34  ? 48 LYS B CE  1 
ATOM 766 N NZ  . LYS B 1 51 ? 4.819   -8.127  -12.546 1.00 50.97  ? 48 LYS B NZ  1 
ATOM 767 N N   . TYR B 1 52 ? -0.476  -4.820  -12.755 1.00 52.00  ? 49 TYR B N   1 
ATOM 768 C CA  . TYR B 1 52 ? -1.468  -5.831  -12.462 1.00 54.91  ? 49 TYR B CA  1 
ATOM 769 C C   . TYR B 1 52 ? -2.909  -5.495  -12.705 1.00 56.79  ? 49 TYR B C   1 
ATOM 770 O O   . TYR B 1 52 ? -3.692  -6.385  -12.959 1.00 58.98  ? 49 TYR B O   1 
ATOM 771 C CB  . TYR B 1 52 ? -1.361  -6.293  -11.027 1.00 54.57  ? 49 TYR B CB  1 
ATOM 772 C CG  . TYR B 1 52 ? -0.241  -7.233  -10.786 1.00 55.41  ? 49 TYR B CG  1 
ATOM 773 C CD1 . TYR B 1 52 ? 0.998   -6.759  -10.395 1.00 55.40  ? 49 TYR B CD1 1 
ATOM 774 C CD2 . TYR B 1 52 ? -0.423  -8.609  -10.917 1.00 55.60  ? 49 TYR B CD2 1 
ATOM 775 C CE1 . TYR B 1 52 ? 2.037   -7.624  -10.119 1.00 55.63  ? 49 TYR B CE1 1 
ATOM 776 C CE2 . TYR B 1 52 ? 0.620   -9.497  -10.646 1.00 56.09  ? 49 TYR B CE2 1 
ATOM 777 C CZ  . TYR B 1 52 ? 1.851   -8.988  -10.247 1.00 56.33  ? 49 TYR B CZ  1 
ATOM 778 O OH  . TYR B 1 52 ? 2.905   -9.821  -9.957  1.00 56.68  ? 49 TYR B OH  1 
ATOM 779 N N   . THR B 1 53 ? -3.286  -4.233  -12.582 1.00 58.26  ? 50 THR B N   1 
ATOM 780 C CA  . THR B 1 53 ? -4.676  -3.850  -12.795 1.00 59.12  ? 50 THR B CA  1 
ATOM 781 C C   . THR B 1 53 ? -4.913  -3.305  -14.199 1.00 60.84  ? 50 THR B C   1 
ATOM 782 O O   . THR B 1 53 ? -6.036  -3.321  -14.712 1.00 60.23  ? 50 THR B O   1 
ATOM 783 C CB  . THR B 1 53 ? -5.076  -2.776  -11.812 1.00 57.02  ? 50 THR B CB  1 
ATOM 784 O OG1 . THR B 1 53 ? -4.349  -1.580  -12.100 1.00 57.50  ? 50 THR B OG1 1 
ATOM 785 C CG2 . THR B 1 53 ? -4.752  -3.197  -10.410 1.00 56.29  ? 50 THR B CG2 1 
ATOM 786 N N   . LYS B 1 54 ? -3.832  -2.831  -14.809 1.00 62.43  ? 51 LYS B N   1 
ATOM 787 C CA  . LYS B 1 54 ? -3.867  -2.239  -16.141 1.00 62.45  ? 51 LYS B CA  1 
ATOM 788 C C   . LYS B 1 54 ? -4.706  -0.967  -16.126 1.00 62.72  ? 51 LYS B C   1 
ATOM 789 O O   . LYS B 1 54 ? -5.048  -0.430  -17.176 1.00 63.85  ? 51 LYS B O   1 
ATOM 790 C CB  . LYS B 1 54 ? -4.421  -3.227  -17.175 1.00 62.96  ? 51 LYS B CB  1 
ATOM 791 C CG  . LYS B 1 54 ? -3.391  -4.205  -17.703 1.00 65.79  ? 51 LYS B CG  1 
ATOM 792 C CD  . LYS B 1 54 ? -2.888  -5.135  -16.617 1.00 68.23  ? 51 LYS B CD  1 
ATOM 793 C CE  . LYS B 1 54 ? -1.673  -5.893  -17.085 1.00 70.27  ? 51 LYS B CE  1 
ATOM 794 N NZ  . LYS B 1 54 ? -0.549  -4.930  -17.247 1.00 73.19  ? 51 LYS B NZ  1 
ATOM 795 N N   . SER B 1 55 ? -5.032  -0.499  -14.916 1.00 60.68  ? 52 SER B N   1 
ATOM 796 C CA  . SER B 1 55 ? -5.833  0.708   -14.703 1.00 57.19  ? 52 SER B CA  1 
ATOM 797 C C   . SER B 1 55 ? -5.160  1.933   -15.273 1.00 56.15  ? 52 SER B C   1 
ATOM 798 O O   . SER B 1 55 ? -3.982  2.172   -15.036 1.00 55.40  ? 52 SER B O   1 
ATOM 799 C CB  . SER B 1 55 ? -6.087  0.956   -13.216 1.00 56.03  ? 52 SER B CB  1 
ATOM 800 O OG  . SER B 1 55 ? -6.548  2.288   -13.045 1.00 50.73  ? 52 SER B OG  1 
ATOM 801 N N   . SER B 1 56 ? -5.926  2.734   -15.993 1.00 54.66  ? 53 SER B N   1 
ATOM 802 C CA  . SER B 1 56 ? -5.377  3.925   -16.625 1.00 54.03  ? 53 SER B CA  1 
ATOM 803 C C   . SER B 1 56 ? -5.730  5.103   -15.776 1.00 52.62  ? 53 SER B C   1 
ATOM 804 O O   . SER B 1 56 ? -5.274  6.219   -16.008 1.00 53.62  ? 53 SER B O   1 
ATOM 805 C CB  . SER B 1 56 ? -6.019  4.137   -17.980 1.00 55.40  ? 53 SER B CB  1 
ATOM 806 O OG  . SER B 1 56 ? -7.363  4.571   -17.790 1.00 56.03  ? 53 SER B OG  1 
ATOM 807 N N   . ASP B 1 57 ? -6.585  4.840   -14.804 1.00 50.89  ? 54 ASP B N   1 
ATOM 808 C CA  . ASP B 1 57 ? -7.055  5.876   -13.920 1.00 48.45  ? 54 ASP B CA  1 
ATOM 809 C C   . ASP B 1 57 ? -6.476  5.762   -12.519 1.00 45.45  ? 54 ASP B C   1 
ATOM 810 O O   . ASP B 1 57 ? -6.733  4.807   -11.802 1.00 44.28  ? 54 ASP B O   1 
ATOM 811 C CB  . ASP B 1 57 ? -8.579  5.843   -13.881 1.00 50.02  ? 54 ASP B CB  1 
ATOM 812 C CG  . ASP B 1 57 ? -9.153  6.982   -13.112 1.00 51.80  ? 54 ASP B CG  1 
ATOM 813 O OD1 . ASP B 1 57 ? -10.149 7.551   -13.596 1.00 52.67  ? 54 ASP B OD1 1 
ATOM 814 O OD2 . ASP B 1 57 ? -8.624  7.304   -12.029 1.00 55.71  ? 54 ASP B OD2 1 
ATOM 815 N N   . ILE B 1 58 ? -5.703  6.766   -12.125 1.00 42.63  ? 55 ILE B N   1 
ATOM 816 C CA  . ILE B 1 58 ? -5.102  6.764   -10.805 1.00 41.71  ? 55 ILE B CA  1 
ATOM 817 C C   . ILE B 1 58 ? -5.033  8.109   -10.104 1.00 41.84  ? 55 ILE B C   1 
ATOM 818 O O   . ILE B 1 58 ? -4.616  9.109   -10.687 1.00 41.18  ? 55 ILE B O   1 
ATOM 819 C CB  . ILE B 1 58 ? -3.701  6.190   -10.877 1.00 41.96  ? 55 ILE B CB  1 
ATOM 820 C CG1 . ILE B 1 58 ? -3.808  4.672   -10.871 1.00 42.83  ? 55 ILE B CG1 1 
ATOM 821 C CG2 . ILE B 1 58 ? -2.829  6.768   -9.777  1.00 40.95  ? 55 ILE B CG2 1 
ATOM 822 C CD1 . ILE B 1 58 ? -2.576  3.981   -11.298 1.00 44.97  ? 55 ILE B CD1 1 
ATOM 823 N N   . HIS B 1 59 ? -5.442  8.122   -8.839  1.00 41.98  ? 56 HIS B N   1 
ATOM 824 C CA  . HIS B 1 59 ? -5.393  9.340   -8.049  1.00 42.13  ? 56 HIS B CA  1 
ATOM 825 C C   . HIS B 1 59 ? -4.635  9.116   -6.754  1.00 43.17  ? 56 HIS B C   1 
ATOM 826 O O   . HIS B 1 59 ? -4.971  8.218   -5.999  1.00 42.01  ? 56 HIS B O   1 
ATOM 827 C CB  . HIS B 1 59 ? -6.791  9.824   -7.721  1.00 41.45  ? 56 HIS B CB  1 
ATOM 828 C CG  . HIS B 1 59 ? -6.823  11.192  -7.115  1.00 43.13  ? 56 HIS B CG  1 
ATOM 829 N ND1 . HIS B 1 59 ? -8.000  11.873  -6.911  1.00 44.10  ? 56 HIS B ND1 1 
ATOM 830 C CD2 . HIS B 1 59 ? -5.834  12.014  -6.696  1.00 43.21  ? 56 HIS B CD2 1 
ATOM 831 C CE1 . HIS B 1 59 ? -7.736  13.065  -6.395  1.00 44.82  ? 56 HIS B CE1 1 
ATOM 832 N NE2 . HIS B 1 59 ? -6.429  13.173  -6.255  1.00 43.50  ? 56 HIS B NE2 1 
ATOM 833 N N   . PHE B 1 60 ? -3.623  9.953   -6.508  1.00 44.94  ? 57 PHE B N   1 
ATOM 834 C CA  . PHE B 1 60 ? -2.807  9.889   -5.296  1.00 46.25  ? 57 PHE B CA  1 
ATOM 835 C C   . PHE B 1 60 ? -2.637  11.277  -4.691  1.00 47.18  ? 57 PHE B C   1 
ATOM 836 O O   . PHE B 1 60 ? -2.420  12.260  -5.382  1.00 47.41  ? 57 PHE B O   1 
ATOM 837 C CB  . PHE B 1 60 ? -1.433  9.254   -5.566  1.00 45.70  ? 57 PHE B CB  1 
ATOM 838 C CG  . PHE B 1 60 ? -0.542  10.057  -6.485  1.00 46.62  ? 57 PHE B CG  1 
ATOM 839 C CD1 . PHE B 1 60 ? 0.206   11.136  -6.005  1.00 46.68  ? 57 PHE B CD1 1 
ATOM 840 C CD2 . PHE B 1 60 ? -0.436  9.715   -7.830  1.00 47.73  ? 57 PHE B CD2 1 
ATOM 841 C CE1 . PHE B 1 60 ? 1.046   11.871  -6.864  1.00 46.41  ? 57 PHE B CE1 1 
ATOM 842 C CE2 . PHE B 1 60 ? 0.386   10.429  -8.684  1.00 48.43  ? 57 PHE B CE2 1 
ATOM 843 C CZ  . PHE B 1 60 ? 1.136   11.513  -8.202  1.00 47.43  ? 57 PHE B CZ  1 
ATOM 844 N N   . LYS B 1 61 ? -2.780  11.347  -3.380  1.00 48.21  ? 58 LYS B N   1 
ATOM 845 C CA  . LYS B 1 61 ? -2.670  12.595  -2.668  1.00 49.12  ? 58 LYS B CA  1 
ATOM 846 C C   . LYS B 1 61 ? -2.021  12.256  -1.354  1.00 49.39  ? 58 LYS B C   1 
ATOM 847 O O   . LYS B 1 61 ? -2.097  11.127  -0.900  1.00 49.19  ? 58 LYS B O   1 
ATOM 848 C CB  . LYS B 1 61 ? -4.065  13.184  -2.434  1.00 50.18  ? 58 LYS B CB  1 
ATOM 849 C CG  . LYS B 1 61 ? -5.005  12.312  -1.605  1.00 52.64  ? 58 LYS B CG  1 
ATOM 850 C CD  . LYS B 1 61 ? -6.444  12.851  -1.618  1.00 54.96  ? 58 LYS B CD  1 
ATOM 851 C CE  . LYS B 1 61 ? -6.482  14.369  -1.367  1.00 56.60  ? 58 LYS B CE  1 
ATOM 852 N NZ  . LYS B 1 61 ? -7.630  14.823  -0.510  1.00 56.31  ? 58 LYS B NZ  1 
ATOM 853 N N   . THR B 1 62 ? -1.359  13.229  -0.757  1.00 50.51  ? 59 THR B N   1 
ATOM 854 C CA  . THR B 1 62 ? -0.731  13.025  0.534   1.00 51.78  ? 59 THR B CA  1 
ATOM 855 C C   . THR B 1 62 ? -1.569  13.874  1.482   1.00 54.33  ? 59 THR B C   1 
ATOM 856 O O   . THR B 1 62 ? -1.944  14.997  1.145   1.00 54.91  ? 59 THR B O   1 
ATOM 857 C CB  . THR B 1 62 ? 0.727   13.514  0.535   1.00 50.23  ? 59 THR B CB  1 
ATOM 858 O OG1 . THR B 1 62 ? 1.512   12.666  -0.309  1.00 48.74  ? 59 THR B OG1 1 
ATOM 859 C CG2 . THR B 1 62 ? 1.308   13.493  1.958   1.00 49.85  ? 59 THR B CG2 1 
ATOM 860 N N   . LEU B 1 63 ? -1.905  13.320  2.644   1.00 55.86  ? 60 LEU B N   1 
ATOM 861 C CA  . LEU B 1 63 ? -2.707  14.052  3.617   1.00 57.08  ? 60 LEU B CA  1 
ATOM 862 C C   . LEU B 1 63 ? -1.947  14.344  4.913   1.00 57.85  ? 60 LEU B C   1 
ATOM 863 O O   . LEU B 1 63 ? -1.387  13.445  5.540   1.00 58.93  ? 60 LEU B O   1 
ATOM 864 C CB  . LEU B 1 63 ? -4.007  13.286  3.921   1.00 57.34  ? 60 LEU B CB  1 
ATOM 865 C CG  . LEU B 1 63 ? -4.925  12.956  2.733   1.00 57.96  ? 60 LEU B CG  1 
ATOM 866 C CD1 . LEU B 1 63 ? -6.274  12.467  3.257   1.00 57.48  ? 60 LEU B CD1 1 
ATOM 867 C CD2 . LEU B 1 63 ? -5.128  14.194  1.866   1.00 58.02  ? 60 LEU B CD2 1 
ATOM 868 N N   . SER B 1 68 ? 1.209   14.711  12.326  1.00 58.55  ? 65 SER B N   1 
ATOM 869 C CA  . SER B 1 68 ? 1.257   13.604  13.274  1.00 59.17  ? 65 SER B CA  1 
ATOM 870 C C   . SER B 1 68 ? 1.353   12.286  12.504  1.00 59.62  ? 65 SER B C   1 
ATOM 871 O O   . SER B 1 68 ? 2.122   11.395  12.882  1.00 60.36  ? 65 SER B O   1 
ATOM 872 C CB  . SER B 1 68 ? 0.008   13.629  14.166  1.00 59.61  ? 65 SER B CB  1 
ATOM 873 O OG  . SER B 1 68 ? 0.114   12.727  15.256  1.00 58.61  ? 65 SER B OG  1 
ATOM 874 N N   . VAL B 1 69 ? 0.575   12.168  11.430  1.00 59.74  ? 66 VAL B N   1 
ATOM 875 C CA  . VAL B 1 69 ? 0.594   10.969  10.593  1.00 59.87  ? 66 VAL B CA  1 
ATOM 876 C C   . VAL B 1 69 ? 0.433   11.286  9.110   1.00 60.64  ? 66 VAL B C   1 
ATOM 877 O O   . VAL B 1 69 ? -0.641  11.708  8.694   1.00 62.02  ? 66 VAL B O   1 
ATOM 878 C CB  . VAL B 1 69 ? -0.532  10.016  10.962  1.00 58.73  ? 66 VAL B CB  1 
ATOM 879 C CG1 . VAL B 1 69 ? -0.789  9.039   9.823   1.00 59.00  ? 66 VAL B CG1 1 
ATOM 880 C CG2 . VAL B 1 69 ? -0.168  9.260   12.196  1.00 59.82  ? 66 VAL B CG2 1 
ATOM 881 N N   . GLU B 1 70 ? 1.488   11.082  8.314   1.00 60.97  ? 67 GLU B N   1 
ATOM 882 C CA  . GLU B 1 70 ? 1.412   11.333  6.872   1.00 59.81  ? 67 GLU B CA  1 
ATOM 883 C C   . GLU B 1 70 ? 0.964   10.064  6.168   1.00 58.35  ? 67 GLU B C   1 
ATOM 884 O O   . GLU B 1 70 ? 1.550   8.991   6.317   1.00 57.85  ? 67 GLU B O   1 
ATOM 885 C CB  . GLU B 1 70 ? 2.743   11.764  6.274   1.00 61.03  ? 67 GLU B CB  1 
ATOM 886 C CG  . GLU B 1 70 ? 2.714   11.689  4.741   1.00 64.80  ? 67 GLU B CG  1 
ATOM 887 C CD  . GLU B 1 70 ? 4.070   11.902  4.104   1.00 67.01  ? 67 GLU B CD  1 
ATOM 888 O OE1 . GLU B 1 70 ? 4.546   10.969  3.405   1.00 67.45  ? 67 GLU B OE1 1 
ATOM 889 O OE2 . GLU B 1 70 ? 4.650   12.996  4.303   1.00 67.05  ? 67 GLU B OE2 1 
ATOM 890 N N   . THR B 1 71 ? -0.073  10.210  5.368   1.00 55.69  ? 68 THR B N   1 
ATOM 891 C CA  . THR B 1 71 ? -0.640  9.085   4.678   1.00 52.05  ? 68 THR B CA  1 
ATOM 892 C C   . THR B 1 71 ? -0.647  9.342   3.191   1.00 52.48  ? 68 THR B C   1 
ATOM 893 O O   . THR B 1 71 ? -1.000  10.431  2.762   1.00 52.94  ? 68 THR B O   1 
ATOM 894 C CB  . THR B 1 71 ? -2.073  8.868   5.194   1.00 49.93  ? 68 THR B CB  1 
ATOM 895 O OG1 . THR B 1 71 ? -2.229  7.512   5.585   1.00 49.50  ? 68 THR B OG1 1 
ATOM 896 C CG2 . THR B 1 71 ? -3.108  9.190   4.137   1.00 49.00  ? 68 THR B CG2 1 
ATOM 897 N N   . ILE B 1 72 ? -0.205  8.365   2.407   1.00 52.35  ? 69 ILE B N   1 
ATOM 898 C CA  . ILE B 1 72 ? -0.230  8.507   0.952   1.00 52.35  ? 69 ILE B CA  1 
ATOM 899 C C   . ILE B 1 72 ? -1.416  7.653   0.512   1.00 52.15  ? 69 ILE B C   1 
ATOM 900 O O   . ILE B 1 72 ? -1.452  6.448   0.785   1.00 50.95  ? 69 ILE B O   1 
ATOM 901 C CB  . ILE B 1 72 ? 1.004   7.924   0.248   1.00 52.38  ? 69 ILE B CB  1 
ATOM 902 C CG1 . ILE B 1 72 ? 2.305   8.378   0.919   1.00 51.67  ? 69 ILE B CG1 1 
ATOM 903 C CG2 . ILE B 1 72 ? 0.944   8.337   -1.234  1.00 52.06  ? 69 ILE B CG2 1 
ATOM 904 C CD1 . ILE B 1 72 ? 2.585   9.804   0.729   1.00 54.41  ? 69 ILE B CD1 1 
ATOM 905 N N   . GLU B 1 73 ? -2.389  8.255   -0.162  1.00 53.34  ? 70 GLU B N   1 
ATOM 906 C CA  . GLU B 1 73 ? -3.555  7.498   -0.584  1.00 55.14  ? 70 GLU B CA  1 
ATOM 907 C C   . GLU B 1 73 ? -3.632  7.425   -2.088  1.00 54.95  ? 70 GLU B C   1 
ATOM 908 O O   . GLU B 1 73 ? -3.549  8.445   -2.765  1.00 54.47  ? 70 GLU B O   1 
ATOM 909 C CB  . GLU B 1 73 ? -4.843  8.146   -0.093  1.00 58.39  ? 70 GLU B CB  1 
ATOM 910 C CG  . GLU B 1 73 ? -4.773  8.752   1.288   1.00 62.33  ? 70 GLU B CG  1 
ATOM 911 C CD  . GLU B 1 73 ? -6.139  8.952   1.919   1.00 64.92  ? 70 GLU B CD  1 
ATOM 912 O OE1 . GLU B 1 73 ? -6.197  9.477   3.054   1.00 68.17  ? 70 GLU B OE1 1 
ATOM 913 O OE2 . GLU B 1 73 ? -7.154  8.579   1.290   1.00 65.20  ? 70 GLU B OE2 1 
ATOM 914 N N   . VAL B 1 74 ? -3.813  6.214   -2.601  1.00 56.51  ? 71 VAL B N   1 
ATOM 915 C CA  . VAL B 1 74 ? -3.923  5.993   -4.027  1.00 58.33  ? 71 VAL B CA  1 
ATOM 916 C C   . VAL B 1 74 ? -5.228  5.269   -4.320  1.00 60.01  ? 71 VAL B C   1 
ATOM 917 O O   . VAL B 1 74 ? -5.395  4.111   -3.969  1.00 61.18  ? 71 VAL B O   1 
ATOM 918 C CB  . VAL B 1 74 ? -2.747  5.145   -4.557  1.00 57.72  ? 71 VAL B CB  1 
ATOM 919 C CG1 . VAL B 1 74 ? -2.842  4.960   -6.054  1.00 56.96  ? 71 VAL B CG1 1 
ATOM 920 C CG2 . VAL B 1 74 ? -1.449  5.820   -4.234  1.00 56.69  ? 71 VAL B CG2 1 
ATOM 921 N N   . GLU B 1 75 ? -6.172  5.982   -4.925  1.00 61.28  ? 72 GLU B N   1 
ATOM 922 C CA  . GLU B 1 75 ? -7.445  5.400   -5.311  1.00 62.01  ? 72 GLU B CA  1 
ATOM 923 C C   . GLU B 1 75 ? -7.278  4.966   -6.769  1.00 60.71  ? 72 GLU B C   1 
ATOM 924 O O   . GLU B 1 75 ? -6.870  5.741   -7.619  1.00 61.15  ? 72 GLU B O   1 
ATOM 925 C CB  . GLU B 1 75 ? -8.593  6.416   -5.131  1.00 65.61  ? 72 GLU B CB  1 
ATOM 926 C CG  . GLU B 1 75 ? -8.196  7.891   -5.066  1.00 70.71  ? 72 GLU B CG  1 
ATOM 927 C CD  . GLU B 1 75 ? -9.084  8.717   -4.107  1.00 74.10  ? 72 GLU B CD  1 
ATOM 928 O OE1 . GLU B 1 75 ? -9.099  9.975   -4.198  1.00 74.93  ? 72 GLU B OE1 1 
ATOM 929 O OE2 . GLU B 1 75 ? -9.763  8.105   -3.246  1.00 75.24  ? 72 GLU B OE2 1 
ATOM 930 N N   . ILE B 1 76 ? -7.559  3.692   -7.030  1.00 58.64  ? 73 ILE B N   1 
ATOM 931 C CA  . ILE B 1 76 ? -7.421  3.089   -8.355  1.00 57.50  ? 73 ILE B CA  1 
ATOM 932 C C   . ILE B 1 76 ? -8.709  2.500   -8.919  1.00 56.69  ? 73 ILE B C   1 
ATOM 933 O O   . ILE B 1 76 ? -9.374  1.702   -8.274  1.00 56.56  ? 73 ILE B O   1 
ATOM 934 C CB  . ILE B 1 76 ? -6.357  1.938   -8.360  1.00 56.19  ? 73 ILE B CB  1 
ATOM 935 C CG1 . ILE B 1 76 ? -4.994  2.436   -7.874  1.00 55.06  ? 73 ILE B CG1 1 
ATOM 936 C CG2 . ILE B 1 76 ? -6.179  1.405   -9.760  1.00 54.09  ? 73 ILE B CG2 1 
ATOM 937 C CD1 . ILE B 1 76 ? -4.778  2.280   -6.408  1.00 54.93  ? 73 ILE B CD1 1 
ATOM 938 N N   . ILE B 1 77 ? -9.025  2.891   -10.152 1.00 57.71  ? 74 ILE B N   1 
ATOM 939 C CA  . ILE B 1 77 ? -10.195 2.409   -10.873 1.00 56.99  ? 74 ILE B CA  1 
ATOM 940 C C   . ILE B 1 77 ? -9.799  1.338   -11.891 1.00 58.90  ? 74 ILE B C   1 
ATOM 941 O O   . ILE B 1 77 ? -9.049  1.589   -12.829 1.00 58.97  ? 74 ILE B O   1 
ATOM 942 C CB  . ILE B 1 77 ? -10.922 3.577   -11.560 1.00 55.72  ? 74 ILE B CB  1 
ATOM 943 C CG1 . ILE B 1 77 ? -11.514 4.515   -10.505 1.00 55.07  ? 74 ILE B CG1 1 
ATOM 944 C CG2 . ILE B 1 77 ? -12.046 3.066   -12.387 1.00 54.33  ? 74 ILE B CG2 1 
ATOM 945 C CD1 . ILE B 1 77 ? -11.956 5.819   -11.071 1.00 55.93  ? 74 ILE B CD1 1 
ATOM 946 N N   . LEU B 1 78 ? -10.306 0.129   -11.662 1.00 60.02  ? 75 LEU B N   1 
ATOM 947 C CA  . LEU B 1 78 ? -10.024 -1.019  -12.505 1.00 62.31  ? 75 LEU B CA  1 
ATOM 948 C C   . LEU B 1 78 ? -10.665 -0.873  -13.853 1.00 65.68  ? 75 LEU B C   1 
ATOM 949 O O   . LEU B 1 78 ? -11.779 -0.389  -13.976 1.00 65.60  ? 75 LEU B O   1 
ATOM 950 C CB  . LEU B 1 78 ? -10.485 -2.302  -11.822 1.00 59.76  ? 75 LEU B CB  1 
ATOM 951 C CG  . LEU B 1 78 ? -9.670  -2.413  -10.540 1.00 58.03  ? 75 LEU B CG  1 
ATOM 952 C CD1 . LEU B 1 78 ? -10.151 -3.602  -9.742  1.00 57.66  ? 75 LEU B CD1 1 
ATOM 953 C CD2 . LEU B 1 78 ? -8.187  -2.535  -10.884 1.00 55.69  ? 75 LEU B CD2 1 
ATOM 954 N N   . PRO B 1 79 ? -9.977  -1.329  -14.889 1.00 69.67  ? 76 PRO B N   1 
ATOM 955 C CA  . PRO B 1 79 ? -10.515 -1.204  -16.233 1.00 72.33  ? 76 PRO B CA  1 
ATOM 956 C C   . PRO B 1 79 ? -11.277 -2.383  -16.861 1.00 75.98  ? 76 PRO B C   1 
ATOM 957 O O   . PRO B 1 79 ? -12.356 -2.178  -17.415 1.00 76.06  ? 76 PRO B O   1 
ATOM 958 C CB  . PRO B 1 79 ? -9.283  -0.805  -17.005 1.00 72.06  ? 76 PRO B CB  1 
ATOM 959 C CG  . PRO B 1 79 ? -8.246  -1.752  -16.393 1.00 71.10  ? 76 PRO B CG  1 
ATOM 960 C CD  . PRO B 1 79 ? -8.570  -1.760  -14.912 1.00 69.51  ? 76 PRO B CD  1 
ATOM 961 N N   . ARG B 1 80 ? -10.737 -3.598  -16.747 1.00 80.51  ? 77 ARG B N   1 
ATOM 962 C CA  . ARG B 1 80 ? -11.314 -4.838  -17.323 1.00 83.40  ? 77 ARG B CA  1 
ATOM 963 C C   . ARG B 1 80 ? -12.697 -4.806  -17.993 1.00 83.29  ? 77 ARG B C   1 
ATOM 964 O O   . ARG B 1 80 ? -13.518 -5.698  -17.676 1.00 82.98  ? 77 ARG B O   1 
ATOM 965 C CB  . ARG B 1 80 ? -11.331 -5.955  -16.264 1.00 86.45  ? 77 ARG B CB  1 
ATOM 966 C CG  . ARG B 1 80 ? -10.834 -5.596  -14.882 1.00 91.23  ? 77 ARG B CG  1 
ATOM 967 C CD  . ARG B 1 80 ? -11.884 -5.899  -13.834 1.00 94.69  ? 77 ARG B CD  1 
ATOM 968 N NE  . ARG B 1 80 ? -12.958 -4.914  -13.888 1.00 98.19  ? 77 ARG B NE  1 
ATOM 969 C CZ  . ARG B 1 80 ? -14.058 -4.945  -13.145 1.00 99.20  ? 77 ARG B CZ  1 
ATOM 970 N NH1 . ARG B 1 80 ? -14.248 -5.925  -12.275 1.00 100.40 ? 77 ARG B NH1 1 
ATOM 971 N NH2 . ARG B 1 80 ? -14.971 -3.989  -13.271 1.00 99.41  ? 77 ARG B NH2 1 
ATOM 972 O OXT . ARG B 1 80 ? -12.949 -3.899  -18.807 1.00 84.11  ? 77 ARG B OXT 1 
# 
